data_8VT4
#
_entry.id   8VT4
#
_cell.length_a   1.00
_cell.length_b   1.00
_cell.length_c   1.00
_cell.angle_alpha   90.00
_cell.angle_beta   90.00
_cell.angle_gamma   90.00
#
_symmetry.space_group_name_H-M   'P 1'
#
loop_
_entity.id
_entity.type
_entity.pdbx_description
1 polymer 'Multidrug resistance-associated protein 1'
2 non-polymer 'CHOLESTEROL HEMISUCCINATE'
#
_entity_poly.entity_id   1
_entity_poly.type   'polypeptide(L)'
_entity_poly.pdbx_seq_one_letter_code
;MALRGFCSADGSDPLWDWNVTWNTSNPDFTKCFQNTVLVWVPCFYLWACFPFYFLYLSRHDRGYIQMTPLNKTKTALGFL
LWIVCWADLFYSFWERSRGIFLAPVFLVSPTLLGITMLLATFLIQLERRKGVQSSGIMLTFWLVALVCALAILRSKIMTA
LKEDAQVDLFRDITFYVYFSLLLIQLVLSCFSDRSPLFSETIHDPNPCPESSASFLSRITFWWITGLIVRGYRQPLEGSD
LWSLNKEDTSEQVVPVLVKNWKKECAKTRKQPVKVVYSSKDPAQPKESSKVDANEEVEALIVKSPQKEWNPSLFKVLYKT
FGPYFLMSFFFKAIHDLMMFSGPQILKLLIKFVNDTKAPDWQGYFYTVLLFVTACLQTLVLHQYFHICFVSGMRIKTAVI
GAVYRKALVITNSARKSSTVGEIVNLMSVDAQRFMDLATYINMIWSAPLQVILALYLLWLNLGPSVLAGVAVMVLMVPVN
AVMAMKTKTYQVAHMKSKDNRIKLMNEILNGIKVLKLYAWELAFKDKVLAIRQEELKVLKKSAYLSAVGTFTWVCTPFLV
ALCTFAVYVTIDENNILDAQTAFVSLALFNILRFPLNILPMVISSIVQASVSLKRLRIFLSHEELEPDSIERRPVKDGGG
TNSITVRNATFTWARSDPPTLNGITFSIPEGALVAVVGQVGCGKSSLLSALLAEMDKVEGHVAIKGSVAYVPQQAWIQND
SLRENILFGCQLEEPYYRSVIQACALLPDLEILPSGDRTEIGEKGVNLSGGQKQRVSLARAVYSNADIYLFDDPLSAVDA
HVGKHIFENVIGPKGMLKNKTRILVTHSMSYLPQVDVIIVMSGGKISEMGSYQELLARDGAFAEFLRTYASTEQEQDAEE
NGVTGVSGPGKEAKQMENGMLVTDSAGKQLQRQLSSSSSYSGDISRHHNSTAELQKAEAKKEETWKLMEADKAQTGQVKL
SVYWDYMKAIGLFISFLSIFLFMCNHVSALASNYWLSLWTDDPIVNGTQEHTKVRLSVYGALGISQGIAVFGYSMAVSIG
GILASRCLHVDLLHSILRSPMSFFERTPSGNLVNRFSKELDTVDSMIPEVIKMFMGSLFNVIGACIVILLATPIAAIIIP
PLGLIYFFVQRFYVASSRQLKRLESVSRSPVYSHFNETLLGVSVIRAFEEQERFIHQSDLKVDENQKAYYPSIVANRWLA
VRLECVGNCIVLFAALFAVISRHSLSAGLVGLSVSYSLQVTTYLNWLVRMSSEMETNIVAVERLKEYSETEKEAPWQIQE
TAPPSSWPQVGRVEFRNYCLRYREDLDFVLRHINVTINGGEKVGIVGRTGAGKSSLTLGLFRINESAEGEIIIDGINIAK
IGLHDLRFKITIIPQDPVLFSGSLRMNLDPFSQYSDEEVWTSLELAHLKDFVSALPDKLDHECAEGGENLSVGQRQLVCL
ARALLRKTKILVLDEATAAVDLETDDLIQSTIRTQFEDCTVLTIAHRLNTIMDYTRVIVLDKGEIQEYGAPSDLLQQRGL
FYSMAKDAGLV
;
_entity_poly.pdbx_strand_id   A,B
#
loop_
_chem_comp.id
_chem_comp.type
_chem_comp.name
_chem_comp.formula
Y01 non-polymer 'CHOLESTEROL HEMISUCCINATE' 'C31 H50 O4'
#
# COMPACT_ATOMS: atom_id res chain seq x y z
N MET A 1 20.41 -53.75 -8.52
CA MET A 1 20.37 -54.58 -7.32
C MET A 1 21.52 -54.25 -6.37
N ALA A 2 22.31 -53.24 -6.75
CA ALA A 2 23.44 -52.84 -5.92
C ALA A 2 23.00 -52.12 -4.65
N LEU A 3 21.76 -51.62 -4.61
CA LEU A 3 21.29 -50.90 -3.43
C LEU A 3 21.22 -51.78 -2.20
N ARG A 4 20.90 -53.07 -2.38
CA ARG A 4 20.79 -53.97 -1.24
C ARG A 4 22.10 -54.09 -0.50
N GLY A 5 23.22 -54.21 -1.23
CA GLY A 5 24.52 -54.22 -0.59
C GLY A 5 25.07 -52.85 -0.28
N PHE A 6 24.53 -51.80 -0.91
CA PHE A 6 24.98 -50.44 -0.65
C PHE A 6 24.44 -49.92 0.68
N CYS A 7 23.21 -50.28 1.02
CA CYS A 7 22.59 -49.73 2.22
C CYS A 7 23.33 -50.14 3.48
N SER A 8 23.72 -51.42 3.58
CA SER A 8 24.41 -51.92 4.76
C SER A 8 25.18 -53.17 4.36
N ALA A 9 26.10 -53.57 5.25
CA ALA A 9 26.92 -54.74 4.98
C ALA A 9 26.09 -56.01 4.93
N ASP A 10 25.17 -56.19 5.89
CA ASP A 10 24.36 -57.39 5.97
C ASP A 10 23.00 -57.24 5.29
N GLY A 11 22.68 -56.06 4.77
CA GLY A 11 21.40 -55.86 4.11
C GLY A 11 20.20 -56.01 5.02
N SER A 12 20.28 -55.49 6.25
CA SER A 12 19.20 -55.57 7.21
C SER A 12 18.20 -54.42 7.08
N ASP A 13 18.46 -53.46 6.21
CA ASP A 13 17.57 -52.32 5.99
C ASP A 13 17.29 -52.23 4.49
N PRO A 14 16.40 -53.07 3.96
CA PRO A 14 16.15 -53.06 2.53
C PRO A 14 15.34 -51.86 2.08
N LEU A 15 14.95 -51.83 0.81
CA LEU A 15 14.13 -50.76 0.26
C LEU A 15 12.66 -50.99 0.61
N TRP A 16 11.78 -50.28 -0.10
CA TRP A 16 10.35 -50.27 0.13
C TRP A 16 9.80 -51.64 0.54
N ASP A 17 9.07 -51.67 1.65
CA ASP A 17 8.41 -52.90 2.10
C ASP A 17 7.12 -52.53 2.81
N TRP A 18 6.03 -53.17 2.42
CA TRP A 18 4.70 -52.81 2.92
C TRP A 18 4.49 -53.19 4.38
N ASN A 19 5.39 -53.96 4.98
CA ASN A 19 5.20 -54.43 6.34
C ASN A 19 5.49 -53.36 7.38
N VAL A 20 6.07 -52.22 6.99
CA VAL A 20 6.47 -51.20 7.94
C VAL A 20 5.95 -49.81 7.62
N THR A 21 5.50 -49.53 6.38
CA THR A 21 5.00 -48.20 6.06
C THR A 21 3.50 -48.15 5.83
N TRP A 22 2.86 -49.27 5.49
CA TRP A 22 1.47 -49.25 5.09
C TRP A 22 0.56 -50.09 5.97
N ASN A 23 1.00 -51.26 6.42
CA ASN A 23 0.14 -52.15 7.18
C ASN A 23 0.17 -51.89 8.68
N THR A 24 0.91 -50.89 9.13
CA THR A 24 1.04 -50.58 10.55
C THR A 24 0.10 -49.44 10.93
N SER A 25 0.05 -49.16 12.23
CA SER A 25 -0.76 -48.07 12.77
C SER A 25 0.03 -46.78 12.94
N ASN A 26 1.32 -46.78 12.61
CA ASN A 26 2.16 -45.59 12.71
C ASN A 26 3.16 -45.62 11.57
N PRO A 27 2.78 -45.09 10.41
CA PRO A 27 3.67 -45.18 9.24
C PRO A 27 4.95 -44.39 9.45
N ASP A 28 6.04 -44.93 8.92
CA ASP A 28 7.35 -44.29 9.02
C ASP A 28 8.28 -44.96 8.01
N PHE A 29 9.01 -44.14 7.25
CA PHE A 29 9.90 -44.68 6.24
C PHE A 29 11.10 -45.38 6.88
N THR A 30 11.78 -46.19 6.08
CA THR A 30 12.94 -46.93 6.57
C THR A 30 14.16 -46.00 6.57
N LYS A 31 15.35 -46.59 6.73
CA LYS A 31 16.57 -45.81 6.88
C LYS A 31 17.23 -45.49 5.53
N CYS A 32 17.47 -46.52 4.71
CA CYS A 32 18.17 -46.30 3.45
C CYS A 32 17.36 -45.41 2.52
N PHE A 33 16.05 -45.61 2.47
CA PHE A 33 15.19 -44.78 1.64
C PHE A 33 15.29 -43.32 2.05
N GLN A 34 15.20 -43.05 3.36
CA GLN A 34 15.31 -41.70 3.87
C GLN A 34 16.67 -41.10 3.54
N ASN A 35 17.74 -41.88 3.69
CA ASN A 35 19.07 -41.34 3.45
C ASN A 35 19.31 -41.02 1.99
N THR A 36 18.80 -41.85 1.08
CA THR A 36 19.13 -41.69 -0.33
C THR A 36 18.10 -40.87 -1.11
N VAL A 37 16.84 -41.35 -1.20
CA VAL A 37 15.96 -40.84 -2.24
C VAL A 37 15.44 -39.44 -1.89
N LEU A 38 15.00 -39.26 -0.65
CA LEU A 38 14.44 -37.97 -0.25
C LEU A 38 15.47 -36.87 -0.38
N VAL A 39 16.73 -37.16 -0.06
CA VAL A 39 17.80 -36.18 -0.22
C VAL A 39 18.11 -35.96 -1.70
N TRP A 40 18.14 -37.03 -2.49
CA TRP A 40 18.62 -36.93 -3.86
C TRP A 40 17.64 -36.20 -4.76
N VAL A 41 16.33 -36.29 -4.48
CA VAL A 41 15.34 -35.74 -5.41
C VAL A 41 15.52 -34.24 -5.66
N PRO A 42 15.67 -33.36 -4.64
CA PRO A 42 15.88 -31.94 -4.95
C PRO A 42 17.09 -31.65 -5.83
N CYS A 43 18.18 -32.38 -5.59
CA CYS A 43 19.39 -32.17 -6.38
C CYS A 43 19.15 -32.49 -7.84
N PHE A 44 18.46 -33.60 -8.11
CA PHE A 44 18.14 -33.94 -9.49
C PHE A 44 17.16 -32.93 -10.09
N TYR A 45 16.23 -32.41 -9.30
CA TYR A 45 15.30 -31.42 -9.83
C TYR A 45 16.03 -30.18 -10.29
N LEU A 46 16.92 -29.64 -9.45
CA LEU A 46 17.58 -28.39 -9.83
C LEU A 46 18.64 -28.61 -10.89
N TRP A 47 19.39 -29.71 -10.81
CA TRP A 47 20.49 -29.95 -11.75
C TRP A 47 20.02 -30.12 -13.19
N ALA A 48 18.73 -30.36 -13.42
CA ALA A 48 18.20 -30.56 -14.77
C ALA A 48 17.46 -29.34 -15.30
N CYS A 49 17.57 -28.20 -14.63
CA CYS A 49 16.93 -26.97 -15.08
C CYS A 49 17.88 -25.78 -15.17
N PHE A 50 19.17 -26.00 -14.95
CA PHE A 50 20.15 -24.91 -14.94
C PHE A 50 20.60 -24.52 -16.34
N PRO A 51 20.99 -25.46 -17.23
CA PRO A 51 21.39 -25.03 -18.58
C PRO A 51 20.29 -24.34 -19.36
N PHE A 52 19.05 -24.81 -19.24
CA PHE A 52 17.94 -24.19 -19.96
C PHE A 52 17.71 -22.76 -19.49
N TYR A 53 17.66 -22.57 -18.17
CA TYR A 53 17.47 -21.23 -17.62
C TYR A 53 18.62 -20.31 -17.99
N PHE A 54 19.85 -20.82 -17.94
CA PHE A 54 21.01 -20.01 -18.30
C PHE A 54 20.94 -19.58 -19.77
N LEU A 55 20.59 -20.51 -20.66
CA LEU A 55 20.49 -20.18 -22.07
C LEU A 55 19.37 -19.16 -22.32
N TYR A 56 18.23 -19.32 -21.66
CA TYR A 56 17.13 -18.38 -21.84
C TYR A 56 17.50 -16.99 -21.30
N LEU A 57 18.20 -16.94 -20.18
CA LEU A 57 18.54 -15.67 -19.55
C LEU A 57 19.75 -15.00 -20.20
N SER A 58 20.50 -15.72 -21.03
CA SER A 58 21.63 -15.10 -21.72
C SER A 58 21.22 -14.23 -22.90
N ARG A 59 19.94 -13.85 -23.01
CA ARG A 59 19.49 -13.03 -24.12
C ARG A 59 18.51 -11.94 -23.71
N HIS A 60 18.34 -11.66 -22.43
CA HIS A 60 17.28 -10.75 -21.97
C HIS A 60 17.82 -9.77 -20.93
N ASP A 61 18.95 -9.13 -21.25
CA ASP A 61 19.48 -8.07 -20.39
C ASP A 61 18.47 -6.94 -20.27
N ARG A 62 18.16 -6.54 -19.03
CA ARG A 62 17.15 -5.53 -18.80
C ARG A 62 17.50 -4.49 -17.74
N GLY A 63 18.50 -4.70 -16.89
CA GLY A 63 18.73 -3.76 -15.80
C GLY A 63 19.97 -4.14 -15.02
N TYR A 64 20.27 -3.31 -14.02
CA TYR A 64 21.47 -3.45 -13.20
C TYR A 64 21.17 -3.17 -11.73
N ILE A 65 20.15 -3.83 -11.17
CA ILE A 65 19.80 -3.63 -9.76
C ILE A 65 21.03 -3.85 -8.90
N GLN A 66 21.47 -2.81 -8.21
CA GLN A 66 22.86 -2.73 -7.75
C GLN A 66 23.14 -3.44 -6.43
N MET A 67 22.63 -2.90 -5.32
CA MET A 67 23.09 -3.29 -3.99
C MET A 67 21.96 -3.36 -2.98
N THR A 68 20.85 -3.98 -3.35
CA THR A 68 19.78 -4.17 -2.38
C THR A 68 20.27 -5.09 -1.26
N PRO A 69 19.92 -4.79 0.00
CA PRO A 69 20.41 -5.62 1.12
C PRO A 69 19.92 -7.07 1.06
N LEU A 70 18.81 -7.34 0.36
CA LEU A 70 18.35 -8.71 0.21
C LEU A 70 19.39 -9.56 -0.51
N ASN A 71 20.01 -9.02 -1.55
CA ASN A 71 21.09 -9.72 -2.23
C ASN A 71 22.33 -9.84 -1.35
N LYS A 72 22.49 -8.94 -0.37
CA LYS A 72 23.60 -9.07 0.56
C LYS A 72 23.38 -10.17 1.58
N THR A 73 22.13 -10.41 1.99
CA THR A 73 21.88 -11.43 2.99
C THR A 73 21.64 -12.82 2.40
N LYS A 74 21.06 -12.92 1.21
CA LYS A 74 20.80 -14.23 0.63
C LYS A 74 22.09 -14.96 0.29
N THR A 75 23.09 -14.24 -0.23
CA THR A 75 24.38 -14.87 -0.51
C THR A 75 25.02 -15.39 0.77
N ALA A 76 24.96 -14.61 1.85
CA ALA A 76 25.52 -15.06 3.12
C ALA A 76 24.79 -16.30 3.64
N LEU A 77 23.47 -16.32 3.51
CA LEU A 77 22.70 -17.49 3.96
C LEU A 77 23.08 -18.73 3.16
N GLY A 78 23.23 -18.59 1.84
CA GLY A 78 23.65 -19.75 1.05
C GLY A 78 25.03 -20.24 1.41
N PHE A 79 25.98 -19.31 1.57
CA PHE A 79 27.33 -19.71 1.95
C PHE A 79 27.35 -20.36 3.34
N LEU A 80 26.45 -19.95 4.23
CA LEU A 80 26.37 -20.61 5.54
C LEU A 80 25.75 -21.99 5.42
N LEU A 81 24.75 -22.14 4.54
CA LEU A 81 24.14 -23.45 4.35
C LEU A 81 25.14 -24.45 3.77
N TRP A 82 26.10 -23.98 2.98
CA TRP A 82 27.10 -24.89 2.41
C TRP A 82 27.98 -25.51 3.48
N ILE A 83 28.38 -24.73 4.49
CA ILE A 83 29.45 -25.15 5.38
C ILE A 83 29.00 -26.27 6.32
N VAL A 84 27.73 -26.29 6.73
CA VAL A 84 27.27 -27.35 7.63
C VAL A 84 27.26 -28.69 6.91
N CYS A 85 26.78 -28.70 5.66
CA CYS A 85 26.80 -29.92 4.88
C CYS A 85 28.22 -30.40 4.62
N TRP A 86 29.17 -29.47 4.44
CA TRP A 86 30.56 -29.90 4.33
C TRP A 86 31.09 -30.46 5.65
N ALA A 87 30.71 -29.85 6.78
CA ALA A 87 31.19 -30.31 8.07
C ALA A 87 30.67 -31.71 8.41
N ASP A 88 29.46 -32.03 7.97
CA ASP A 88 28.96 -33.39 8.16
C ASP A 88 29.89 -34.41 7.52
N LEU A 89 30.28 -34.16 6.28
CA LEU A 89 31.21 -35.06 5.59
C LEU A 89 32.56 -35.08 6.28
N PHE A 90 33.03 -33.94 6.77
CA PHE A 90 34.31 -33.92 7.47
C PHE A 90 34.28 -34.80 8.72
N TYR A 91 33.21 -34.71 9.50
CA TYR A 91 33.11 -35.56 10.70
C TYR A 91 32.97 -37.02 10.32
N SER A 92 32.24 -37.32 9.25
CA SER A 92 32.14 -38.71 8.79
C SER A 92 33.52 -39.24 8.41
N PHE A 93 34.33 -38.41 7.76
CA PHE A 93 35.69 -38.80 7.42
C PHE A 93 36.51 -39.08 8.68
N TRP A 94 36.38 -38.21 9.69
CA TRP A 94 37.09 -38.46 10.95
C TRP A 94 36.69 -39.82 11.53
N GLU A 95 35.37 -40.07 11.61
CA GLU A 95 34.88 -41.30 12.22
C GLU A 95 35.36 -42.53 11.46
N ARG A 96 35.34 -42.47 10.13
CA ARG A 96 35.86 -43.59 9.33
C ARG A 96 37.36 -43.74 9.51
N SER A 97 38.08 -42.64 9.72
CA SER A 97 39.53 -42.73 9.85
C SER A 97 39.95 -43.34 11.18
N ARG A 98 39.23 -43.04 12.26
CA ARG A 98 39.74 -43.41 13.57
C ARG A 98 39.51 -44.88 13.88
N GLY A 99 38.26 -45.30 14.04
CA GLY A 99 38.00 -46.68 14.40
C GLY A 99 36.71 -47.31 13.93
N ILE A 100 35.94 -46.61 13.09
CA ILE A 100 34.55 -46.97 12.83
C ILE A 100 34.37 -47.24 11.34
N PHE A 101 33.73 -48.36 11.03
CA PHE A 101 33.24 -48.64 9.68
C PHE A 101 31.83 -48.10 9.57
N LEU A 102 31.59 -47.24 8.57
CA LEU A 102 30.33 -46.52 8.46
C LEU A 102 29.66 -46.63 7.10
N ALA A 103 30.19 -47.45 6.18
CA ALA A 103 29.66 -47.67 4.84
C ALA A 103 29.80 -46.41 3.98
N PRO A 104 29.87 -46.55 2.66
CA PRO A 104 30.11 -45.36 1.81
C PRO A 104 28.91 -44.43 1.69
N VAL A 105 27.73 -44.81 2.17
CA VAL A 105 26.55 -43.96 2.01
C VAL A 105 26.76 -42.61 2.68
N PHE A 106 27.37 -42.62 3.87
CA PHE A 106 27.62 -41.37 4.58
C PHE A 106 28.71 -40.53 3.93
N LEU A 107 29.42 -41.06 2.94
CA LEU A 107 30.52 -40.35 2.31
C LEU A 107 30.16 -39.81 0.93
N VAL A 108 28.88 -39.81 0.56
CA VAL A 108 28.44 -39.39 -0.76
C VAL A 108 27.42 -38.25 -0.69
N SER A 109 26.41 -38.38 0.16
CA SER A 109 25.30 -37.44 0.16
C SER A 109 25.71 -36.00 0.50
N PRO A 110 26.47 -35.73 1.57
CA PRO A 110 26.82 -34.33 1.85
C PRO A 110 27.59 -33.64 0.74
N THR A 111 28.53 -34.35 0.10
CA THR A 111 29.29 -33.72 -0.97
C THR A 111 28.46 -33.54 -2.22
N LEU A 112 27.28 -34.14 -2.29
CA LEU A 112 26.35 -33.88 -3.37
C LEU A 112 25.36 -32.77 -3.03
N LEU A 113 25.08 -32.55 -1.74
CA LEU A 113 24.24 -31.41 -1.37
C LEU A 113 25.03 -30.10 -1.43
N GLY A 114 26.31 -30.13 -1.08
CA GLY A 114 27.10 -28.91 -1.09
C GLY A 114 27.19 -28.29 -2.48
N ILE A 115 27.35 -29.12 -3.51
CA ILE A 115 27.47 -28.60 -4.87
C ILE A 115 26.19 -27.91 -5.30
N THR A 116 25.04 -28.52 -4.99
CA THR A 116 23.76 -27.88 -5.33
C THR A 116 23.61 -26.55 -4.60
N MET A 117 24.00 -26.50 -3.32
CA MET A 117 23.89 -25.24 -2.60
C MET A 117 24.77 -24.16 -3.21
N LEU A 118 26.00 -24.51 -3.59
CA LEU A 118 26.88 -23.53 -4.22
C LEU A 118 26.31 -23.05 -5.55
N LEU A 119 25.75 -23.96 -6.35
CA LEU A 119 25.16 -23.56 -7.62
C LEU A 119 23.99 -22.62 -7.41
N ALA A 120 23.14 -22.90 -6.42
CA ALA A 120 22.02 -21.99 -6.14
C ALA A 120 22.53 -20.61 -5.73
N THR A 121 23.57 -20.55 -4.89
CA THR A 121 24.13 -19.26 -4.51
C THR A 121 24.64 -18.50 -5.72
N PHE A 122 25.35 -19.16 -6.62
CA PHE A 122 25.84 -18.48 -7.82
C PHE A 122 24.69 -18.02 -8.71
N LEU A 123 23.65 -18.84 -8.83
CA LEU A 123 22.52 -18.48 -9.68
C LEU A 123 21.79 -17.25 -9.16
N ILE A 124 21.80 -17.04 -7.84
CA ILE A 124 21.18 -15.82 -7.31
C ILE A 124 21.89 -14.58 -7.85
N GLN A 125 23.23 -14.59 -7.83
CA GLN A 125 24.00 -13.45 -8.34
C GLN A 125 23.80 -13.28 -9.84
N LEU A 126 23.80 -14.38 -10.58
CA LEU A 126 23.59 -14.27 -12.03
C LEU A 126 22.21 -13.70 -12.33
N GLU A 127 21.20 -14.11 -11.57
CA GLU A 127 19.86 -13.57 -11.75
C GLU A 127 19.82 -12.08 -11.43
N ARG A 128 20.55 -11.65 -10.41
CA ARG A 128 20.59 -10.24 -10.08
C ARG A 128 21.26 -9.43 -11.18
N ARG A 129 22.31 -9.97 -11.79
CA ARG A 129 23.06 -9.20 -12.79
C ARG A 129 22.19 -8.81 -13.99
N LYS A 130 21.35 -9.73 -14.45
CA LYS A 130 20.51 -9.46 -15.62
C LYS A 130 19.23 -8.71 -15.26
N GLY A 131 19.00 -8.42 -13.98
CA GLY A 131 17.91 -7.55 -13.60
C GLY A 131 16.51 -8.09 -13.77
N VAL A 132 16.15 -9.10 -12.97
CA VAL A 132 14.78 -9.59 -12.90
C VAL A 132 14.39 -9.64 -11.43
N GLN A 133 13.22 -9.08 -11.11
CA GLN A 133 12.83 -8.92 -9.72
C GLN A 133 12.30 -10.21 -9.12
N SER A 134 11.30 -10.83 -9.76
CA SER A 134 10.65 -12.02 -9.23
C SER A 134 11.14 -13.25 -9.99
N SER A 135 11.47 -14.30 -9.24
CA SER A 135 11.99 -15.54 -9.81
C SER A 135 10.96 -16.64 -9.66
N GLY A 136 10.81 -17.45 -10.71
CA GLY A 136 9.89 -18.57 -10.71
C GLY A 136 10.54 -19.93 -10.50
N ILE A 137 11.83 -19.98 -10.17
CA ILE A 137 12.54 -21.23 -9.98
C ILE A 137 13.01 -21.39 -8.54
N MET A 138 13.47 -20.30 -7.90
CA MET A 138 13.93 -20.39 -6.53
C MET A 138 12.80 -20.81 -5.58
N LEU A 139 11.61 -20.25 -5.77
CA LEU A 139 10.49 -20.56 -4.89
C LEU A 139 10.15 -22.06 -4.94
N THR A 140 10.05 -22.61 -6.14
CA THR A 140 9.70 -24.02 -6.28
C THR A 140 10.76 -24.92 -5.68
N PHE A 141 12.04 -24.60 -5.92
CA PHE A 141 13.12 -25.43 -5.39
C PHE A 141 13.11 -25.42 -3.87
N TRP A 142 12.95 -24.23 -3.26
CA TRP A 142 12.93 -24.16 -1.80
C TRP A 142 11.73 -24.92 -1.24
N LEU A 143 10.57 -24.80 -1.88
CA LEU A 143 9.39 -25.50 -1.41
C LEU A 143 9.60 -27.02 -1.46
N VAL A 144 10.16 -27.52 -2.56
CA VAL A 144 10.39 -28.96 -2.68
C VAL A 144 11.38 -29.44 -1.62
N ALA A 145 12.46 -28.68 -1.41
CA ALA A 145 13.44 -29.09 -0.41
C ALA A 145 12.83 -29.13 0.98
N LEU A 146 12.01 -28.13 1.32
CA LEU A 146 11.37 -28.12 2.63
C LEU A 146 10.41 -29.28 2.80
N VAL A 147 9.61 -29.59 1.77
CA VAL A 147 8.67 -30.69 1.87
C VAL A 147 9.41 -32.01 2.06
N CYS A 148 10.51 -32.20 1.34
CA CYS A 148 11.29 -33.42 1.53
C CYS A 148 11.90 -33.50 2.93
N ALA A 149 12.41 -32.39 3.46
CA ALA A 149 13.03 -32.41 4.78
C ALA A 149 12.02 -32.56 5.92
N LEU A 150 10.75 -32.24 5.68
CA LEU A 150 9.74 -32.35 6.73
C LEU A 150 9.61 -33.79 7.23
N ALA A 151 9.63 -34.77 6.32
CA ALA A 151 9.49 -36.16 6.73
C ALA A 151 10.66 -36.61 7.60
N ILE A 152 11.88 -36.24 7.22
CA ILE A 152 13.04 -36.60 8.02
C ILE A 152 12.96 -35.97 9.40
N LEU A 153 12.54 -34.70 9.46
CA LEU A 153 12.40 -34.07 10.77
C LEU A 153 11.38 -34.80 11.63
N ARG A 154 10.24 -35.18 11.03
CA ARG A 154 9.21 -35.88 11.80
C ARG A 154 9.73 -37.21 12.33
N SER A 155 10.45 -37.96 11.49
CA SER A 155 10.98 -39.24 11.94
C SER A 155 12.00 -39.06 13.06
N LYS A 156 12.88 -38.07 12.94
CA LYS A 156 13.90 -37.87 13.97
C LYS A 156 13.32 -37.31 15.26
N ILE A 157 12.19 -36.61 15.19
CA ILE A 157 11.55 -36.16 16.43
C ILE A 157 10.76 -37.29 17.06
N MET A 158 10.23 -38.22 16.27
CA MET A 158 9.47 -39.32 16.82
C MET A 158 10.37 -40.38 17.45
N THR A 159 11.51 -40.66 16.84
CA THR A 159 12.36 -41.74 17.30
C THR A 159 13.31 -41.34 18.44
N ALA A 160 13.25 -40.10 18.90
CA ALA A 160 14.18 -39.60 19.91
C ALA A 160 13.56 -39.45 21.28
N LEU A 161 12.38 -38.81 21.36
CA LEU A 161 11.81 -38.50 22.68
C LEU A 161 11.35 -39.76 23.40
N LYS A 162 10.83 -40.75 22.69
CA LYS A 162 10.30 -41.96 23.30
C LYS A 162 11.14 -43.16 22.88
N GLU A 163 10.86 -44.30 23.50
CA GLU A 163 11.49 -45.61 23.37
C GLU A 163 12.83 -45.68 24.09
N ASP A 164 13.34 -44.57 24.64
CA ASP A 164 14.59 -44.55 25.40
C ASP A 164 15.75 -45.16 24.61
N ALA A 165 16.04 -44.54 23.47
CA ALA A 165 17.08 -45.00 22.57
C ALA A 165 18.32 -44.12 22.70
N GLN A 166 19.33 -44.43 21.90
CA GLN A 166 20.59 -43.69 21.88
C GLN A 166 20.74 -43.02 20.52
N VAL A 167 20.92 -41.70 20.51
CA VAL A 167 21.09 -40.92 19.30
C VAL A 167 22.38 -40.13 19.42
N ASP A 168 23.20 -40.16 18.38
CA ASP A 168 24.44 -39.39 18.38
C ASP A 168 24.12 -37.90 18.38
N LEU A 169 24.83 -37.14 19.21
CA LEU A 169 24.58 -35.70 19.34
C LEU A 169 25.51 -34.91 18.41
N PHE A 170 25.57 -35.35 17.16
CA PHE A 170 26.26 -34.59 16.13
C PHE A 170 25.50 -34.51 14.80
N ARG A 171 24.45 -35.29 14.59
CA ARG A 171 23.66 -35.19 13.39
C ARG A 171 22.31 -34.52 13.62
N ASP A 172 21.85 -34.44 14.87
CA ASP A 172 20.61 -33.72 15.15
C ASP A 172 20.78 -32.21 15.00
N ILE A 173 21.86 -31.67 15.57
CA ILE A 173 22.07 -30.22 15.54
C ILE A 173 22.25 -29.75 14.10
N THR A 174 23.03 -30.49 13.31
CA THR A 174 23.25 -30.10 11.92
C THR A 174 21.95 -30.07 11.15
N PHE A 175 21.11 -31.10 11.30
CA PHE A 175 19.87 -31.14 10.55
C PHE A 175 18.90 -30.06 11.03
N TYR A 176 18.85 -29.79 12.33
CA TYR A 176 17.96 -28.73 12.82
C TYR A 176 18.38 -27.37 12.25
N VAL A 177 19.69 -27.09 12.25
CA VAL A 177 20.16 -25.83 11.69
C VAL A 177 19.82 -25.75 10.20
N TYR A 178 20.02 -26.85 9.48
CA TYR A 178 19.73 -26.86 8.05
C TYR A 178 18.25 -26.58 7.79
N PHE A 179 17.36 -27.22 8.56
CA PHE A 179 15.93 -27.00 8.37
C PHE A 179 15.54 -25.56 8.67
N SER A 180 16.08 -24.99 9.76
CA SER A 180 15.74 -23.63 10.09
C SER A 180 16.20 -22.66 9.01
N LEU A 181 17.40 -22.86 8.48
CA LEU A 181 17.89 -21.99 7.41
C LEU A 181 17.04 -22.13 6.15
N LEU A 182 16.60 -23.35 5.83
CA LEU A 182 15.73 -23.54 4.69
C LEU A 182 14.43 -22.78 4.86
N LEU A 183 13.83 -22.84 6.04
CA LEU A 183 12.59 -22.11 6.28
C LEU A 183 12.79 -20.61 6.17
N ILE A 184 13.88 -20.09 6.75
CA ILE A 184 14.15 -18.65 6.67
C ILE A 184 14.29 -18.21 5.23
N GLN A 185 15.04 -18.98 4.43
CA GLN A 185 15.24 -18.60 3.04
C GLN A 185 13.96 -18.69 2.23
N LEU A 186 13.12 -19.69 2.50
CA LEU A 186 11.83 -19.77 1.81
C LEU A 186 10.99 -18.53 2.11
N VAL A 187 10.97 -18.10 3.37
CA VAL A 187 10.20 -16.89 3.70
C VAL A 187 10.81 -15.67 3.03
N LEU A 188 12.14 -15.55 3.04
CA LEU A 188 12.81 -14.34 2.59
C LEU A 188 12.81 -14.20 1.07
N SER A 189 12.73 -15.30 0.32
CA SER A 189 12.89 -15.26 -1.13
C SER A 189 11.58 -15.01 -1.86
N CYS A 190 10.63 -14.31 -1.24
CA CYS A 190 9.36 -14.06 -1.91
C CYS A 190 8.83 -12.64 -1.67
N PHE A 191 9.68 -11.66 -1.38
CA PHE A 191 9.18 -10.31 -1.11
C PHE A 191 9.17 -9.45 -2.37
N SER A 192 10.36 -9.07 -2.86
CA SER A 192 10.50 -8.17 -4.00
C SER A 192 11.97 -7.82 -4.26
N ASP A 193 12.22 -7.08 -5.32
CA ASP A 193 13.45 -6.31 -5.46
C ASP A 193 13.08 -4.85 -5.69
N ARG A 194 14.09 -3.96 -5.70
CA ARG A 194 13.78 -2.54 -5.66
C ARG A 194 13.35 -2.01 -7.03
N SER A 195 14.28 -1.98 -8.00
CA SER A 195 14.01 -1.48 -9.34
C SER A 195 15.24 -1.60 -10.23
N PRO A 196 15.08 -1.71 -11.54
CA PRO A 196 16.23 -1.54 -12.44
C PRO A 196 16.65 -0.08 -12.50
N LEU A 197 17.91 0.13 -12.87
CA LEU A 197 18.45 1.49 -12.90
C LEU A 197 17.72 2.36 -13.92
N PHE A 198 17.45 1.83 -15.11
CA PHE A 198 16.72 2.56 -16.14
C PHE A 198 15.68 1.65 -16.76
N SER A 199 14.52 2.22 -17.09
CA SER A 199 13.41 1.47 -17.65
C SER A 199 12.81 2.25 -18.80
N GLU A 200 11.88 1.59 -19.52
CA GLU A 200 11.22 2.23 -20.65
C GLU A 200 10.38 3.43 -20.21
N THR A 201 9.73 3.32 -19.06
CA THR A 201 8.86 4.39 -18.58
C THR A 201 9.67 5.60 -18.13
N ILE A 202 9.89 6.55 -19.04
CA ILE A 202 10.64 7.76 -18.72
C ILE A 202 9.73 8.97 -18.86
N HIS A 203 8.72 8.86 -19.73
CA HIS A 203 7.78 9.95 -19.97
C HIS A 203 6.34 9.57 -19.66
N ASP A 204 5.88 8.42 -20.11
CA ASP A 204 4.50 8.00 -19.85
C ASP A 204 4.35 7.64 -18.38
N PRO A 205 3.40 8.24 -17.66
CA PRO A 205 3.25 7.97 -16.23
C PRO A 205 2.25 6.89 -15.87
N ASN A 206 1.70 6.16 -16.85
CA ASN A 206 0.68 5.14 -16.61
C ASN A 206 1.07 3.84 -17.32
N PRO A 207 2.00 3.09 -16.74
CA PRO A 207 2.35 1.78 -17.30
C PRO A 207 1.53 0.66 -16.69
N CYS A 208 1.38 -0.41 -17.47
CA CYS A 208 0.66 -1.57 -16.96
C CYS A 208 1.47 -2.23 -15.85
N PRO A 209 0.83 -2.61 -14.74
CA PRO A 209 1.57 -3.16 -13.60
C PRO A 209 2.06 -4.58 -13.80
N GLU A 210 1.80 -5.20 -14.95
CA GLU A 210 2.22 -6.59 -15.16
C GLU A 210 3.74 -6.73 -15.15
N SER A 211 4.46 -5.70 -15.59
CA SER A 211 5.91 -5.76 -15.61
C SER A 211 6.51 -5.71 -14.21
N SER A 212 5.73 -5.35 -13.19
CA SER A 212 6.21 -5.25 -11.81
C SER A 212 5.20 -5.97 -10.92
N ALA A 213 5.40 -7.27 -10.72
CA ALA A 213 4.53 -8.06 -9.85
C ALA A 213 5.28 -9.31 -9.43
N SER A 214 4.83 -9.89 -8.33
CA SER A 214 5.42 -11.11 -7.82
C SER A 214 4.92 -12.32 -8.61
N PHE A 215 5.56 -13.46 -8.38
CA PHE A 215 5.16 -14.68 -9.08
C PHE A 215 3.73 -15.09 -8.73
N LEU A 216 3.40 -15.03 -7.45
CA LEU A 216 2.05 -15.43 -7.03
C LEU A 216 1.00 -14.50 -7.59
N SER A 217 1.28 -13.20 -7.62
CA SER A 217 0.32 -12.25 -8.17
C SER A 217 0.08 -12.49 -9.65
N ARG A 218 1.15 -12.76 -10.41
CA ARG A 218 0.99 -13.05 -11.82
C ARG A 218 0.23 -14.36 -12.04
N ILE A 219 0.48 -15.37 -11.19
CA ILE A 219 -0.21 -16.64 -11.34
C ILE A 219 -1.70 -16.48 -11.05
N THR A 220 -2.06 -15.73 -10.01
CA THR A 220 -3.44 -15.59 -9.60
C THR A 220 -4.16 -14.39 -10.23
N PHE A 221 -3.47 -13.63 -11.09
CA PHE A 221 -4.06 -12.46 -11.75
C PHE A 221 -4.59 -11.45 -10.74
N TRP A 222 -3.75 -11.09 -9.77
CA TRP A 222 -4.12 -10.15 -8.72
C TRP A 222 -3.53 -8.77 -8.93
N TRP A 223 -3.42 -8.32 -10.18
CA TRP A 223 -3.08 -6.94 -10.47
C TRP A 223 -4.16 -6.21 -11.26
N ILE A 224 -5.21 -6.92 -11.69
CA ILE A 224 -6.35 -6.28 -12.34
C ILE A 224 -7.44 -5.88 -11.35
N THR A 225 -7.34 -6.32 -10.09
CA THR A 225 -8.32 -5.92 -9.09
C THR A 225 -8.23 -4.44 -8.74
N GLY A 226 -7.18 -3.75 -9.17
CA GLY A 226 -7.05 -2.33 -8.86
C GLY A 226 -8.12 -1.48 -9.53
N LEU A 227 -8.40 -1.74 -10.80
CA LEU A 227 -9.36 -0.92 -11.52
C LEU A 227 -10.77 -1.49 -11.51
N ILE A 228 -10.93 -2.80 -11.31
CA ILE A 228 -12.27 -3.38 -11.26
C ILE A 228 -13.05 -2.79 -10.08
N VAL A 229 -12.42 -2.70 -8.92
CA VAL A 229 -13.08 -2.10 -7.76
C VAL A 229 -13.32 -0.62 -7.97
N ARG A 230 -12.35 0.08 -8.56
CA ARG A 230 -12.47 1.51 -8.77
C ARG A 230 -13.60 1.85 -9.74
N GLY A 231 -13.87 0.98 -10.71
CA GLY A 231 -14.92 1.25 -11.67
C GLY A 231 -16.32 1.07 -11.15
N TYR A 232 -16.48 0.53 -9.94
CA TYR A 232 -17.82 0.32 -9.40
C TYR A 232 -18.50 1.64 -9.04
N ARG A 233 -17.78 2.52 -8.36
CA ARG A 233 -18.36 3.79 -7.91
C ARG A 233 -18.16 4.89 -8.95
N GLN A 234 -16.92 5.22 -9.25
CA GLN A 234 -16.63 6.22 -10.27
C GLN A 234 -16.83 5.62 -11.65
N PRO A 235 -17.58 6.27 -12.53
CA PRO A 235 -17.76 5.73 -13.89
C PRO A 235 -16.42 5.60 -14.61
N LEU A 236 -16.30 4.55 -15.42
CA LEU A 236 -15.07 4.20 -16.11
C LEU A 236 -15.13 4.72 -17.54
N GLU A 237 -14.19 5.59 -17.90
CA GLU A 237 -14.16 6.17 -19.23
C GLU A 237 -12.88 6.98 -19.38
N GLY A 238 -12.37 7.03 -20.62
CA GLY A 238 -11.31 7.96 -20.97
C GLY A 238 -9.90 7.49 -20.67
N SER A 239 -9.19 8.26 -19.85
CA SER A 239 -7.78 8.02 -19.57
C SER A 239 -7.55 7.09 -18.39
N ASP A 240 -8.63 6.55 -17.81
CA ASP A 240 -8.47 5.61 -16.70
C ASP A 240 -7.77 4.33 -17.13
N LEU A 241 -7.74 4.04 -18.43
CA LEU A 241 -7.06 2.86 -18.94
C LEU A 241 -5.55 3.08 -18.97
N TRP A 242 -4.82 1.98 -18.99
CA TRP A 242 -3.36 2.02 -18.98
C TRP A 242 -2.84 2.13 -20.41
N SER A 243 -1.54 1.96 -20.59
CA SER A 243 -0.90 2.07 -21.89
C SER A 243 -0.12 0.80 -22.21
N LEU A 244 0.21 0.64 -23.49
CA LEU A 244 0.92 -0.54 -23.92
C LEU A 244 2.36 -0.51 -23.43
N ASN A 245 3.04 -1.66 -23.55
CA ASN A 245 4.40 -1.83 -23.06
C ASN A 245 5.42 -1.85 -24.19
N LYS A 246 5.15 -1.10 -25.26
CA LYS A 246 6.11 -0.89 -26.36
C LYS A 246 6.53 -2.20 -27.02
N GLU A 247 5.64 -3.18 -27.05
CA GLU A 247 5.94 -4.44 -27.72
C GLU A 247 4.81 -4.86 -28.65
N ASP A 248 3.59 -4.44 -28.34
CA ASP A 248 2.44 -4.73 -29.18
C ASP A 248 2.11 -3.61 -30.15
N THR A 249 2.85 -2.51 -30.11
CA THR A 249 2.59 -1.38 -30.99
C THR A 249 2.83 -1.76 -32.44
N SER A 250 2.05 -1.16 -33.34
CA SER A 250 2.10 -1.52 -34.74
C SER A 250 3.38 -1.05 -35.43
N GLU A 251 4.18 -0.22 -34.79
CA GLU A 251 5.43 0.25 -35.37
C GLU A 251 6.60 -0.68 -35.13
N GLN A 252 6.38 -1.80 -34.42
CA GLN A 252 7.46 -2.71 -34.08
C GLN A 252 7.16 -4.16 -34.47
N VAL A 253 6.09 -4.40 -35.23
CA VAL A 253 5.69 -5.74 -35.64
C VAL A 253 5.59 -5.85 -37.15
N VAL A 254 4.95 -4.89 -37.80
CA VAL A 254 4.72 -4.98 -39.26
C VAL A 254 6.02 -5.04 -40.05
N PRO A 255 7.06 -4.24 -39.77
CA PRO A 255 8.27 -4.33 -40.59
C PRO A 255 8.89 -5.72 -40.61
N VAL A 256 8.86 -6.44 -39.49
CA VAL A 256 9.43 -7.79 -39.45
C VAL A 256 8.70 -8.71 -40.41
N LEU A 257 7.36 -8.69 -40.35
CA LEU A 257 6.58 -9.55 -41.23
C LEU A 257 6.79 -9.18 -42.69
N VAL A 258 6.82 -7.87 -43.00
CA VAL A 258 6.97 -7.47 -44.39
C VAL A 258 8.34 -7.86 -44.92
N LYS A 259 9.38 -7.75 -44.08
CA LYS A 259 10.72 -8.14 -44.52
C LYS A 259 10.80 -9.64 -44.76
N ASN A 260 10.25 -10.44 -43.84
CA ASN A 260 10.29 -11.89 -44.04
C ASN A 260 9.50 -12.31 -45.28
N TRP A 261 8.33 -11.69 -45.50
CA TRP A 261 7.54 -12.02 -46.68
C TRP A 261 8.27 -11.63 -47.96
N LYS A 262 8.91 -10.46 -47.97
CA LYS A 262 9.66 -10.05 -49.15
C LYS A 262 10.82 -11.00 -49.43
N LYS A 263 11.52 -11.44 -48.38
CA LYS A 263 12.61 -12.39 -48.57
C LYS A 263 12.08 -13.72 -49.11
N GLU A 264 10.96 -14.21 -48.58
CA GLU A 264 10.40 -15.45 -49.07
C GLU A 264 9.97 -15.32 -50.53
N CYS A 265 9.38 -14.18 -50.90
CA CYS A 265 8.99 -13.97 -52.29
C CYS A 265 10.21 -13.93 -53.20
N ALA A 266 11.28 -13.26 -52.74
CA ALA A 266 12.51 -13.19 -53.54
C ALA A 266 13.17 -14.56 -53.67
N LYS A 267 12.95 -15.45 -52.70
CA LYS A 267 13.52 -16.80 -52.78
C LYS A 267 12.98 -17.54 -53.99
N THR A 268 11.68 -17.44 -54.24
CA THR A 268 11.06 -18.09 -55.39
C THR A 268 11.42 -17.36 -56.68
N ASN A 310 -2.23 -22.45 -48.46
CA ASN A 310 -1.10 -21.99 -49.27
C ASN A 310 0.21 -22.11 -48.49
N PRO A 311 1.17 -22.83 -49.06
CA PRO A 311 2.43 -23.07 -48.34
C PRO A 311 3.20 -21.79 -48.01
N SER A 312 3.13 -20.77 -48.87
CA SER A 312 3.98 -19.59 -48.69
C SER A 312 3.61 -18.82 -47.43
N LEU A 313 2.38 -18.32 -47.36
CA LEU A 313 1.98 -17.49 -46.23
C LEU A 313 1.98 -18.30 -44.93
N PHE A 314 1.51 -19.55 -44.98
CA PHE A 314 1.52 -20.38 -43.78
C PHE A 314 2.92 -20.62 -43.28
N LYS A 315 3.87 -20.91 -44.20
CA LYS A 315 5.24 -21.11 -43.79
C LYS A 315 5.86 -19.85 -43.20
N VAL A 316 5.56 -18.69 -43.80
CA VAL A 316 6.11 -17.44 -43.28
C VAL A 316 5.57 -17.18 -41.87
N LEU A 317 4.27 -17.37 -41.68
CA LEU A 317 3.70 -17.17 -40.35
C LEU A 317 4.28 -18.14 -39.33
N TYR A 318 4.46 -19.40 -39.73
CA TYR A 318 5.02 -20.40 -38.83
C TYR A 318 6.45 -20.06 -38.44
N LYS A 319 7.25 -19.57 -39.40
CA LYS A 319 8.62 -19.20 -39.08
C LYS A 319 8.67 -17.93 -38.24
N THR A 320 7.69 -17.05 -38.37
CA THR A 320 7.71 -15.81 -37.60
C THR A 320 7.25 -16.01 -36.16
N PHE A 321 6.02 -16.49 -35.98
CA PHE A 321 5.40 -16.56 -34.66
C PHE A 321 5.35 -17.97 -34.11
N GLY A 322 6.21 -18.87 -34.60
CA GLY A 322 6.30 -20.21 -34.10
C GLY A 322 6.77 -20.38 -32.66
N PRO A 323 7.85 -19.69 -32.28
CA PRO A 323 8.41 -19.93 -30.92
C PRO A 323 7.43 -19.70 -29.78
N TYR A 324 6.56 -18.70 -29.86
CA TYR A 324 5.69 -18.39 -28.74
C TYR A 324 4.46 -19.29 -28.65
N PHE A 325 4.16 -20.06 -29.69
CA PHE A 325 3.02 -20.95 -29.67
C PHE A 325 3.35 -22.35 -29.17
N LEU A 326 4.60 -22.79 -29.30
CA LEU A 326 4.98 -24.13 -28.88
C LEU A 326 4.83 -24.35 -27.39
N MET A 327 4.80 -23.28 -26.59
CA MET A 327 4.56 -23.43 -25.17
C MET A 327 3.11 -23.81 -24.87
N SER A 328 2.20 -23.63 -25.83
CA SER A 328 0.81 -24.00 -25.61
C SER A 328 0.58 -25.49 -25.76
N PHE A 329 1.50 -26.23 -26.38
CA PHE A 329 1.33 -27.67 -26.51
C PHE A 329 1.63 -28.38 -25.20
N PHE A 330 2.65 -27.92 -24.47
CA PHE A 330 3.06 -28.59 -23.24
C PHE A 330 2.16 -28.27 -22.06
N PHE A 331 1.23 -27.32 -22.20
CA PHE A 331 0.30 -27.01 -21.13
C PHE A 331 -1.03 -27.71 -21.28
N LYS A 332 -1.44 -28.04 -22.50
CA LYS A 332 -2.62 -28.89 -22.71
C LYS A 332 -2.20 -30.36 -22.82
N ALA A 333 -1.36 -30.77 -21.90
CA ALA A 333 -1.06 -32.18 -21.65
C ALA A 333 -1.14 -32.53 -20.17
N ILE A 334 -0.70 -31.63 -19.30
CA ILE A 334 -0.79 -31.88 -17.86
C ILE A 334 -2.23 -31.81 -17.40
N HIS A 335 -2.97 -30.80 -17.85
CA HIS A 335 -4.36 -30.65 -17.42
C HIS A 335 -5.20 -31.84 -17.88
N ASP A 336 -4.95 -32.33 -19.09
CA ASP A 336 -5.70 -33.47 -19.60
C ASP A 336 -5.49 -34.71 -18.73
N LEU A 337 -4.26 -34.92 -18.24
CA LEU A 337 -4.00 -36.07 -17.38
C LEU A 337 -4.57 -35.87 -15.97
N MET A 338 -4.42 -34.68 -15.40
CA MET A 338 -4.98 -34.41 -14.08
C MET A 338 -6.50 -34.39 -14.09
N MET A 339 -7.13 -34.32 -15.26
CA MET A 339 -8.59 -34.42 -15.30
C MET A 339 -9.07 -35.79 -14.80
N PHE A 340 -8.32 -36.86 -15.06
CA PHE A 340 -8.74 -38.21 -14.72
C PHE A 340 -8.23 -38.67 -13.36
N SER A 341 -7.87 -37.75 -12.47
CA SER A 341 -7.45 -38.11 -11.13
C SER A 341 -8.53 -37.89 -10.08
N GLY A 342 -9.76 -37.62 -10.49
CA GLY A 342 -10.86 -37.46 -9.57
C GLY A 342 -11.63 -38.75 -9.33
N PRO A 343 -12.11 -39.38 -10.41
CA PRO A 343 -12.82 -40.65 -10.25
C PRO A 343 -12.02 -41.72 -9.53
N GLN A 344 -10.71 -41.81 -9.77
CA GLN A 344 -9.91 -42.84 -9.09
C GLN A 344 -9.89 -42.61 -7.59
N ILE A 345 -9.67 -41.36 -7.16
CA ILE A 345 -9.63 -41.07 -5.73
C ILE A 345 -11.00 -41.28 -5.11
N LEU A 346 -12.07 -40.90 -5.81
CA LEU A 346 -13.41 -41.12 -5.27
C LEU A 346 -13.69 -42.61 -5.11
N LYS A 347 -13.31 -43.42 -6.09
CA LYS A 347 -13.51 -44.86 -5.99
C LYS A 347 -12.71 -45.46 -4.84
N LEU A 348 -11.47 -45.00 -4.66
CA LEU A 348 -10.66 -45.50 -3.55
C LEU A 348 -11.30 -45.14 -2.21
N LEU A 349 -11.79 -43.91 -2.07
CA LEU A 349 -12.42 -43.49 -0.83
C LEU A 349 -13.68 -44.31 -0.55
N ILE A 350 -14.49 -44.54 -1.58
CA ILE A 350 -15.72 -45.33 -1.39
C ILE A 350 -15.37 -46.75 -0.95
N LYS A 351 -14.34 -47.34 -1.57
CA LYS A 351 -13.91 -48.68 -1.15
C LYS A 351 -13.43 -48.68 0.29
N PHE A 352 -12.68 -47.64 0.68
CA PHE A 352 -12.13 -47.60 2.04
C PHE A 352 -13.24 -47.48 3.09
N VAL A 353 -14.28 -46.68 2.80
CA VAL A 353 -15.34 -46.50 3.79
C VAL A 353 -16.03 -47.84 4.09
N ASN A 354 -16.19 -48.68 3.07
CA ASN A 354 -16.83 -49.98 3.26
C ASN A 354 -16.00 -50.95 4.08
N ASP A 355 -14.73 -50.64 4.34
CA ASP A 355 -13.86 -51.49 5.15
C ASP A 355 -13.86 -51.00 6.59
N THR A 356 -14.02 -51.92 7.53
CA THR A 356 -14.17 -51.59 8.94
C THR A 356 -13.03 -52.09 9.81
N LYS A 357 -11.86 -52.33 9.21
CA LYS A 357 -10.68 -52.74 9.98
C LYS A 357 -9.41 -52.02 9.57
N ALA A 358 -9.42 -51.22 8.51
CA ALA A 358 -8.23 -50.49 8.11
C ALA A 358 -7.95 -49.37 9.12
N PRO A 359 -6.68 -48.98 9.27
CA PRO A 359 -6.35 -47.88 10.19
C PRO A 359 -7.03 -46.59 9.76
N ASP A 360 -7.34 -45.76 10.76
CA ASP A 360 -8.12 -44.55 10.50
C ASP A 360 -7.35 -43.57 9.63
N TRP A 361 -6.04 -43.41 9.86
CA TRP A 361 -5.30 -42.34 9.22
C TRP A 361 -5.30 -42.45 7.70
N GLN A 362 -5.57 -43.63 7.15
CA GLN A 362 -5.66 -43.75 5.70
C GLN A 362 -6.70 -42.80 5.13
N GLY A 363 -7.81 -42.62 5.83
CA GLY A 363 -8.84 -41.73 5.35
C GLY A 363 -8.40 -40.29 5.24
N TYR A 364 -7.27 -39.93 5.85
CA TYR A 364 -6.73 -38.59 5.73
C TYR A 364 -5.63 -38.48 4.68
N PHE A 365 -5.12 -39.61 4.18
CA PHE A 365 -4.14 -39.55 3.11
C PHE A 365 -4.79 -39.23 1.77
N TYR A 366 -5.97 -39.80 1.51
CA TYR A 366 -6.64 -39.57 0.24
C TYR A 366 -7.17 -38.14 0.14
N THR A 367 -7.75 -37.63 1.24
CA THR A 367 -8.41 -36.33 1.19
C THR A 367 -7.44 -35.22 0.79
N VAL A 368 -6.22 -35.26 1.33
CA VAL A 368 -5.22 -34.28 0.94
C VAL A 368 -4.94 -34.35 -0.56
N LEU A 369 -4.85 -35.57 -1.10
CA LEU A 369 -4.67 -35.71 -2.54
C LEU A 369 -5.86 -35.24 -3.35
N LEU A 370 -7.02 -35.06 -2.72
CA LEU A 370 -8.16 -34.47 -3.41
C LEU A 370 -8.09 -32.95 -3.44
N PHE A 371 -7.09 -32.35 -2.79
CA PHE A 371 -6.94 -30.91 -2.79
C PHE A 371 -5.80 -30.43 -3.68
N VAL A 372 -4.65 -31.10 -3.69
CA VAL A 372 -3.55 -30.69 -4.56
C VAL A 372 -3.93 -30.90 -6.02
N THR A 373 -4.46 -32.08 -6.36
CA THR A 373 -4.82 -32.37 -7.74
C THR A 373 -5.90 -31.41 -8.24
N ALA A 374 -6.90 -31.15 -7.42
CA ALA A 374 -7.95 -30.21 -7.81
C ALA A 374 -7.47 -28.76 -7.82
N CYS A 375 -6.28 -28.48 -7.30
CA CYS A 375 -5.73 -27.13 -7.28
C CYS A 375 -4.78 -26.88 -8.44
N LEU A 376 -3.89 -27.84 -8.74
CA LEU A 376 -2.95 -27.68 -9.83
C LEU A 376 -3.63 -27.72 -11.19
N GLN A 377 -4.87 -28.20 -11.26
CA GLN A 377 -5.55 -28.27 -12.55
C GLN A 377 -6.06 -26.89 -12.97
N THR A 378 -6.48 -26.06 -12.03
CA THR A 378 -7.03 -24.75 -12.34
C THR A 378 -5.97 -23.66 -12.47
N LEU A 379 -4.71 -23.94 -12.12
CA LEU A 379 -3.63 -22.98 -12.27
C LEU A 379 -2.79 -23.25 -13.51
N VAL A 380 -3.20 -24.18 -14.37
CA VAL A 380 -2.50 -24.50 -15.60
C VAL A 380 -3.33 -24.14 -16.82
N LEU A 381 -4.61 -24.51 -16.81
CA LEU A 381 -5.47 -24.21 -17.95
C LEU A 381 -5.59 -22.71 -18.18
N HIS A 382 -5.78 -21.95 -17.11
CA HIS A 382 -5.91 -20.50 -17.22
C HIS A 382 -4.60 -19.80 -17.55
N GLN A 383 -3.48 -20.51 -17.53
CA GLN A 383 -2.24 -19.96 -18.06
C GLN A 383 -1.99 -20.34 -19.51
N TYR A 384 -2.59 -21.43 -19.99
CA TYR A 384 -2.55 -21.74 -21.41
C TYR A 384 -3.51 -20.85 -22.19
N PHE A 385 -4.65 -20.51 -21.60
CA PHE A 385 -5.61 -19.64 -22.29
C PHE A 385 -5.01 -18.27 -22.58
N HIS A 386 -4.27 -17.71 -21.63
CA HIS A 386 -3.68 -16.38 -21.82
C HIS A 386 -2.68 -16.39 -22.96
N ILE A 387 -1.82 -17.39 -23.01
CA ILE A 387 -0.84 -17.49 -24.09
C ILE A 387 -1.53 -17.63 -25.43
N CYS A 388 -2.56 -18.48 -25.49
CA CYS A 388 -3.28 -18.66 -26.75
C CYS A 388 -3.90 -17.35 -27.21
N PHE A 389 -4.56 -16.62 -26.30
CA PHE A 389 -5.22 -15.37 -26.68
C PHE A 389 -4.21 -14.30 -27.11
N VAL A 390 -3.08 -14.19 -26.42
CA VAL A 390 -2.08 -13.20 -26.80
C VAL A 390 -1.50 -13.51 -28.17
N SER A 391 -1.17 -14.78 -28.43
CA SER A 391 -0.66 -15.15 -29.74
C SER A 391 -1.70 -14.91 -30.83
N GLY A 392 -2.97 -15.12 -30.50
CA GLY A 392 -4.02 -14.82 -31.47
C GLY A 392 -4.15 -13.34 -31.76
N MET A 393 -4.01 -12.49 -30.73
CA MET A 393 -4.14 -11.06 -30.93
C MET A 393 -2.94 -10.47 -31.68
N ARG A 394 -1.75 -11.04 -31.48
CA ARG A 394 -0.54 -10.47 -32.07
C ARG A 394 -0.48 -10.60 -33.59
N ILE A 395 -1.38 -11.37 -34.21
CA ILE A 395 -1.33 -11.59 -35.65
C ILE A 395 -2.15 -10.55 -36.41
N LYS A 396 -3.30 -10.17 -35.87
CA LYS A 396 -4.18 -9.23 -36.57
C LYS A 396 -3.52 -7.86 -36.71
N THR A 397 -2.85 -7.39 -35.66
CA THR A 397 -2.19 -6.09 -35.72
C THR A 397 -1.07 -6.04 -36.73
N ALA A 398 -0.57 -7.19 -37.18
CA ALA A 398 0.45 -7.24 -38.22
C ALA A 398 -0.18 -7.39 -39.60
N VAL A 399 -1.22 -8.23 -39.71
CA VAL A 399 -1.87 -8.41 -41.01
C VAL A 399 -2.50 -7.10 -41.48
N ILE A 400 -3.15 -6.37 -40.57
CA ILE A 400 -3.78 -5.11 -40.94
C ILE A 400 -2.74 -4.12 -41.45
N GLY A 401 -1.62 -4.00 -40.72
CA GLY A 401 -0.58 -3.07 -41.14
C GLY A 401 0.04 -3.45 -42.47
N ALA A 402 0.27 -4.74 -42.69
CA ALA A 402 0.80 -5.18 -43.98
C ALA A 402 -0.15 -4.84 -45.12
N VAL A 403 -1.44 -5.09 -44.92
CA VAL A 403 -2.41 -4.79 -45.98
C VAL A 403 -2.43 -3.30 -46.28
N TYR A 404 -2.43 -2.47 -45.22
CA TYR A 404 -2.48 -1.03 -45.45
C TYR A 404 -1.22 -0.53 -46.17
N ARG A 405 -0.04 -0.97 -45.73
CA ARG A 405 1.19 -0.52 -46.37
C ARG A 405 1.30 -1.04 -47.80
N LYS A 406 0.61 -2.13 -48.11
CA LYS A 406 0.61 -2.62 -49.49
C LYS A 406 -0.41 -1.89 -50.36
N ALA A 407 -1.51 -1.40 -49.78
CA ALA A 407 -2.60 -0.87 -50.60
C ALA A 407 -2.26 0.47 -51.24
N LEU A 408 -1.72 1.41 -50.47
CA LEU A 408 -1.71 2.80 -50.92
C LEU A 408 -0.68 3.05 -52.02
N VAL A 409 0.53 2.49 -51.89
CA VAL A 409 1.65 2.88 -52.73
C VAL A 409 2.04 1.81 -53.73
N ILE A 410 1.32 0.69 -53.77
CA ILE A 410 1.60 -0.38 -54.71
C ILE A 410 0.30 -0.72 -55.44
N THR A 411 0.32 -1.81 -56.20
CA THR A 411 -0.82 -2.38 -56.93
C THR A 411 -1.65 -1.32 -57.65
N ASN A 412 -1.04 -0.60 -58.57
CA ASN A 412 -1.73 0.38 -59.39
C ASN A 412 -2.03 -0.19 -60.76
N SER A 413 -3.11 0.29 -61.37
CA SER A 413 -3.58 -0.06 -62.70
C SER A 413 -4.05 -1.51 -62.82
N ALA A 414 -3.96 -2.30 -61.76
CA ALA A 414 -4.41 -3.68 -61.78
C ALA A 414 -5.52 -3.95 -60.77
N ARG A 415 -6.07 -2.91 -60.15
CA ARG A 415 -7.13 -3.05 -59.17
C ARG A 415 -8.46 -3.06 -59.91
N LYS A 416 -9.14 -4.21 -59.89
CA LYS A 416 -10.42 -4.37 -60.56
C LYS A 416 -11.57 -4.76 -59.64
N SER A 417 -11.28 -5.18 -58.41
CA SER A 417 -12.33 -5.54 -57.47
C SER A 417 -13.06 -4.29 -56.99
N SER A 418 -14.26 -4.49 -56.45
CA SER A 418 -15.07 -3.39 -55.98
C SER A 418 -14.39 -2.68 -54.81
N THR A 419 -14.57 -1.37 -54.74
CA THR A 419 -13.98 -0.59 -53.65
C THR A 419 -14.63 -0.89 -52.31
N VAL A 420 -15.86 -1.38 -52.30
CA VAL A 420 -16.58 -1.70 -51.07
C VAL A 420 -16.94 -3.18 -51.09
N GLY A 421 -16.67 -3.85 -49.97
CA GLY A 421 -16.96 -5.26 -49.85
C GLY A 421 -15.95 -6.19 -50.46
N GLU A 422 -14.84 -5.67 -51.00
CA GLU A 422 -13.83 -6.54 -51.60
C GLU A 422 -12.44 -6.20 -51.05
N ILE A 423 -12.21 -4.94 -50.71
CA ILE A 423 -10.96 -4.50 -50.12
C ILE A 423 -11.15 -4.06 -48.68
N VAL A 424 -12.15 -3.21 -48.42
CA VAL A 424 -12.43 -2.79 -47.05
C VAL A 424 -12.94 -3.97 -46.23
N ASN A 425 -13.72 -4.85 -46.85
CA ASN A 425 -14.19 -6.05 -46.15
C ASN A 425 -13.04 -6.96 -45.76
N LEU A 426 -11.95 -6.93 -46.53
CA LEU A 426 -10.77 -7.73 -46.20
C LEU A 426 -10.11 -7.28 -44.92
N MET A 427 -10.46 -6.09 -44.42
CA MET A 427 -9.86 -5.55 -43.22
C MET A 427 -10.67 -5.82 -41.97
N SER A 428 -11.96 -6.16 -42.11
CA SER A 428 -12.85 -6.28 -40.97
C SER A 428 -13.43 -7.67 -40.77
N VAL A 429 -13.43 -8.53 -41.79
CA VAL A 429 -14.01 -9.86 -41.71
C VAL A 429 -12.92 -10.94 -41.74
N ASP A 430 -12.02 -10.87 -42.72
CA ASP A 430 -11.00 -11.91 -42.86
C ASP A 430 -9.99 -11.86 -41.73
N ALA A 431 -9.52 -10.66 -41.38
CA ALA A 431 -8.55 -10.55 -40.29
C ALA A 431 -9.18 -10.77 -38.93
N GLN A 432 -10.51 -10.64 -38.83
CA GLN A 432 -11.21 -10.89 -37.56
C GLN A 432 -11.44 -12.37 -37.31
N ARG A 433 -11.22 -13.23 -38.30
CA ARG A 433 -11.35 -14.68 -38.15
C ARG A 433 -10.00 -15.35 -37.94
N PHE A 434 -9.02 -14.61 -37.42
CA PHE A 434 -7.70 -15.15 -37.14
C PHE A 434 -7.41 -15.21 -35.65
N MET A 435 -8.43 -15.03 -34.80
CA MET A 435 -8.29 -15.27 -33.38
C MET A 435 -9.01 -16.53 -32.90
N ASP A 436 -10.14 -16.87 -33.53
CA ASP A 436 -10.80 -18.13 -33.21
C ASP A 436 -9.95 -19.32 -33.62
N LEU A 437 -9.29 -19.24 -34.79
CA LEU A 437 -8.44 -20.33 -35.22
C LEU A 437 -7.30 -20.55 -34.24
N ALA A 438 -6.74 -19.46 -33.70
CA ALA A 438 -5.63 -19.60 -32.76
C ALA A 438 -6.04 -20.41 -31.53
N THR A 439 -7.24 -20.14 -31.00
CA THR A 439 -7.69 -20.87 -29.82
C THR A 439 -8.11 -22.29 -30.16
N TYR A 440 -8.69 -22.50 -31.34
CA TYR A 440 -9.29 -23.78 -31.67
C TYR A 440 -8.34 -24.74 -32.41
N ILE A 441 -7.14 -24.29 -32.77
CA ILE A 441 -6.23 -25.18 -33.48
C ILE A 441 -5.67 -26.27 -32.57
N ASN A 442 -5.72 -26.07 -31.26
CA ASN A 442 -5.18 -27.04 -30.32
C ASN A 442 -6.23 -28.03 -29.83
N MET A 443 -7.46 -27.94 -30.33
CA MET A 443 -8.53 -28.85 -29.97
C MET A 443 -8.76 -29.93 -31.02
N ILE A 444 -7.86 -30.08 -31.98
CA ILE A 444 -8.08 -31.04 -33.05
C ILE A 444 -7.60 -32.44 -32.64
N TRP A 445 -6.61 -32.53 -31.75
CA TRP A 445 -6.14 -33.84 -31.29
C TRP A 445 -6.51 -34.15 -29.85
N SER A 446 -6.79 -33.14 -29.02
CA SER A 446 -7.20 -33.41 -27.65
C SER A 446 -8.66 -33.84 -27.55
N ALA A 447 -9.48 -33.56 -28.57
CA ALA A 447 -10.86 -34.00 -28.54
C ALA A 447 -11.01 -35.52 -28.55
N PRO A 448 -10.34 -36.27 -29.44
CA PRO A 448 -10.54 -37.73 -29.42
C PRO A 448 -9.72 -38.46 -28.36
N LEU A 449 -8.64 -37.88 -27.86
CA LEU A 449 -7.84 -38.54 -26.84
C LEU A 449 -8.64 -38.75 -25.56
N GLN A 450 -9.35 -37.71 -25.12
CA GLN A 450 -10.17 -37.83 -23.93
C GLN A 450 -11.27 -38.87 -24.12
N VAL A 451 -11.91 -38.85 -25.30
CA VAL A 451 -12.97 -39.81 -25.58
C VAL A 451 -12.43 -41.24 -25.52
N ILE A 452 -11.28 -41.47 -26.14
CA ILE A 452 -10.70 -42.82 -26.15
C ILE A 452 -10.35 -43.27 -24.74
N LEU A 453 -9.69 -42.40 -23.97
CA LEU A 453 -9.27 -42.79 -22.62
C LEU A 453 -10.47 -43.08 -21.73
N ALA A 454 -11.49 -42.22 -21.78
CA ALA A 454 -12.66 -42.42 -20.95
C ALA A 454 -13.45 -43.65 -21.38
N LEU A 455 -13.52 -43.93 -22.68
CA LEU A 455 -14.19 -45.15 -23.14
C LEU A 455 -13.44 -46.39 -22.66
N TYR A 456 -12.11 -46.37 -22.71
CA TYR A 456 -11.34 -47.51 -22.22
C TYR A 456 -11.57 -47.72 -20.72
N LEU A 457 -11.57 -46.64 -19.94
CA LEU A 457 -11.78 -46.78 -18.51
C LEU A 457 -13.19 -47.29 -18.21
N LEU A 458 -14.20 -46.79 -18.92
CA LEU A 458 -15.56 -47.24 -18.71
C LEU A 458 -15.73 -48.71 -19.08
N TRP A 459 -15.09 -49.14 -20.17
CA TRP A 459 -15.15 -50.55 -20.54
C TRP A 459 -14.44 -51.42 -19.50
N LEU A 460 -13.32 -50.93 -18.95
CA LEU A 460 -12.63 -51.68 -17.90
C LEU A 460 -13.49 -51.83 -16.67
N ASN A 461 -14.23 -50.78 -16.30
CA ASN A 461 -15.02 -50.83 -15.07
C ASN A 461 -16.28 -51.68 -15.25
N LEU A 462 -17.14 -51.29 -16.19
CA LEU A 462 -18.43 -51.99 -16.34
C LEU A 462 -18.28 -53.28 -17.15
N GLY A 463 -17.90 -53.16 -18.41
CA GLY A 463 -17.80 -54.31 -19.28
C GLY A 463 -18.41 -54.04 -20.65
N PRO A 464 -18.79 -55.10 -21.35
CA PRO A 464 -19.35 -54.93 -22.71
C PRO A 464 -20.63 -54.11 -22.74
N SER A 465 -21.36 -54.03 -21.63
CA SER A 465 -22.63 -53.31 -21.63
C SER A 465 -22.45 -51.84 -22.02
N VAL A 466 -21.33 -51.23 -21.61
CA VAL A 466 -21.11 -49.82 -21.94
C VAL A 466 -21.06 -49.64 -23.45
N LEU A 467 -20.62 -50.65 -24.20
CA LEU A 467 -20.65 -50.56 -25.65
C LEU A 467 -22.06 -50.34 -26.17
N ALA A 468 -23.03 -51.04 -25.58
CA ALA A 468 -24.42 -50.71 -25.85
C ALA A 468 -24.77 -49.35 -25.28
N GLY A 469 -24.32 -49.07 -24.05
CA GLY A 469 -24.64 -47.79 -23.42
C GLY A 469 -24.06 -46.62 -24.18
N VAL A 470 -22.79 -46.72 -24.58
CA VAL A 470 -22.20 -45.68 -25.41
C VAL A 470 -22.92 -45.60 -26.76
N ALA A 471 -23.52 -46.71 -27.19
CA ALA A 471 -24.39 -46.66 -28.36
C ALA A 471 -25.55 -45.71 -28.11
N VAL A 472 -26.18 -45.83 -26.93
CA VAL A 472 -27.20 -44.86 -26.52
C VAL A 472 -26.57 -43.49 -26.38
N MET A 473 -25.28 -43.44 -26.06
CA MET A 473 -24.56 -42.18 -26.03
C MET A 473 -24.28 -41.64 -27.44
N VAL A 474 -24.19 -42.53 -28.43
CA VAL A 474 -24.24 -42.04 -29.80
C VAL A 474 -25.64 -41.53 -30.14
N LEU A 475 -26.64 -41.91 -29.34
CA LEU A 475 -28.03 -41.60 -29.64
C LEU A 475 -28.39 -40.14 -29.40
N MET A 476 -27.53 -39.34 -28.79
CA MET A 476 -27.73 -37.90 -28.79
C MET A 476 -27.03 -37.20 -29.95
N VAL A 477 -26.36 -37.95 -30.81
CA VAL A 477 -25.95 -37.45 -32.12
C VAL A 477 -27.20 -37.01 -32.89
N PRO A 478 -28.30 -37.77 -32.86
CA PRO A 478 -29.56 -37.21 -33.38
C PRO A 478 -29.99 -35.91 -32.71
N VAL A 479 -30.10 -35.89 -31.38
CA VAL A 479 -30.72 -34.76 -30.70
C VAL A 479 -29.91 -33.48 -30.81
N ASN A 480 -28.57 -33.55 -30.79
CA ASN A 480 -27.82 -32.35 -31.13
C ASN A 480 -28.05 -31.95 -32.57
N ALA A 481 -28.09 -32.91 -33.49
CA ALA A 481 -28.58 -32.60 -34.82
C ALA A 481 -29.93 -31.89 -34.74
N VAL A 482 -30.78 -32.32 -33.80
CA VAL A 482 -32.07 -31.66 -33.61
C VAL A 482 -31.87 -30.17 -33.33
N MET A 483 -31.03 -29.81 -32.35
CA MET A 483 -30.94 -28.38 -32.09
C MET A 483 -30.21 -27.71 -33.25
N ALA A 484 -29.39 -28.48 -33.97
CA ALA A 484 -28.81 -27.99 -35.22
C ALA A 484 -29.92 -27.53 -36.16
N MET A 485 -30.92 -28.39 -36.41
CA MET A 485 -32.01 -27.94 -37.26
C MET A 485 -32.88 -26.93 -36.52
N LYS A 486 -32.87 -26.95 -35.18
CA LYS A 486 -33.52 -25.88 -34.44
C LYS A 486 -32.80 -24.57 -34.65
N THR A 487 -31.48 -24.63 -34.91
CA THR A 487 -30.77 -23.45 -35.37
C THR A 487 -31.13 -23.11 -36.80
N LYS A 488 -31.42 -24.13 -37.61
CA LYS A 488 -31.77 -23.89 -39.01
C LYS A 488 -33.14 -23.24 -39.13
N THR A 489 -34.10 -23.68 -38.31
CA THR A 489 -35.45 -23.13 -38.34
C THR A 489 -35.54 -21.85 -37.54
N LEU A 545 -40.69 -25.82 -29.01
CA LEU A 545 -40.06 -27.14 -28.99
C LEU A 545 -38.59 -27.03 -28.60
N SER A 546 -37.99 -25.87 -28.85
CA SER A 546 -36.59 -25.65 -28.48
C SER A 546 -36.40 -25.77 -26.97
N ALA A 547 -37.34 -25.19 -26.20
CA ALA A 547 -37.30 -25.39 -24.75
C ALA A 547 -37.47 -26.87 -24.41
N VAL A 548 -38.40 -27.55 -25.09
CA VAL A 548 -38.56 -28.98 -24.88
C VAL A 548 -37.28 -29.71 -25.27
N GLY A 549 -36.61 -29.25 -26.33
CA GLY A 549 -35.35 -29.87 -26.71
C GLY A 549 -34.30 -29.74 -25.63
N THR A 550 -34.16 -28.55 -25.05
CA THR A 550 -33.15 -28.38 -24.00
C THR A 550 -33.55 -29.07 -22.71
N PHE A 551 -34.85 -29.28 -22.48
CA PHE A 551 -35.24 -30.04 -21.29
C PHE A 551 -34.98 -31.53 -21.47
N THR A 552 -35.20 -32.05 -22.68
CA THR A 552 -34.75 -33.41 -22.99
C THR A 552 -33.23 -33.51 -22.89
N TRP A 553 -32.52 -32.45 -23.27
CA TRP A 553 -31.08 -32.39 -23.06
C TRP A 553 -30.74 -32.52 -21.58
N VAL A 554 -31.47 -31.80 -20.73
CA VAL A 554 -31.23 -31.86 -19.29
C VAL A 554 -31.51 -33.27 -18.76
N CYS A 555 -32.60 -33.88 -19.22
CA CYS A 555 -32.97 -35.23 -18.76
C CYS A 555 -32.11 -36.32 -19.37
N THR A 556 -31.33 -36.01 -20.41
CA THR A 556 -30.56 -37.04 -21.10
C THR A 556 -29.61 -37.83 -20.20
N PRO A 557 -28.82 -37.23 -19.29
CA PRO A 557 -27.97 -38.07 -18.43
C PRO A 557 -28.75 -39.10 -17.63
N PHE A 558 -29.92 -38.72 -17.13
CA PHE A 558 -30.75 -39.69 -16.40
C PHE A 558 -31.19 -40.82 -17.31
N LEU A 559 -31.60 -40.48 -18.54
CA LEU A 559 -32.05 -41.51 -19.48
C LEU A 559 -30.93 -42.50 -19.81
N VAL A 560 -29.73 -41.97 -20.11
CA VAL A 560 -28.64 -42.87 -20.50
C VAL A 560 -28.18 -43.71 -19.31
N ALA A 561 -28.14 -43.12 -18.11
CA ALA A 561 -27.78 -43.89 -16.94
C ALA A 561 -28.80 -45.00 -16.67
N LEU A 562 -30.08 -44.68 -16.79
CA LEU A 562 -31.12 -45.68 -16.56
C LEU A 562 -31.02 -46.82 -17.58
N CYS A 563 -30.82 -46.48 -18.86
CA CYS A 563 -30.71 -47.50 -19.88
C CYS A 563 -29.47 -48.38 -19.66
N THR A 564 -28.35 -47.75 -19.31
CA THR A 564 -27.13 -48.52 -19.06
C THR A 564 -27.30 -49.47 -17.89
N PHE A 565 -27.91 -49.00 -16.80
CA PHE A 565 -28.07 -49.87 -15.63
C PHE A 565 -29.09 -50.97 -15.91
N ALA A 566 -30.14 -50.66 -16.67
CA ALA A 566 -31.11 -51.70 -17.03
C ALA A 566 -30.46 -52.79 -17.88
N VAL A 567 -29.64 -52.39 -18.85
CA VAL A 567 -28.94 -53.39 -19.67
C VAL A 567 -27.96 -54.19 -18.83
N TYR A 568 -27.25 -53.52 -17.91
CA TYR A 568 -26.28 -54.22 -17.07
C TYR A 568 -26.94 -55.24 -16.16
N VAL A 569 -28.12 -54.90 -15.61
CA VAL A 569 -28.78 -55.79 -14.65
C VAL A 569 -29.74 -56.77 -15.30
N THR A 570 -30.08 -56.59 -16.58
CA THR A 570 -31.06 -57.45 -17.22
C THR A 570 -30.44 -58.72 -17.79
N ILE A 571 -29.37 -58.59 -18.58
CA ILE A 571 -28.78 -59.75 -19.23
C ILE A 571 -28.07 -60.62 -18.18
N ASP A 572 -28.43 -61.91 -18.17
CA ASP A 572 -27.87 -62.89 -17.24
C ASP A 572 -28.05 -62.46 -15.79
N GLU A 573 -27.40 -63.18 -14.87
CA GLU A 573 -27.37 -62.77 -13.46
C GLU A 573 -26.04 -63.23 -12.89
N ASN A 574 -25.05 -62.35 -12.95
CA ASN A 574 -23.72 -62.63 -12.39
C ASN A 574 -23.10 -61.45 -11.66
N ASN A 575 -23.63 -60.23 -11.80
CA ASN A 575 -23.03 -59.05 -11.24
C ASN A 575 -24.04 -58.30 -10.37
N ILE A 576 -23.54 -57.65 -9.33
CA ILE A 576 -24.35 -56.93 -8.36
C ILE A 576 -23.91 -55.47 -8.36
N LEU A 577 -24.88 -54.56 -8.39
CA LEU A 577 -24.59 -53.13 -8.42
C LEU A 577 -24.02 -52.71 -7.07
N ASP A 578 -22.69 -52.52 -7.02
CA ASP A 578 -22.03 -52.05 -5.82
C ASP A 578 -22.07 -50.52 -5.77
N ALA A 579 -21.39 -49.94 -4.78
CA ALA A 579 -21.32 -48.48 -4.69
C ALA A 579 -20.41 -47.90 -5.76
N GLN A 580 -19.23 -48.51 -5.96
CA GLN A 580 -18.28 -47.97 -6.94
C GLN A 580 -18.86 -48.01 -8.34
N THR A 581 -19.49 -49.12 -8.71
CA THR A 581 -19.99 -49.28 -10.07
C THR A 581 -21.05 -48.22 -10.40
N ALA A 582 -21.92 -47.92 -9.45
CA ALA A 582 -22.99 -46.96 -9.67
C ALA A 582 -22.60 -45.53 -9.35
N PHE A 583 -21.43 -45.29 -8.76
CA PHE A 583 -21.02 -43.93 -8.42
C PHE A 583 -19.72 -43.49 -9.06
N VAL A 584 -19.13 -44.28 -9.95
CA VAL A 584 -18.01 -43.84 -10.75
C VAL A 584 -18.43 -43.51 -12.18
N SER A 585 -19.29 -44.35 -12.77
CA SER A 585 -19.74 -44.11 -14.14
C SER A 585 -20.53 -42.82 -14.26
N LEU A 586 -21.25 -42.43 -13.21
CA LEU A 586 -22.02 -41.18 -13.26
C LEU A 586 -21.10 -39.98 -13.44
N ALA A 587 -19.95 -39.99 -12.77
CA ALA A 587 -18.99 -38.90 -12.96
C ALA A 587 -18.24 -39.05 -14.28
N LEU A 588 -17.93 -40.28 -14.69
CA LEU A 588 -17.18 -40.47 -15.93
C LEU A 588 -17.96 -39.98 -17.14
N PHE A 589 -19.27 -40.26 -17.19
CA PHE A 589 -20.07 -39.80 -18.31
C PHE A 589 -20.09 -38.28 -18.39
N ASN A 590 -20.22 -37.62 -17.24
CA ASN A 590 -20.23 -36.16 -17.22
C ASN A 590 -18.90 -35.59 -17.66
N ILE A 591 -17.80 -36.23 -17.27
CA ILE A 591 -16.49 -35.76 -17.73
C ILE A 591 -16.36 -35.92 -19.24
N LEU A 592 -16.82 -37.05 -19.77
CA LEU A 592 -16.63 -37.34 -21.19
C LEU A 592 -17.57 -36.55 -22.09
N ARG A 593 -18.69 -36.04 -21.57
CA ARG A 593 -19.72 -35.47 -22.42
C ARG A 593 -19.21 -34.29 -23.26
N PHE A 594 -18.44 -33.39 -22.65
CA PHE A 594 -18.12 -32.12 -23.33
C PHE A 594 -17.36 -32.29 -24.63
N PRO A 595 -16.29 -33.08 -24.72
CA PRO A 595 -15.60 -33.22 -26.03
C PRO A 595 -16.49 -33.78 -27.12
N LEU A 596 -17.48 -34.61 -26.78
CA LEU A 596 -18.41 -35.10 -27.80
C LEU A 596 -19.29 -33.98 -28.34
N ASN A 597 -19.33 -32.82 -27.68
CA ASN A 597 -20.10 -31.68 -28.15
C ASN A 597 -19.23 -30.59 -28.75
N ILE A 598 -17.96 -30.49 -28.34
CA ILE A 598 -17.06 -29.50 -28.92
C ILE A 598 -16.65 -29.89 -30.33
N LEU A 599 -16.74 -31.17 -30.68
CA LEU A 599 -16.29 -31.62 -32.01
C LEU A 599 -17.03 -30.93 -33.15
N PRO A 600 -18.34 -30.75 -33.13
CA PRO A 600 -18.98 -29.92 -34.17
C PRO A 600 -18.55 -28.46 -34.04
N MET A 601 -18.87 -27.70 -35.08
CA MET A 601 -18.61 -26.26 -35.22
C MET A 601 -17.13 -25.94 -35.32
N VAL A 602 -16.24 -26.91 -35.12
CA VAL A 602 -14.81 -26.71 -35.28
C VAL A 602 -14.37 -27.03 -36.71
N ILE A 603 -14.88 -28.12 -37.28
CA ILE A 603 -14.55 -28.48 -38.64
C ILE A 603 -15.07 -27.46 -39.63
N SER A 604 -16.13 -26.71 -39.27
CA SER A 604 -16.59 -25.62 -40.13
C SER A 604 -15.69 -24.40 -39.98
N SER A 605 -15.25 -24.11 -38.76
CA SER A 605 -14.37 -22.97 -38.53
C SER A 605 -13.05 -23.14 -39.28
N ILE A 606 -12.50 -24.36 -39.26
CA ILE A 606 -11.25 -24.61 -39.98
C ILE A 606 -11.43 -24.39 -41.47
N VAL A 607 -12.55 -24.87 -42.02
CA VAL A 607 -12.82 -24.69 -43.45
C VAL A 607 -12.94 -23.21 -43.79
N GLN A 608 -13.66 -22.45 -42.96
CA GLN A 608 -13.82 -21.02 -43.22
C GLN A 608 -12.48 -20.29 -43.17
N ALA A 609 -11.63 -20.65 -42.19
CA ALA A 609 -10.31 -20.01 -42.11
C ALA A 609 -9.47 -20.35 -43.33
N SER A 610 -9.53 -21.61 -43.79
CA SER A 610 -8.78 -22.00 -44.98
C SER A 610 -9.27 -21.22 -46.20
N VAL A 611 -10.57 -20.98 -46.30
CA VAL A 611 -11.11 -20.19 -47.39
C VAL A 611 -10.59 -18.75 -47.32
N SER A 612 -10.59 -18.17 -46.12
CA SER A 612 -10.12 -16.80 -45.97
C SER A 612 -8.64 -16.65 -46.33
N LEU A 613 -7.83 -17.67 -46.02
CA LEU A 613 -6.41 -17.60 -46.31
C LEU A 613 -6.15 -17.43 -47.80
N LYS A 614 -6.95 -18.10 -48.65
CA LYS A 614 -6.74 -18.00 -50.08
C LYS A 614 -6.92 -16.56 -50.57
N ARG A 615 -7.99 -15.90 -50.14
CA ARG A 615 -8.22 -14.52 -50.55
C ARG A 615 -7.13 -13.60 -50.01
N LEU A 616 -6.75 -13.79 -48.74
CA LEU A 616 -5.72 -12.92 -48.18
C LEU A 616 -4.41 -13.06 -48.95
N ARG A 617 -4.03 -14.29 -49.29
CA ARG A 617 -2.78 -14.49 -50.02
C ARG A 617 -2.88 -13.99 -51.46
N ILE A 618 -4.05 -14.12 -52.08
CA ILE A 618 -4.18 -13.65 -53.45
C ILE A 618 -4.12 -12.13 -53.50
N PHE A 619 -4.58 -11.44 -52.45
CA PHE A 619 -4.41 -9.99 -52.43
C PHE A 619 -3.00 -9.58 -52.06
N LEU A 620 -2.35 -10.30 -51.14
CA LEU A 620 -1.01 -9.91 -50.74
C LEU A 620 0.02 -10.26 -51.82
N SER A 621 -0.24 -11.28 -52.62
CA SER A 621 0.60 -11.63 -53.75
C SER A 621 0.25 -10.80 -54.99
N HIS A 622 -0.51 -9.73 -54.83
CA HIS A 622 -0.94 -8.86 -55.91
C HIS A 622 0.00 -7.69 -56.12
N GLU A 623 1.29 -7.86 -55.81
CA GLU A 623 2.23 -6.75 -55.74
C GLU A 623 2.26 -5.95 -57.04
N GLU A 624 2.75 -6.58 -58.11
CA GLU A 624 2.78 -5.97 -59.45
C GLU A 624 3.19 -4.50 -59.37
N LEU A 625 4.40 -4.29 -58.86
CA LEU A 625 4.86 -2.95 -58.53
C LEU A 625 4.91 -2.07 -59.78
N GLU A 626 3.95 -1.16 -59.90
CA GLU A 626 3.87 -0.26 -61.03
C GLU A 626 4.88 0.88 -60.91
N PRO A 627 4.91 1.66 -59.79
CA PRO A 627 5.77 2.85 -59.72
C PRO A 627 7.19 2.56 -59.22
N ASP A 628 7.82 1.54 -59.81
CA ASP A 628 9.19 1.22 -59.40
C ASP A 628 10.14 2.36 -59.76
N SER A 629 10.37 2.57 -61.06
CA SER A 629 11.14 3.71 -61.54
C SER A 629 10.87 3.85 -63.03
N ILE A 630 10.18 4.92 -63.42
CA ILE A 630 9.90 5.16 -64.83
C ILE A 630 10.19 6.62 -65.16
N GLU A 631 10.33 7.44 -64.13
CA GLU A 631 10.46 8.89 -64.28
C GLU A 631 11.81 9.35 -63.74
N ARG A 632 12.03 10.66 -63.82
CA ARG A 632 13.20 11.32 -63.24
C ARG A 632 12.86 11.93 -61.89
N ARG A 633 11.94 11.31 -61.14
CA ARG A 633 11.42 11.77 -59.87
C ARG A 633 10.59 13.04 -60.05
N PRO A 634 9.54 13.25 -59.26
CA PRO A 634 8.82 14.53 -59.35
C PRO A 634 9.73 15.74 -59.18
N VAL A 635 10.68 15.67 -58.24
CA VAL A 635 11.72 16.69 -58.13
C VAL A 635 13.06 15.97 -57.94
N LYS A 636 14.01 16.26 -58.83
CA LYS A 636 15.38 15.77 -58.70
C LYS A 636 16.39 16.89 -58.64
N ASP A 637 16.29 17.87 -59.55
CA ASP A 637 17.22 18.97 -59.64
C ASP A 637 16.51 20.28 -59.35
N GLY A 638 17.14 21.12 -58.53
CA GLY A 638 16.58 22.41 -58.16
C GLY A 638 16.81 23.53 -59.14
N GLY A 639 17.50 23.28 -60.25
CA GLY A 639 17.76 24.33 -61.22
C GLY A 639 17.78 23.83 -62.65
N GLY A 640 17.05 24.51 -63.53
CA GLY A 640 17.02 24.12 -64.93
C GLY A 640 16.28 25.16 -65.75
N THR A 641 16.38 25.02 -67.06
CA THR A 641 15.73 25.90 -68.02
C THR A 641 14.53 25.28 -68.71
N ASN A 642 14.64 24.01 -69.12
CA ASN A 642 13.54 23.29 -69.74
C ASN A 642 12.77 22.52 -68.68
N SER A 643 11.46 22.75 -68.62
CA SER A 643 10.65 22.11 -67.58
C SER A 643 10.33 20.66 -67.90
N ILE A 644 9.61 20.42 -68.99
CA ILE A 644 9.19 19.10 -69.40
C ILE A 644 10.00 18.69 -70.62
N THR A 645 10.63 17.52 -70.56
CA THR A 645 11.33 16.94 -71.70
C THR A 645 10.72 15.58 -72.00
N VAL A 646 10.49 15.31 -73.29
CA VAL A 646 9.88 14.04 -73.70
C VAL A 646 10.36 13.72 -75.11
N ARG A 647 10.73 12.46 -75.33
CA ARG A 647 11.14 11.99 -76.64
C ARG A 647 10.79 10.52 -76.80
N ASN A 648 10.12 10.19 -77.91
CA ASN A 648 9.76 8.81 -78.27
C ASN A 648 8.92 8.15 -77.18
N ALA A 649 8.01 8.91 -76.57
CA ALA A 649 7.16 8.38 -75.54
C ALA A 649 6.08 7.48 -76.11
N THR A 650 5.72 6.46 -75.33
CA THR A 650 4.63 5.55 -75.70
C THR A 650 4.13 4.87 -74.43
N PHE A 651 2.84 5.01 -74.15
CA PHE A 651 2.25 4.46 -72.94
C PHE A 651 0.95 3.75 -73.27
N THR A 652 0.58 2.81 -72.41
CA THR A 652 -0.64 2.04 -72.58
C THR A 652 -1.33 1.87 -71.23
N TRP A 653 -2.66 1.77 -71.27
CA TRP A 653 -3.42 1.57 -70.05
C TRP A 653 -3.13 0.20 -69.44
N ALA A 654 -3.02 -0.84 -70.27
CA ALA A 654 -2.78 -2.19 -69.80
C ALA A 654 -1.77 -2.87 -70.72
N ARG A 655 -1.13 -3.92 -70.19
CA ARG A 655 -0.11 -4.63 -70.94
C ARG A 655 -0.70 -5.46 -72.08
N SER A 656 -2.01 -5.69 -72.08
CA SER A 656 -2.67 -6.50 -73.09
C SER A 656 -3.50 -5.67 -74.07
N ASP A 657 -3.15 -4.39 -74.25
CA ASP A 657 -3.89 -3.51 -75.14
C ASP A 657 -2.93 -2.77 -76.05
N PRO A 658 -3.38 -2.37 -77.24
CA PRO A 658 -2.54 -1.58 -78.11
C PRO A 658 -2.21 -0.25 -77.47
N PRO A 659 -1.00 0.28 -77.70
CA PRO A 659 -0.64 1.57 -77.10
C PRO A 659 -1.54 2.69 -77.57
N THR A 660 -1.86 3.61 -76.66
CA THR A 660 -2.69 4.76 -76.97
C THR A 660 -1.88 6.01 -77.33
N LEU A 661 -0.63 6.08 -76.92
CA LEU A 661 0.25 7.20 -77.23
C LEU A 661 1.44 6.69 -78.02
N ASN A 662 1.80 7.41 -79.09
CA ASN A 662 2.92 7.02 -79.93
C ASN A 662 3.52 8.27 -80.56
N GLY A 663 4.85 8.29 -80.66
CA GLY A 663 5.53 9.42 -81.28
C GLY A 663 5.34 10.73 -80.56
N ILE A 664 5.44 10.73 -79.24
CA ILE A 664 5.28 11.93 -78.44
C ILE A 664 6.66 12.51 -78.15
N THR A 665 6.89 13.75 -78.59
CA THR A 665 8.18 14.39 -78.39
C THR A 665 7.99 15.91 -78.44
N PHE A 666 8.35 16.59 -77.36
CA PHE A 666 8.27 18.04 -77.29
C PHE A 666 9.13 18.52 -76.13
N SER A 667 9.22 19.84 -75.98
CA SER A 667 9.97 20.45 -74.89
C SER A 667 9.45 21.86 -74.67
N ILE A 668 9.38 22.28 -73.41
CA ILE A 668 8.90 23.61 -73.07
C ILE A 668 9.84 24.27 -72.08
N PRO A 669 10.05 25.58 -72.17
CA PRO A 669 10.95 26.27 -71.24
C PRO A 669 10.25 26.57 -69.92
N GLU A 670 10.95 27.32 -69.07
CA GLU A 670 10.43 27.70 -67.77
C GLU A 670 9.47 28.87 -67.88
N GLY A 671 8.40 28.82 -67.09
CA GLY A 671 7.44 29.91 -67.03
C GLY A 671 6.70 30.16 -68.33
N ALA A 672 6.21 29.10 -68.97
CA ALA A 672 5.51 29.20 -70.23
C ALA A 672 4.09 28.65 -70.10
N LEU A 673 3.13 29.41 -70.60
CA LEU A 673 1.73 28.99 -70.58
C LEU A 673 1.48 28.03 -71.74
N VAL A 674 1.30 26.75 -71.43
CA VAL A 674 1.07 25.72 -72.44
C VAL A 674 -0.36 25.21 -72.28
N ALA A 675 -1.12 25.25 -73.36
CA ALA A 675 -2.49 24.76 -73.36
C ALA A 675 -2.65 23.73 -74.46
N VAL A 676 -3.26 22.59 -74.14
CA VAL A 676 -3.48 21.53 -75.11
C VAL A 676 -4.96 21.50 -75.48
N VAL A 677 -5.22 21.13 -76.73
CA VAL A 677 -6.56 21.08 -77.27
C VAL A 677 -6.78 19.70 -77.87
N GLY A 678 -7.87 19.05 -77.47
CA GLY A 678 -8.21 17.73 -77.98
C GLY A 678 -9.70 17.54 -78.01
N GLN A 679 -10.12 16.56 -78.81
CA GLN A 679 -11.54 16.23 -78.92
C GLN A 679 -11.98 15.37 -77.74
N VAL A 680 -13.29 15.16 -77.64
CA VAL A 680 -13.85 14.33 -76.58
C VAL A 680 -13.48 12.88 -76.85
N GLY A 681 -12.84 12.24 -75.86
CA GLY A 681 -12.36 10.89 -76.03
C GLY A 681 -11.11 10.75 -76.86
N CYS A 682 -10.45 11.86 -77.19
CA CYS A 682 -9.23 11.78 -78.00
C CYS A 682 -8.09 11.10 -77.25
N GLY A 683 -8.03 11.27 -75.93
CA GLY A 683 -6.97 10.68 -75.15
C GLY A 683 -6.23 11.68 -74.29
N LYS A 684 -6.85 12.84 -74.05
CA LYS A 684 -6.22 13.86 -73.23
C LYS A 684 -5.99 13.37 -71.80
N SER A 685 -6.96 12.65 -71.24
CA SER A 685 -6.82 12.16 -69.87
C SER A 685 -5.65 11.20 -69.74
N SER A 686 -5.46 10.32 -70.74
CA SER A 686 -4.37 9.35 -70.66
C SER A 686 -3.01 10.04 -70.65
N LEU A 687 -2.80 10.97 -71.58
CA LEU A 687 -1.53 11.70 -71.62
C LEU A 687 -1.34 12.53 -70.36
N LEU A 688 -2.43 13.11 -69.85
CA LEU A 688 -2.32 13.92 -68.64
C LEU A 688 -1.90 13.07 -67.46
N SER A 689 -2.47 11.87 -67.32
CA SER A 689 -2.12 11.00 -66.21
C SER A 689 -0.75 10.37 -66.37
N ALA A 690 -0.29 10.19 -67.62
CA ALA A 690 1.02 9.58 -67.83
C ALA A 690 2.16 10.41 -67.26
N LEU A 691 1.96 11.72 -67.10
CA LEU A 691 3.02 12.58 -66.56
C LEU A 691 3.20 12.38 -65.06
N LEU A 692 2.23 11.80 -64.38
CA LEU A 692 2.26 11.64 -62.93
C LEU A 692 2.77 10.28 -62.49
N ALA A 693 3.52 9.58 -63.34
CA ALA A 693 4.04 8.25 -63.05
C ALA A 693 2.91 7.27 -62.71
N GLU A 694 1.78 7.44 -63.38
CA GLU A 694 0.64 6.56 -63.21
C GLU A 694 0.48 5.57 -64.36
N MET A 695 1.44 5.54 -65.28
CA MET A 695 1.39 4.69 -66.46
C MET A 695 2.65 3.83 -66.52
N ASP A 696 2.79 3.08 -67.60
CA ASP A 696 3.98 2.27 -67.85
C ASP A 696 4.55 2.63 -69.21
N LYS A 697 5.87 2.75 -69.27
CA LYS A 697 6.59 3.17 -70.47
C LYS A 697 7.38 1.99 -71.02
N VAL A 698 7.21 1.73 -72.32
CA VAL A 698 7.98 0.67 -72.97
C VAL A 698 9.28 1.21 -73.59
N GLU A 699 9.25 2.44 -74.10
CA GLU A 699 10.46 3.06 -74.64
C GLU A 699 10.30 4.57 -74.62
N GLY A 700 11.42 5.26 -74.74
CA GLY A 700 11.45 6.71 -74.73
C GLY A 700 12.12 7.26 -73.49
N HIS A 701 12.29 8.58 -73.50
CA HIS A 701 12.91 9.30 -72.39
C HIS A 701 12.06 10.51 -72.04
N VAL A 702 11.61 10.58 -70.80
CA VAL A 702 10.76 11.67 -70.32
C VAL A 702 11.25 12.10 -68.95
N ALA A 703 11.19 13.40 -68.68
CA ALA A 703 11.69 13.96 -67.43
C ALA A 703 10.99 15.27 -67.13
N ILE A 704 10.83 15.53 -65.82
CA ILE A 704 10.24 16.76 -65.33
C ILE A 704 11.13 17.30 -64.21
N LYS A 705 10.92 18.56 -63.86
CA LYS A 705 11.69 19.25 -62.84
C LYS A 705 10.75 19.98 -61.88
N GLY A 706 11.11 19.97 -60.60
CA GLY A 706 10.35 20.70 -59.60
C GLY A 706 9.13 19.96 -59.08
N SER A 707 8.78 20.18 -57.82
CA SER A 707 7.63 19.51 -57.22
C SER A 707 6.35 19.90 -57.95
N VAL A 708 5.44 18.93 -58.08
CA VAL A 708 4.25 19.09 -58.90
C VAL A 708 3.03 19.27 -58.00
N ALA A 709 2.09 20.08 -58.49
CA ALA A 709 0.77 20.23 -57.87
C ALA A 709 -0.28 19.79 -58.88
N TYR A 710 -1.23 18.98 -58.42
CA TYR A 710 -2.18 18.29 -59.28
C TYR A 710 -3.60 18.71 -58.90
N VAL A 711 -4.39 19.12 -59.88
CA VAL A 711 -5.78 19.45 -59.62
C VAL A 711 -6.68 18.60 -60.51
N PRO A 712 -7.11 17.42 -60.05
CA PRO A 712 -7.92 16.55 -60.90
C PRO A 712 -9.33 17.10 -61.07
N GLN A 713 -10.02 16.58 -62.09
CA GLN A 713 -11.39 17.01 -62.35
C GLN A 713 -12.32 16.62 -61.21
N GLN A 714 -12.02 15.52 -60.51
CA GLN A 714 -12.82 15.08 -59.38
C GLN A 714 -12.09 15.45 -58.09
N ALA A 715 -12.83 16.01 -57.14
CA ALA A 715 -12.27 16.49 -55.88
C ALA A 715 -12.76 15.63 -54.72
N TRP A 716 -11.89 15.44 -53.73
CA TRP A 716 -12.20 14.71 -52.52
C TRP A 716 -11.89 15.57 -51.32
N ILE A 717 -12.69 15.43 -50.26
CA ILE A 717 -12.52 16.20 -49.04
C ILE A 717 -12.51 15.25 -47.86
N GLN A 718 -11.48 15.33 -47.03
CA GLN A 718 -11.44 14.56 -45.80
C GLN A 718 -12.34 15.20 -44.75
N ASN A 719 -12.97 14.35 -43.94
CA ASN A 719 -13.90 14.85 -42.93
C ASN A 719 -13.14 15.52 -41.79
N ASP A 720 -12.98 16.84 -41.89
CA ASP A 720 -12.25 17.60 -40.89
C ASP A 720 -12.67 19.06 -41.00
N SER A 721 -11.91 19.95 -40.38
CA SER A 721 -12.17 21.37 -40.50
C SER A 721 -11.76 21.87 -41.87
N LEU A 722 -12.48 22.90 -42.35
CA LEU A 722 -12.12 23.53 -43.60
C LEU A 722 -10.72 24.15 -43.52
N ARG A 723 -10.37 24.67 -42.35
CA ARG A 723 -9.01 25.18 -42.14
C ARG A 723 -7.98 24.08 -42.34
N GLU A 724 -8.23 22.91 -41.76
CA GLU A 724 -7.29 21.79 -41.91
C GLU A 724 -7.29 21.24 -43.32
N ASN A 725 -8.46 21.19 -43.96
CA ASN A 725 -8.53 20.71 -45.33
C ASN A 725 -7.74 21.62 -46.27
N ILE A 726 -7.87 22.94 -46.11
CA ILE A 726 -7.14 23.86 -46.97
C ILE A 726 -5.64 23.83 -46.65
N LEU A 727 -5.29 23.83 -45.35
CA LEU A 727 -3.88 23.86 -44.98
C LEU A 727 -3.14 22.62 -45.46
N PHE A 728 -3.78 21.45 -45.34
CA PHE A 728 -3.20 20.18 -45.78
C PHE A 728 -1.85 19.91 -45.12
N GLY A 729 -1.76 20.25 -43.83
CA GLY A 729 -0.55 19.95 -43.07
C GLY A 729 0.28 21.16 -42.72
N CYS A 730 0.33 22.14 -43.62
CA CYS A 730 1.12 23.34 -43.37
C CYS A 730 0.46 24.21 -42.32
N GLN A 731 1.28 24.98 -41.60
CA GLN A 731 0.78 25.89 -40.59
C GLN A 731 0.21 27.15 -41.23
N LEU A 732 -0.62 27.86 -40.48
CA LEU A 732 -1.24 29.07 -40.98
C LEU A 732 -0.23 30.20 -41.08
N GLU A 733 -0.45 31.09 -42.05
CA GLU A 733 0.42 32.25 -42.26
C GLU A 733 -0.44 33.44 -42.65
N GLU A 734 -0.19 34.58 -42.00
CA GLU A 734 -0.92 35.81 -42.27
C GLU A 734 0.03 36.88 -42.81
N PRO A 735 -0.41 37.69 -43.78
CA PRO A 735 -1.72 37.68 -44.42
C PRO A 735 -1.78 36.76 -45.63
N TYR A 736 -0.98 35.69 -45.62
CA TYR A 736 -1.03 34.73 -46.72
C TYR A 736 -2.40 34.07 -46.83
N TYR A 737 -3.00 33.73 -45.69
CA TYR A 737 -4.35 33.18 -45.70
C TYR A 737 -5.34 34.15 -46.32
N ARG A 738 -5.30 35.41 -45.90
CA ARG A 738 -6.20 36.41 -46.45
C ARG A 738 -5.94 36.61 -47.94
N SER A 739 -4.67 36.61 -48.34
CA SER A 739 -4.34 36.80 -49.75
C SER A 739 -4.89 35.66 -50.60
N VAL A 740 -4.71 34.42 -50.16
CA VAL A 740 -5.19 33.29 -50.96
C VAL A 740 -6.71 33.22 -50.94
N ILE A 741 -7.34 33.60 -49.83
CA ILE A 741 -8.80 33.62 -49.79
C ILE A 741 -9.34 34.67 -50.76
N GLN A 742 -8.72 35.85 -50.78
CA GLN A 742 -9.15 36.89 -51.72
C GLN A 742 -8.92 36.45 -53.16
N ALA A 743 -7.79 35.78 -53.42
CA ALA A 743 -7.52 35.29 -54.77
C ALA A 743 -8.55 34.27 -55.21
N CYS A 744 -8.91 33.35 -54.32
CA CYS A 744 -9.92 32.35 -54.64
C CYS A 744 -11.34 32.88 -54.51
N ALA A 745 -11.52 34.08 -53.95
CA ALA A 745 -12.82 34.71 -53.77
C ALA A 745 -13.76 33.80 -52.98
N LEU A 746 -13.32 33.45 -51.77
CA LEU A 746 -14.08 32.59 -50.87
C LEU A 746 -14.83 33.37 -49.80
N LEU A 747 -14.91 34.70 -49.91
CA LEU A 747 -15.61 35.49 -48.91
C LEU A 747 -17.09 35.14 -48.80
N PRO A 748 -17.87 35.09 -49.88
CA PRO A 748 -19.30 34.72 -49.70
C PRO A 748 -19.47 33.31 -49.16
N ASP A 749 -18.64 32.36 -49.59
CA ASP A 749 -18.74 30.99 -49.11
C ASP A 749 -18.45 30.90 -47.62
N LEU A 750 -17.42 31.61 -47.16
CA LEU A 750 -17.11 31.60 -45.74
C LEU A 750 -18.17 32.33 -44.93
N GLU A 751 -18.73 33.42 -45.48
CA GLU A 751 -19.74 34.18 -44.76
C GLU A 751 -21.04 33.40 -44.61
N ILE A 752 -21.45 32.69 -45.67
CA ILE A 752 -22.73 31.99 -45.63
C ILE A 752 -22.69 30.78 -44.69
N LEU A 753 -21.52 30.24 -44.41
CA LEU A 753 -21.42 29.09 -43.54
C LEU A 753 -21.77 29.48 -42.10
N PRO A 754 -22.39 28.57 -41.34
CA PRO A 754 -22.81 28.93 -39.98
C PRO A 754 -21.68 29.38 -39.07
N SER A 755 -20.51 28.75 -39.19
CA SER A 755 -19.37 29.12 -38.36
C SER A 755 -18.17 29.56 -39.19
N GLY A 756 -18.40 29.97 -40.43
CA GLY A 756 -17.28 30.37 -41.28
C GLY A 756 -16.43 29.17 -41.63
N ASP A 757 -15.13 29.30 -41.47
CA ASP A 757 -14.19 28.23 -41.80
C ASP A 757 -13.91 27.33 -40.60
N ARG A 758 -14.98 26.81 -39.99
CA ARG A 758 -14.84 25.87 -38.89
C ARG A 758 -15.90 24.78 -38.88
N THR A 759 -16.76 24.70 -39.89
CA THR A 759 -17.84 23.73 -39.88
C THR A 759 -17.33 22.34 -40.26
N GLU A 760 -18.26 21.38 -40.31
CA GLU A 760 -17.94 20.00 -40.68
C GLU A 760 -18.13 19.86 -42.18
N ILE A 761 -17.04 19.90 -42.92
CA ILE A 761 -17.06 19.83 -44.38
C ILE A 761 -16.89 18.38 -44.81
N GLY A 762 -17.57 18.01 -45.89
CA GLY A 762 -17.48 16.65 -46.41
C GLY A 762 -18.50 15.72 -45.81
N GLU A 763 -18.17 14.44 -45.74
CA GLU A 763 -19.08 13.46 -45.16
C GLU A 763 -19.23 13.70 -43.66
N LYS A 764 -20.35 13.22 -43.11
CA LYS A 764 -20.71 13.47 -41.72
C LYS A 764 -20.78 14.96 -41.44
N GLY A 765 -21.30 15.72 -42.38
CA GLY A 765 -21.37 17.16 -42.23
C GLY A 765 -22.24 17.79 -43.29
N VAL A 766 -22.18 19.11 -43.36
CA VAL A 766 -22.98 19.86 -44.31
C VAL A 766 -22.50 19.60 -45.74
N ASN A 767 -23.43 19.60 -46.68
CA ASN A 767 -23.13 19.38 -48.08
C ASN A 767 -22.77 20.70 -48.77
N LEU A 768 -21.99 20.58 -49.84
CA LEU A 768 -21.53 21.74 -50.60
C LEU A 768 -21.74 21.50 -52.08
N SER A 769 -21.76 22.60 -52.84
CA SER A 769 -21.91 22.51 -54.29
C SER A 769 -20.60 22.09 -54.94
N GLY A 770 -20.71 21.64 -56.20
CA GLY A 770 -19.52 21.25 -56.93
C GLY A 770 -18.57 22.41 -57.17
N GLY A 771 -19.11 23.58 -57.45
CA GLY A 771 -18.27 24.75 -57.65
C GLY A 771 -17.47 25.11 -56.41
N GLN A 772 -18.11 25.03 -55.24
CA GLN A 772 -17.38 25.29 -54.00
C GLN A 772 -16.29 24.25 -53.78
N LYS A 773 -16.57 22.99 -54.11
CA LYS A 773 -15.55 21.95 -53.99
C LYS A 773 -14.36 22.24 -54.89
N GLN A 774 -14.63 22.62 -56.14
CA GLN A 774 -13.54 22.95 -57.06
C GLN A 774 -12.74 24.14 -56.57
N ARG A 775 -13.44 25.16 -56.05
CA ARG A 775 -12.74 26.32 -55.50
C ARG A 775 -11.87 25.93 -54.32
N VAL A 776 -12.37 25.05 -53.45
CA VAL A 776 -11.59 24.62 -52.29
C VAL A 776 -10.34 23.86 -52.75
N SER A 777 -10.50 22.97 -53.73
CA SER A 777 -9.34 22.24 -54.24
C SER A 777 -8.32 23.18 -54.87
N LEU A 778 -8.80 24.18 -55.63
CA LEU A 778 -7.88 25.14 -56.24
C LEU A 778 -7.16 25.95 -55.18
N ALA A 779 -7.86 26.32 -54.11
CA ALA A 779 -7.23 27.04 -53.01
C ALA A 779 -6.16 26.19 -52.34
N ARG A 780 -6.45 24.90 -52.14
CA ARG A 780 -5.44 24.00 -51.58
C ARG A 780 -4.23 23.91 -52.49
N ALA A 781 -4.46 23.82 -53.81
CA ALA A 781 -3.35 23.73 -54.75
C ALA A 781 -2.49 24.98 -54.72
N VAL A 782 -3.11 26.16 -54.71
CA VAL A 782 -2.31 27.39 -54.69
C VAL A 782 -1.61 27.57 -53.35
N TYR A 783 -2.22 27.10 -52.26
CA TYR A 783 -1.56 27.16 -50.97
C TYR A 783 -0.35 26.23 -50.92
N SER A 784 -0.39 25.13 -51.68
CA SER A 784 0.75 24.21 -51.70
C SER A 784 2.04 24.91 -52.10
N ASN A 785 1.95 25.92 -52.96
CA ASN A 785 3.09 26.72 -53.39
C ASN A 785 4.17 25.84 -54.03
N ALA A 786 3.81 25.22 -55.14
CA ALA A 786 4.70 24.34 -55.86
C ALA A 786 5.36 25.07 -57.02
N ASP A 787 6.19 24.34 -57.77
CA ASP A 787 6.91 24.89 -58.92
C ASP A 787 6.18 24.66 -60.23
N ILE A 788 5.54 23.51 -60.41
CA ILE A 788 4.80 23.17 -61.61
C ILE A 788 3.36 22.88 -61.22
N TYR A 789 2.41 23.49 -61.92
CA TYR A 789 0.99 23.29 -61.66
C TYR A 789 0.35 22.59 -62.84
N LEU A 790 -0.55 21.65 -62.55
CA LEU A 790 -1.18 20.83 -63.58
C LEU A 790 -2.68 20.76 -63.30
N PHE A 791 -3.46 21.46 -64.11
CA PHE A 791 -4.91 21.52 -63.94
C PHE A 791 -5.60 20.55 -64.88
N ASP A 792 -6.90 20.38 -64.65
CA ASP A 792 -7.74 19.55 -65.52
C ASP A 792 -9.17 20.11 -65.44
N ASP A 793 -9.50 20.98 -66.41
CA ASP A 793 -10.77 21.70 -66.51
C ASP A 793 -11.32 22.10 -65.15
N PRO A 794 -10.62 22.95 -64.39
CA PRO A 794 -11.06 23.28 -63.03
C PRO A 794 -12.18 24.30 -62.94
N LEU A 795 -12.85 24.61 -64.05
CA LEU A 795 -13.91 25.60 -64.05
C LEU A 795 -15.11 25.16 -64.88
N SER A 796 -15.31 23.85 -65.01
CA SER A 796 -16.42 23.34 -65.82
C SER A 796 -17.76 23.69 -65.20
N ALA A 797 -17.92 23.46 -63.90
CA ALA A 797 -19.17 23.73 -63.21
C ALA A 797 -19.24 25.13 -62.62
N VAL A 798 -18.17 25.91 -62.72
CA VAL A 798 -18.15 27.27 -62.19
C VAL A 798 -18.93 28.17 -63.13
N ASP A 799 -19.61 29.17 -62.57
CA ASP A 799 -20.35 30.13 -63.37
C ASP A 799 -19.39 30.92 -64.27
N ALA A 800 -19.90 31.36 -65.42
CA ALA A 800 -19.06 32.03 -66.41
C ALA A 800 -18.44 33.29 -65.84
N HIS A 801 -19.22 34.12 -65.14
CA HIS A 801 -18.66 35.34 -64.55
C HIS A 801 -17.64 35.00 -63.48
N VAL A 802 -17.97 34.06 -62.59
CA VAL A 802 -17.04 33.67 -61.53
C VAL A 802 -15.79 33.05 -62.12
N GLY A 803 -15.94 32.19 -63.11
CA GLY A 803 -14.78 31.58 -63.74
C GLY A 803 -13.89 32.61 -64.41
N LYS A 804 -14.49 33.58 -65.10
CA LYS A 804 -13.71 34.64 -65.73
C LYS A 804 -12.97 35.48 -64.69
N HIS A 805 -13.66 35.80 -63.58
CA HIS A 805 -13.00 36.56 -62.52
C HIS A 805 -11.82 35.80 -61.94
N ILE A 806 -12.00 34.49 -61.72
CA ILE A 806 -10.89 33.67 -61.21
C ILE A 806 -9.75 33.63 -62.22
N PHE A 807 -10.09 33.50 -63.51
CA PHE A 807 -9.06 33.43 -64.55
C PHE A 807 -8.22 34.69 -64.58
N GLU A 808 -8.86 35.86 -64.51
CA GLU A 808 -8.09 37.10 -64.45
C GLU A 808 -7.47 37.33 -63.08
N ASN A 809 -7.89 36.58 -62.05
CA ASN A 809 -7.37 36.81 -60.71
C ASN A 809 -6.06 36.07 -60.48
N VAL A 810 -5.99 34.80 -60.88
CA VAL A 810 -4.83 33.98 -60.57
C VAL A 810 -4.17 33.43 -61.83
N ILE A 811 -4.92 32.66 -62.63
CA ILE A 811 -4.32 31.90 -63.72
C ILE A 811 -3.71 32.84 -64.76
N GLY A 812 -4.40 33.93 -65.08
CA GLY A 812 -3.95 34.86 -66.09
C GLY A 812 -2.58 35.46 -65.78
N PRO A 813 -2.01 36.15 -66.77
CA PRO A 813 -0.67 36.73 -66.57
C PRO A 813 -0.61 37.78 -65.47
N LYS A 814 -1.75 38.35 -65.07
CA LYS A 814 -1.76 39.35 -64.02
C LYS A 814 -1.77 38.74 -62.62
N GLY A 815 -1.81 37.41 -62.50
CA GLY A 815 -1.83 36.75 -61.22
C GLY A 815 -0.46 36.73 -60.56
N MET A 816 -0.42 36.13 -59.38
CA MET A 816 0.81 36.05 -58.59
C MET A 816 1.65 34.83 -58.91
N LEU A 817 1.16 33.90 -59.73
CA LEU A 817 1.90 32.70 -60.08
C LEU A 817 2.42 32.73 -61.51
N LYS A 818 2.83 33.90 -62.00
CA LYS A 818 3.31 34.03 -63.37
C LYS A 818 4.75 33.58 -63.53
N ASN A 819 5.47 33.32 -62.44
CA ASN A 819 6.88 32.97 -62.51
C ASN A 819 7.12 31.46 -62.49
N LYS A 820 6.07 30.65 -62.46
CA LYS A 820 6.20 29.20 -62.43
C LYS A 820 5.67 28.60 -63.74
N THR A 821 5.71 27.27 -63.81
CA THR A 821 5.26 26.54 -64.98
C THR A 821 3.82 26.08 -64.78
N ARG A 822 2.97 26.37 -65.77
CA ARG A 822 1.55 26.09 -65.70
C ARG A 822 1.15 25.21 -66.87
N ILE A 823 0.36 24.17 -66.59
CA ILE A 823 -0.22 23.31 -67.61
C ILE A 823 -1.72 23.27 -67.38
N LEU A 824 -2.48 23.61 -68.42
CA LEU A 824 -3.94 23.65 -68.34
C LEU A 824 -4.52 22.92 -69.54
N VAL A 825 -5.56 22.12 -69.29
CA VAL A 825 -6.30 21.42 -70.33
C VAL A 825 -7.77 21.74 -70.16
N THR A 826 -8.46 21.93 -71.28
CA THR A 826 -9.89 22.23 -71.28
C THR A 826 -10.40 22.16 -72.71
N HIS A 827 -11.67 22.49 -72.89
CA HIS A 827 -12.28 22.65 -74.20
C HIS A 827 -13.03 23.96 -74.30
N SER A 828 -12.61 24.97 -73.54
CA SER A 828 -13.27 26.26 -73.55
C SER A 828 -12.97 26.99 -74.86
N MET A 829 -13.85 27.96 -75.19
CA MET A 829 -13.76 28.68 -76.44
C MET A 829 -13.35 30.14 -76.27
N SER A 830 -12.90 30.54 -75.08
CA SER A 830 -12.59 31.94 -74.82
C SER A 830 -11.16 32.19 -74.33
N TYR A 831 -10.55 31.23 -73.65
CA TYR A 831 -9.26 31.46 -73.01
C TYR A 831 -8.07 31.12 -73.91
N LEU A 832 -8.30 30.61 -75.11
CA LEU A 832 -7.20 30.27 -76.00
C LEU A 832 -6.35 31.47 -76.42
N PRO A 833 -6.91 32.61 -76.83
CA PRO A 833 -6.07 33.68 -77.36
C PRO A 833 -5.05 34.24 -76.38
N GLN A 834 -5.27 34.12 -75.07
CA GLN A 834 -4.39 34.74 -74.10
C GLN A 834 -3.28 33.80 -73.62
N VAL A 835 -3.23 32.56 -74.11
CA VAL A 835 -2.18 31.63 -73.72
C VAL A 835 -0.96 31.82 -74.61
N ASP A 836 0.17 31.23 -74.22
CA ASP A 836 1.43 31.40 -74.95
C ASP A 836 1.57 30.39 -76.08
N VAL A 837 1.54 29.09 -75.75
CA VAL A 837 1.76 28.03 -76.73
C VAL A 837 0.60 27.05 -76.67
N ILE A 838 0.11 26.65 -77.85
CA ILE A 838 -1.00 25.72 -77.97
C ILE A 838 -0.49 24.44 -78.64
N ILE A 839 -0.84 23.30 -78.05
CA ILE A 839 -0.47 22.00 -78.58
C ILE A 839 -1.74 21.23 -78.90
N VAL A 840 -1.85 20.75 -80.13
CA VAL A 840 -3.02 20.00 -80.60
C VAL A 840 -2.58 18.58 -80.93
N MET A 841 -3.32 17.60 -80.42
CA MET A 841 -3.02 16.21 -80.66
C MET A 841 -4.29 15.46 -81.07
N SER A 842 -4.11 14.42 -81.88
CA SER A 842 -5.21 13.57 -82.31
C SER A 842 -4.65 12.19 -82.64
N GLY A 843 -5.48 11.17 -82.44
CA GLY A 843 -5.08 9.81 -82.74
C GLY A 843 -3.86 9.33 -81.99
N GLY A 844 -3.55 9.95 -80.85
CA GLY A 844 -2.36 9.62 -80.09
C GLY A 844 -1.08 10.28 -80.56
N LYS A 845 -1.16 11.14 -81.58
CA LYS A 845 0.02 11.84 -82.07
C LYS A 845 -0.23 13.34 -82.08
N ILE A 846 0.79 14.11 -81.72
CA ILE A 846 0.69 15.57 -81.71
C ILE A 846 0.85 16.07 -83.14
N SER A 847 -0.13 16.84 -83.61
CA SER A 847 -0.11 17.31 -84.99
C SER A 847 0.77 18.55 -85.15
N GLU A 848 0.41 19.63 -84.47
CA GLU A 848 1.14 20.89 -84.60
C GLU A 848 1.33 21.52 -83.23
N MET A 849 2.45 22.22 -83.07
CA MET A 849 2.75 22.97 -81.86
C MET A 849 3.26 24.35 -82.25
N GLY A 850 2.81 25.36 -81.53
CA GLY A 850 3.24 26.72 -81.81
C GLY A 850 2.37 27.73 -81.09
N SER A 851 2.72 29.00 -81.29
CA SER A 851 1.99 30.09 -80.68
C SER A 851 0.65 30.30 -81.40
N TYR A 852 -0.21 31.11 -80.77
CA TYR A 852 -1.52 31.38 -81.33
C TYR A 852 -1.42 32.13 -82.66
N GLN A 853 -0.53 33.13 -82.73
CA GLN A 853 -0.41 33.92 -83.95
C GLN A 853 0.09 33.07 -85.11
N GLU A 854 1.10 32.23 -84.86
CA GLU A 854 1.63 31.38 -85.92
C GLU A 854 0.59 30.39 -86.41
N LEU A 855 -0.17 29.79 -85.48
CA LEU A 855 -1.21 28.85 -85.86
C LEU A 855 -2.30 29.55 -86.66
N LEU A 856 -2.68 30.76 -86.25
CA LEU A 856 -3.71 31.50 -86.98
C LEU A 856 -3.22 31.86 -88.38
N ALA A 857 -1.96 32.27 -88.50
CA ALA A 857 -1.41 32.61 -89.82
C ALA A 857 -1.29 31.38 -90.71
N ARG A 858 -0.99 30.22 -90.13
CA ARG A 858 -0.90 28.99 -90.92
C ARG A 858 -2.24 28.60 -91.52
N ASP A 859 -3.33 28.84 -90.78
CA ASP A 859 -4.69 28.52 -91.25
C ASP A 859 -4.83 27.05 -91.61
N GLY A 860 -4.23 26.19 -90.78
CA GLY A 860 -4.31 24.76 -91.00
C GLY A 860 -5.49 24.13 -90.27
N ALA A 861 -5.24 23.03 -89.56
CA ALA A 861 -6.29 22.37 -88.81
C ALA A 861 -6.81 23.22 -87.65
N PHE A 862 -6.00 24.17 -87.18
CA PHE A 862 -6.47 25.06 -86.10
C PHE A 862 -7.65 25.91 -86.57
N ALA A 863 -7.57 26.43 -87.80
CA ALA A 863 -8.68 27.21 -88.34
C ALA A 863 -9.92 26.34 -88.53
N GLU A 864 -9.72 25.09 -88.98
CA GLU A 864 -10.85 24.17 -89.13
C GLU A 864 -11.51 23.89 -87.80
N PHE A 865 -10.72 23.65 -86.76
CA PHE A 865 -11.28 23.45 -85.42
C PHE A 865 -12.02 24.70 -84.95
N LEU A 866 -11.45 25.87 -85.17
CA LEU A 866 -12.08 27.11 -84.74
C LEU A 866 -13.43 27.30 -85.42
N ARG A 867 -13.49 27.12 -86.73
CA ARG A 867 -14.75 27.31 -87.45
C ARG A 867 -15.76 26.23 -87.08
N THR A 868 -15.30 24.98 -86.88
CA THR A 868 -16.21 23.91 -86.52
C THR A 868 -16.85 24.15 -85.16
N TYR A 869 -16.07 24.59 -84.19
CA TYR A 869 -16.61 24.82 -82.86
C TYR A 869 -17.20 26.21 -82.69
N ALA A 870 -17.04 27.10 -83.67
CA ALA A 870 -17.77 28.36 -83.68
C ALA A 870 -19.12 28.25 -84.37
N SER A 871 -19.24 27.33 -85.34
CA SER A 871 -20.54 27.10 -85.97
C SER A 871 -21.56 26.58 -84.96
N THR A 872 -21.13 25.67 -84.09
CA THR A 872 -22.00 25.13 -83.06
C THR A 872 -22.30 26.16 -81.98
N PHE A 973 -51.62 -16.59 -13.45
CA PHE A 973 -52.17 -17.93 -13.35
C PHE A 973 -51.13 -19.00 -13.67
N ILE A 974 -50.04 -18.58 -14.34
CA ILE A 974 -49.00 -19.51 -14.71
C ILE A 974 -47.83 -19.52 -13.73
N SER A 975 -47.72 -18.51 -12.87
CA SER A 975 -46.56 -18.43 -11.97
C SER A 975 -46.57 -19.56 -10.95
N PHE A 976 -47.69 -19.76 -10.26
CA PHE A 976 -47.73 -20.81 -9.25
C PHE A 976 -47.68 -22.19 -9.88
N LEU A 977 -48.28 -22.36 -11.06
CA LEU A 977 -48.18 -23.65 -11.76
C LEU A 977 -46.73 -23.95 -12.12
N SER A 978 -46.00 -22.95 -12.63
CA SER A 978 -44.60 -23.14 -12.96
C SER A 978 -43.78 -23.46 -11.72
N ILE A 979 -44.05 -22.77 -10.61
CA ILE A 979 -43.32 -23.04 -9.38
C ILE A 979 -43.60 -24.45 -8.89
N PHE A 980 -44.86 -24.88 -8.94
CA PHE A 980 -45.21 -26.23 -8.51
C PHE A 980 -44.55 -27.28 -9.38
N LEU A 981 -44.52 -27.06 -10.69
CA LEU A 981 -43.85 -27.99 -11.59
C LEU A 981 -42.35 -28.02 -11.34
N PHE A 982 -41.75 -26.86 -11.05
CA PHE A 982 -40.33 -26.81 -10.69
C PHE A 982 -40.06 -27.66 -9.47
N MET A 983 -40.86 -27.47 -8.41
CA MET A 983 -40.66 -28.23 -7.18
C MET A 983 -40.86 -29.72 -7.44
N CYS A 984 -41.88 -30.09 -8.23
CA CYS A 984 -42.11 -31.49 -8.51
C CYS A 984 -40.94 -32.12 -9.25
N ASN A 985 -40.42 -31.42 -10.27
CA ASN A 985 -39.29 -31.96 -11.02
C ASN A 985 -38.06 -32.12 -10.12
N HIS A 986 -37.78 -31.12 -9.29
CA HIS A 986 -36.57 -31.19 -8.46
C HIS A 986 -36.69 -32.26 -7.39
N VAL A 987 -37.86 -32.39 -6.76
CA VAL A 987 -38.02 -33.44 -5.77
C VAL A 987 -38.02 -34.81 -6.45
N SER A 988 -38.50 -34.90 -7.69
CA SER A 988 -38.40 -36.16 -8.42
C SER A 988 -36.95 -36.55 -8.67
N ALA A 989 -36.12 -35.58 -9.08
CA ALA A 989 -34.70 -35.87 -9.27
C ALA A 989 -34.03 -36.28 -7.96
N LEU A 990 -34.35 -35.57 -6.88
CA LEU A 990 -33.78 -35.90 -5.58
C LEU A 990 -34.20 -37.30 -5.12
N ALA A 991 -35.48 -37.64 -5.32
CA ALA A 991 -35.96 -38.97 -4.97
C ALA A 991 -35.29 -40.04 -5.82
N SER A 992 -35.05 -39.74 -7.11
CA SER A 992 -34.31 -40.67 -7.95
C SER A 992 -32.93 -40.95 -7.40
N ASN A 993 -32.19 -39.89 -7.05
CA ASN A 993 -30.85 -40.08 -6.51
C ASN A 993 -30.89 -40.84 -5.19
N TYR A 994 -31.83 -40.49 -4.31
CA TYR A 994 -31.93 -41.17 -3.03
C TYR A 994 -32.27 -42.64 -3.19
N TRP A 995 -33.18 -42.96 -4.13
CA TRP A 995 -33.55 -44.35 -4.36
C TRP A 995 -32.38 -45.13 -4.94
N LEU A 996 -31.60 -44.52 -5.83
CA LEU A 996 -30.42 -45.21 -6.34
C LEU A 996 -29.42 -45.48 -5.22
N SER A 997 -29.21 -44.49 -4.35
CA SER A 997 -28.28 -44.69 -3.23
C SER A 997 -28.77 -45.79 -2.29
N LEU A 998 -30.08 -45.82 -2.01
CA LEU A 998 -30.63 -46.88 -1.18
C LEU A 998 -30.48 -48.25 -1.84
N TRP A 999 -30.71 -48.32 -3.15
CA TRP A 999 -30.62 -49.58 -3.87
C TRP A 999 -29.20 -50.11 -3.91
N THR A 1000 -28.21 -49.22 -4.07
CA THR A 1000 -26.83 -49.68 -4.24
C THR A 1000 -26.24 -50.32 -2.99
N ASP A 1001 -26.91 -50.20 -1.85
CA ASP A 1001 -26.39 -50.74 -0.59
C ASP A 1001 -27.19 -51.94 -0.09
N ASP A 1002 -27.83 -52.67 -0.99
CA ASP A 1002 -28.55 -53.87 -0.59
C ASP A 1002 -27.59 -55.00 -0.27
N PRO A 1003 -27.90 -55.82 0.73
CA PRO A 1003 -27.01 -56.94 1.06
C PRO A 1003 -27.01 -58.00 -0.05
N ILE A 1004 -25.89 -58.71 -0.15
CA ILE A 1004 -25.71 -59.76 -1.14
C ILE A 1004 -25.92 -61.11 -0.46
N VAL A 1005 -26.89 -61.87 -0.96
CA VAL A 1005 -27.21 -63.19 -0.42
C VAL A 1005 -27.44 -64.14 -1.59
N ASN A 1006 -26.77 -65.30 -1.56
CA ASN A 1006 -26.92 -66.34 -2.58
C ASN A 1006 -26.55 -65.83 -3.97
N GLY A 1007 -25.62 -64.88 -4.05
CA GLY A 1007 -25.17 -64.36 -5.32
C GLY A 1007 -26.01 -63.22 -5.86
N THR A 1008 -27.31 -63.22 -5.53
CA THR A 1008 -28.21 -62.19 -6.01
C THR A 1008 -28.33 -61.05 -5.01
N GLN A 1009 -28.84 -59.92 -5.50
CA GLN A 1009 -29.00 -58.72 -4.68
C GLN A 1009 -30.38 -58.73 -4.02
N GLU A 1010 -30.52 -59.61 -3.03
CA GLU A 1010 -31.77 -59.78 -2.29
C GLU A 1010 -32.91 -60.10 -3.25
N HIS A 1011 -33.67 -59.08 -3.65
CA HIS A 1011 -34.70 -59.24 -4.67
C HIS A 1011 -34.71 -58.00 -5.55
N THR A 1012 -34.42 -58.19 -6.83
CA THR A 1012 -34.43 -57.10 -7.80
C THR A 1012 -35.80 -57.04 -8.47
N LYS A 1013 -35.88 -56.34 -9.61
CA LYS A 1013 -37.06 -56.18 -10.44
C LYS A 1013 -38.14 -55.34 -9.77
N VAL A 1014 -37.90 -54.82 -8.57
CA VAL A 1014 -38.84 -53.92 -7.92
C VAL A 1014 -38.34 -52.48 -7.87
N ARG A 1015 -37.02 -52.26 -7.87
CA ARG A 1015 -36.50 -50.90 -7.93
C ARG A 1015 -36.61 -50.31 -9.33
N LEU A 1016 -36.47 -51.14 -10.36
CA LEU A 1016 -36.54 -50.64 -11.73
C LEU A 1016 -37.93 -50.09 -12.05
N SER A 1017 -38.97 -50.74 -11.53
CA SER A 1017 -40.34 -50.29 -11.82
C SER A 1017 -40.59 -48.88 -11.28
N VAL A 1018 -40.28 -48.66 -10.01
CA VAL A 1018 -40.50 -47.34 -9.42
C VAL A 1018 -39.53 -46.32 -10.04
N TYR A 1019 -38.31 -46.76 -10.38
CA TYR A 1019 -37.37 -45.88 -11.06
C TYR A 1019 -37.95 -45.36 -12.37
N GLY A 1020 -38.46 -46.27 -13.21
CA GLY A 1020 -39.04 -45.86 -14.47
C GLY A 1020 -40.30 -45.03 -14.30
N ALA A 1021 -41.13 -45.37 -13.31
CA ALA A 1021 -42.34 -44.60 -13.07
C ALA A 1021 -42.02 -43.16 -12.69
N LEU A 1022 -41.05 -42.98 -11.78
CA LEU A 1022 -40.67 -41.63 -11.38
C LEU A 1022 -39.99 -40.89 -12.52
N GLY A 1023 -39.21 -41.58 -13.35
CA GLY A 1023 -38.62 -40.93 -14.51
C GLY A 1023 -39.68 -40.44 -15.49
N ILE A 1024 -40.70 -41.27 -15.75
CA ILE A 1024 -41.79 -40.87 -16.63
C ILE A 1024 -42.55 -39.70 -16.03
N SER A 1025 -42.76 -39.71 -14.70
CA SER A 1025 -43.43 -38.59 -14.05
C SER A 1025 -42.62 -37.30 -14.20
N GLN A 1026 -41.30 -37.39 -14.03
CA GLN A 1026 -40.45 -36.22 -14.21
C GLN A 1026 -40.51 -35.70 -15.64
N GLY A 1027 -40.49 -36.61 -16.62
CA GLY A 1027 -40.62 -36.19 -18.00
C GLY A 1027 -41.95 -35.51 -18.29
N ILE A 1028 -43.04 -36.06 -17.72
CA ILE A 1028 -44.34 -35.43 -17.88
C ILE A 1028 -44.35 -34.04 -17.27
N ALA A 1029 -43.75 -33.90 -16.09
CA ALA A 1029 -43.71 -32.59 -15.43
C ALA A 1029 -42.90 -31.58 -16.22
N VAL A 1030 -41.75 -32.00 -16.78
CA VAL A 1030 -40.93 -31.06 -17.52
C VAL A 1030 -41.61 -30.66 -18.82
N PHE A 1031 -42.31 -31.60 -19.48
CA PHE A 1031 -43.08 -31.24 -20.66
C PHE A 1031 -44.23 -30.30 -20.30
N GLY A 1032 -44.86 -30.52 -19.15
CA GLY A 1032 -45.95 -29.66 -18.72
C GLY A 1032 -45.49 -28.23 -18.48
N TYR A 1033 -44.37 -28.07 -17.77
CA TYR A 1033 -43.89 -26.70 -17.56
C TYR A 1033 -43.28 -26.12 -18.84
N SER A 1034 -42.83 -26.97 -19.76
CA SER A 1034 -42.43 -26.49 -21.08
C SER A 1034 -43.62 -25.83 -21.78
N MET A 1035 -44.75 -26.53 -21.81
CA MET A 1035 -45.94 -25.97 -22.44
C MET A 1035 -46.43 -24.73 -21.70
N ALA A 1036 -46.34 -24.75 -20.36
CA ALA A 1036 -46.78 -23.60 -19.58
C ALA A 1036 -45.94 -22.37 -19.88
N VAL A 1037 -44.63 -22.52 -19.91
CA VAL A 1037 -43.76 -21.37 -20.18
C VAL A 1037 -43.87 -20.93 -21.63
N SER A 1038 -44.16 -21.86 -22.55
CA SER A 1038 -44.37 -21.47 -23.93
C SER A 1038 -45.65 -20.67 -24.09
N ILE A 1039 -46.73 -21.08 -23.42
CA ILE A 1039 -47.98 -20.35 -23.50
C ILE A 1039 -47.86 -18.98 -22.83
N GLY A 1040 -47.25 -18.95 -21.64
CA GLY A 1040 -47.11 -17.68 -20.93
C GLY A 1040 -46.24 -16.68 -21.65
N GLY A 1041 -45.14 -17.14 -22.23
CA GLY A 1041 -44.21 -16.27 -22.94
C GLY A 1041 -44.79 -15.70 -24.22
N PRO A 1088 -37.16 -14.57 -21.65
CA PRO A 1088 -37.80 -15.81 -21.19
C PRO A 1088 -36.80 -16.88 -20.77
N GLU A 1089 -35.81 -17.15 -21.64
CA GLU A 1089 -34.81 -18.16 -21.33
C GLU A 1089 -33.91 -17.71 -20.18
N VAL A 1090 -33.72 -16.40 -20.01
CA VAL A 1090 -32.86 -15.90 -18.94
C VAL A 1090 -33.43 -16.31 -17.59
N ILE A 1091 -34.72 -16.05 -17.37
CA ILE A 1091 -35.35 -16.45 -16.12
C ILE A 1091 -35.36 -17.96 -15.97
N LYS A 1092 -35.56 -18.66 -17.09
CA LYS A 1092 -35.48 -20.12 -17.10
C LYS A 1092 -34.18 -20.63 -16.48
N MET A 1093 -33.04 -20.24 -17.08
CA MET A 1093 -31.77 -20.73 -16.58
C MET A 1093 -31.45 -20.18 -15.20
N PHE A 1094 -31.89 -18.95 -14.90
CA PHE A 1094 -31.64 -18.39 -13.57
C PHE A 1094 -32.31 -19.23 -12.50
N MET A 1095 -33.61 -19.50 -12.66
CA MET A 1095 -34.32 -20.32 -11.69
C MET A 1095 -33.75 -21.73 -11.62
N GLY A 1096 -33.42 -22.31 -12.78
CA GLY A 1096 -32.85 -23.65 -12.78
C GLY A 1096 -31.56 -23.73 -12.01
N SER A 1097 -30.64 -22.80 -12.26
CA SER A 1097 -29.35 -22.79 -11.58
C SER A 1097 -29.53 -22.54 -10.08
N LEU A 1098 -30.43 -21.61 -9.72
CA LEU A 1098 -30.65 -21.33 -8.30
C LEU A 1098 -31.18 -22.56 -7.57
N PHE A 1099 -32.17 -23.23 -8.15
CA PHE A 1099 -32.72 -24.42 -7.50
C PHE A 1099 -31.70 -25.55 -7.44
N ASN A 1100 -30.91 -25.73 -8.51
CA ASN A 1100 -29.90 -26.79 -8.49
C ASN A 1100 -28.83 -26.51 -7.43
N VAL A 1101 -28.39 -25.25 -7.31
CA VAL A 1101 -27.35 -24.95 -6.33
C VAL A 1101 -27.90 -25.00 -4.91
N ILE A 1102 -29.20 -24.73 -4.71
CA ILE A 1102 -29.74 -24.93 -3.37
C ILE A 1102 -29.88 -26.42 -3.05
N GLY A 1103 -30.20 -27.25 -4.05
CA GLY A 1103 -30.25 -28.68 -3.82
C GLY A 1103 -28.89 -29.27 -3.50
N ALA A 1104 -27.86 -28.79 -4.19
CA ALA A 1104 -26.50 -29.28 -3.94
C ALA A 1104 -26.04 -28.98 -2.52
N CYS A 1105 -26.64 -28.00 -1.86
CA CYS A 1105 -26.33 -27.72 -0.46
C CYS A 1105 -27.24 -28.48 0.49
N ILE A 1106 -28.52 -28.63 0.15
CA ILE A 1106 -29.41 -29.37 1.03
C ILE A 1106 -29.00 -30.83 1.11
N VAL A 1107 -28.46 -31.40 0.02
CA VAL A 1107 -28.02 -32.79 0.05
C VAL A 1107 -26.88 -32.96 1.06
N ILE A 1108 -25.89 -32.06 1.00
CA ILE A 1108 -24.76 -32.15 1.93
C ILE A 1108 -25.24 -31.93 3.36
N LEU A 1109 -26.19 -31.02 3.56
CA LEU A 1109 -26.70 -30.79 4.91
C LEU A 1109 -27.40 -32.04 5.43
N LEU A 1110 -28.16 -32.73 4.58
CA LEU A 1110 -28.84 -33.95 5.00
C LEU A 1110 -27.85 -35.06 5.31
N ALA A 1111 -26.80 -35.20 4.50
CA ALA A 1111 -25.84 -36.27 4.71
C ALA A 1111 -25.09 -36.10 6.01
N THR A 1112 -24.71 -34.86 6.35
CA THR A 1112 -23.98 -34.58 7.58
C THR A 1112 -24.48 -33.27 8.19
N PRO A 1113 -25.03 -33.29 9.40
CA PRO A 1113 -25.55 -32.05 9.99
C PRO A 1113 -24.48 -31.06 10.43
N ILE A 1114 -23.19 -31.41 10.32
CA ILE A 1114 -22.14 -30.50 10.76
C ILE A 1114 -21.65 -29.57 9.67
N ALA A 1115 -22.03 -29.80 8.41
CA ALA A 1115 -21.56 -28.95 7.32
C ALA A 1115 -22.14 -27.55 7.36
N ALA A 1116 -23.21 -27.34 8.14
CA ALA A 1116 -23.87 -26.04 8.19
C ALA A 1116 -22.93 -24.93 8.67
N ILE A 1117 -21.77 -25.26 9.22
CA ILE A 1117 -20.80 -24.24 9.60
C ILE A 1117 -20.30 -23.50 8.36
N ILE A 1118 -20.04 -24.23 7.28
CA ILE A 1118 -19.31 -23.67 6.14
C ILE A 1118 -20.19 -22.99 5.10
N ILE A 1119 -21.51 -23.19 5.15
CA ILE A 1119 -22.41 -22.60 4.16
C ILE A 1119 -22.40 -21.06 4.24
N PRO A 1120 -22.53 -20.43 5.41
CA PRO A 1120 -22.56 -18.95 5.43
C PRO A 1120 -21.30 -18.32 4.86
N PRO A 1121 -20.09 -18.65 5.36
CA PRO A 1121 -18.91 -17.94 4.85
C PRO A 1121 -18.68 -18.12 3.36
N LEU A 1122 -19.02 -19.29 2.81
CA LEU A 1122 -18.90 -19.49 1.36
C LEU A 1122 -20.07 -18.91 0.59
N GLY A 1123 -21.15 -18.53 1.27
CA GLY A 1123 -22.26 -17.86 0.63
C GLY A 1123 -22.11 -16.38 0.49
N LEU A 1124 -20.99 -15.82 0.97
CA LEU A 1124 -20.70 -14.40 0.87
C LEU A 1124 -19.55 -14.10 -0.06
N ILE A 1125 -18.45 -14.85 0.02
CA ILE A 1125 -17.29 -14.60 -0.83
C ILE A 1125 -17.69 -14.67 -2.29
N TYR A 1126 -18.52 -15.63 -2.65
CA TYR A 1126 -19.02 -15.70 -4.03
C TYR A 1126 -19.87 -14.49 -4.37
N PHE A 1127 -20.72 -14.05 -3.44
CA PHE A 1127 -21.66 -12.98 -3.74
C PHE A 1127 -20.94 -11.70 -4.15
N PHE A 1128 -19.96 -11.27 -3.35
CA PHE A 1128 -19.21 -10.07 -3.69
C PHE A 1128 -18.44 -10.21 -4.99
N VAL A 1129 -18.20 -11.43 -5.45
CA VAL A 1129 -17.55 -11.61 -6.74
C VAL A 1129 -18.57 -11.43 -7.87
N GLN A 1130 -19.81 -11.84 -7.65
CA GLN A 1130 -20.83 -11.75 -8.69
C GLN A 1130 -21.27 -10.32 -8.95
N ARG A 1131 -21.16 -9.41 -7.99
CA ARG A 1131 -21.65 -8.05 -8.16
C ARG A 1131 -20.60 -7.07 -8.68
N PHE A 1132 -19.34 -7.22 -8.30
CA PHE A 1132 -18.31 -6.34 -8.83
C PHE A 1132 -18.12 -6.57 -10.33
N TYR A 1133 -18.08 -7.83 -10.75
CA TYR A 1133 -17.77 -8.15 -12.15
C TYR A 1133 -18.86 -7.65 -13.09
N VAL A 1134 -20.13 -7.80 -12.70
CA VAL A 1134 -21.22 -7.39 -13.57
C VAL A 1134 -21.22 -5.88 -13.78
N ALA A 1135 -20.88 -5.12 -12.76
CA ALA A 1135 -20.87 -3.66 -12.84
C ALA A 1135 -19.54 -3.10 -13.34
N SER A 1136 -18.57 -3.95 -13.65
CA SER A 1136 -17.29 -3.50 -14.18
C SER A 1136 -16.94 -4.06 -15.55
N SER A 1137 -17.49 -5.20 -15.95
CA SER A 1137 -17.29 -5.73 -17.28
C SER A 1137 -18.42 -5.37 -18.23
N ARG A 1138 -19.37 -4.55 -17.79
CA ARG A 1138 -20.38 -4.02 -18.68
C ARG A 1138 -20.03 -2.65 -19.24
N GLN A 1139 -19.08 -1.95 -18.61
CA GLN A 1139 -18.62 -0.66 -19.11
C GLN A 1139 -17.38 -0.78 -19.99
N LEU A 1140 -16.64 -1.89 -19.90
CA LEU A 1140 -15.50 -2.11 -20.77
C LEU A 1140 -15.85 -2.88 -22.02
N LYS A 1141 -17.11 -3.32 -22.16
CA LYS A 1141 -17.59 -3.97 -23.37
C LYS A 1141 -18.31 -3.00 -24.29
N ARG A 1142 -18.35 -1.71 -23.95
CA ARG A 1142 -18.96 -0.69 -24.79
C ARG A 1142 -17.94 0.21 -25.48
N LEU A 1143 -16.74 0.34 -24.91
CA LEU A 1143 -15.72 1.19 -25.51
C LEU A 1143 -15.27 0.65 -26.86
N GLU A 1144 -15.26 -0.67 -27.03
CA GLU A 1144 -14.83 -1.27 -28.29
C GLU A 1144 -15.78 -0.89 -29.42
N SER A 1145 -17.09 -0.90 -29.16
CA SER A 1145 -18.04 -0.49 -30.18
C SER A 1145 -17.85 0.96 -30.58
N VAL A 1146 -17.39 1.80 -29.65
CA VAL A 1146 -17.09 3.18 -29.98
C VAL A 1146 -15.83 3.28 -30.84
N SER A 1147 -14.79 2.52 -30.49
CA SER A 1147 -13.50 2.66 -31.14
C SER A 1147 -13.34 1.83 -32.40
N ARG A 1148 -14.32 1.00 -32.75
CA ARG A 1148 -14.16 0.11 -33.91
C ARG A 1148 -14.22 0.88 -35.23
N SER A 1149 -15.18 1.79 -35.38
CA SER A 1149 -15.42 2.42 -36.68
C SER A 1149 -14.25 3.21 -37.25
N PRO A 1150 -13.49 3.99 -36.48
CA PRO A 1150 -12.52 4.92 -37.11
C PRO A 1150 -11.52 4.27 -38.06
N VAL A 1151 -11.01 3.08 -37.75
CA VAL A 1151 -10.01 2.48 -38.62
C VAL A 1151 -10.61 2.17 -39.99
N TYR A 1152 -11.81 1.59 -40.01
CA TYR A 1152 -12.46 1.30 -41.28
C TYR A 1152 -12.76 2.57 -42.06
N SER A 1153 -13.27 3.61 -41.36
CA SER A 1153 -13.58 4.85 -42.06
C SER A 1153 -12.33 5.48 -42.66
N HIS A 1154 -11.23 5.49 -41.89
CA HIS A 1154 -9.99 6.07 -42.38
C HIS A 1154 -9.44 5.30 -43.56
N PHE A 1155 -9.51 3.96 -43.53
CA PHE A 1155 -9.04 3.18 -44.65
C PHE A 1155 -9.88 3.45 -45.90
N ASN A 1156 -11.19 3.56 -45.74
CA ASN A 1156 -12.03 3.88 -46.90
C ASN A 1156 -11.67 5.23 -47.49
N GLU A 1157 -11.45 6.23 -46.63
CA GLU A 1157 -11.09 7.56 -47.12
C GLU A 1157 -9.76 7.54 -47.85
N THR A 1158 -8.76 6.84 -47.29
CA THR A 1158 -7.45 6.77 -47.96
C THR A 1158 -7.57 6.07 -49.30
N LEU A 1159 -8.34 4.97 -49.35
CA LEU A 1159 -8.49 4.25 -50.61
C LEU A 1159 -9.20 5.09 -51.65
N LEU A 1160 -10.13 5.95 -51.24
CA LEU A 1160 -10.77 6.83 -52.21
C LEU A 1160 -9.88 8.00 -52.63
N GLY A 1161 -8.94 8.42 -51.78
CA GLY A 1161 -8.11 9.57 -52.12
C GLY A 1161 -6.71 9.27 -52.60
N VAL A 1162 -6.38 7.99 -52.75
CA VAL A 1162 -5.05 7.51 -53.14
C VAL A 1162 -4.38 8.35 -54.22
N SER A 1163 -5.10 8.70 -55.29
CA SER A 1163 -4.47 9.37 -56.42
C SER A 1163 -3.89 10.72 -56.01
N VAL A 1164 -4.70 11.57 -55.39
CA VAL A 1164 -4.23 12.88 -54.96
C VAL A 1164 -3.22 12.75 -53.83
N ILE A 1165 -3.42 11.76 -52.95
CA ILE A 1165 -2.50 11.60 -51.83
C ILE A 1165 -1.11 11.20 -52.32
N ARG A 1166 -1.04 10.54 -53.47
CA ARG A 1166 0.26 10.19 -54.03
C ARG A 1166 0.82 11.25 -54.97
N ALA A 1167 -0.04 12.08 -55.58
CA ALA A 1167 0.46 13.14 -56.44
C ALA A 1167 1.30 14.14 -55.65
N PHE A 1168 0.87 14.48 -54.44
CA PHE A 1168 1.53 15.51 -53.65
C PHE A 1168 2.81 15.03 -52.97
N GLU A 1169 3.15 13.74 -53.11
CA GLU A 1169 4.29 13.14 -52.42
C GLU A 1169 4.14 13.31 -50.91
N GLU A 1170 2.93 13.02 -50.41
CA GLU A 1170 2.65 12.99 -48.98
C GLU A 1170 1.96 11.65 -48.70
N GLN A 1171 2.76 10.62 -48.47
CA GLN A 1171 2.24 9.30 -48.14
C GLN A 1171 2.85 8.71 -46.89
N GLU A 1172 3.74 9.43 -46.20
CA GLU A 1172 4.31 8.94 -44.96
C GLU A 1172 3.49 9.36 -43.74
N ARG A 1173 2.86 10.53 -43.78
CA ARG A 1173 2.06 10.97 -42.65
C ARG A 1173 0.84 10.10 -42.45
N PHE A 1174 0.20 9.67 -43.55
CA PHE A 1174 -1.04 8.92 -43.43
C PHE A 1174 -0.82 7.53 -42.86
N ILE A 1175 0.35 6.93 -43.10
CA ILE A 1175 0.65 5.64 -42.49
C ILE A 1175 0.66 5.77 -40.97
N HIS A 1176 1.32 6.81 -40.46
CA HIS A 1176 1.31 7.06 -39.02
C HIS A 1176 -0.09 7.37 -38.52
N GLN A 1177 -0.86 8.13 -39.30
CA GLN A 1177 -2.22 8.47 -38.89
C GLN A 1177 -3.08 7.22 -38.72
N SER A 1178 -3.00 6.30 -39.69
CA SER A 1178 -3.77 5.05 -39.58
C SER A 1178 -3.17 4.08 -38.58
N ASP A 1179 -1.89 4.24 -38.23
CA ASP A 1179 -1.31 3.45 -37.15
C ASP A 1179 -1.83 3.89 -35.81
N LEU A 1180 -2.03 5.19 -35.61
CA LEU A 1180 -2.37 5.73 -34.29
C LEU A 1180 -3.77 5.35 -33.83
N LYS A 1181 -4.59 4.75 -34.69
CA LYS A 1181 -5.95 4.35 -34.34
C LYS A 1181 -6.07 2.86 -34.01
N VAL A 1182 -5.42 1.99 -34.78
CA VAL A 1182 -5.42 0.57 -34.46
C VAL A 1182 -4.73 0.32 -33.13
N ASP A 1183 -3.83 1.22 -32.73
CA ASP A 1183 -3.27 1.15 -31.39
C ASP A 1183 -4.26 1.59 -30.34
N GLU A 1184 -5.15 2.52 -30.67
CA GLU A 1184 -6.19 2.95 -29.75
C GLU A 1184 -7.31 1.93 -29.62
N ASN A 1185 -7.48 1.04 -30.59
CA ASN A 1185 -8.43 -0.05 -30.48
C ASN A 1185 -7.88 -1.26 -29.74
N GLN A 1186 -6.59 -1.27 -29.43
CA GLN A 1186 -5.96 -2.38 -28.72
C GLN A 1186 -5.52 -2.00 -27.32
N LYS A 1187 -5.95 -0.84 -26.82
CA LYS A 1187 -5.67 -0.45 -25.45
C LYS A 1187 -6.87 -0.66 -24.54
N ALA A 1188 -8.08 -0.49 -25.05
CA ALA A 1188 -9.31 -0.78 -24.33
C ALA A 1188 -9.83 -2.20 -24.57
N TYR A 1189 -9.10 -3.00 -25.33
CA TYR A 1189 -9.47 -4.38 -25.61
C TYR A 1189 -8.63 -5.40 -24.86
N TYR A 1190 -7.37 -5.10 -24.60
CA TYR A 1190 -6.51 -6.01 -23.85
C TYR A 1190 -7.02 -6.27 -22.43
N PRO A 1191 -7.43 -5.28 -21.64
CA PRO A 1191 -7.96 -5.58 -20.31
C PRO A 1191 -9.43 -5.95 -20.29
N SER A 1192 -10.06 -6.20 -21.43
CA SER A 1192 -11.42 -6.70 -21.45
C SER A 1192 -11.50 -8.22 -21.49
N ILE A 1193 -10.36 -8.90 -21.58
CA ILE A 1193 -10.32 -10.35 -21.48
C ILE A 1193 -9.62 -10.84 -20.21
N VAL A 1194 -8.69 -10.07 -19.65
CA VAL A 1194 -8.11 -10.45 -18.36
C VAL A 1194 -9.19 -10.42 -17.27
N ALA A 1195 -10.11 -9.47 -17.36
CA ALA A 1195 -11.26 -9.45 -16.44
C ALA A 1195 -12.17 -10.64 -16.64
N ASN A 1196 -11.88 -11.50 -17.61
CA ASN A 1196 -12.56 -12.78 -17.74
C ASN A 1196 -11.73 -13.92 -17.15
N ARG A 1197 -10.41 -13.78 -17.18
CA ARG A 1197 -9.54 -14.76 -16.51
C ARG A 1197 -9.42 -14.48 -15.02
N TRP A 1198 -10.00 -13.38 -14.55
CA TRP A 1198 -10.01 -13.12 -13.11
C TRP A 1198 -11.13 -13.91 -12.44
N LEU A 1199 -12.38 -13.62 -12.81
CA LEU A 1199 -13.52 -14.25 -12.17
C LEU A 1199 -13.46 -15.76 -12.26
N ALA A 1200 -13.09 -16.29 -13.43
CA ALA A 1200 -13.04 -17.74 -13.59
C ALA A 1200 -12.10 -18.39 -12.59
N VAL A 1201 -10.97 -17.73 -12.28
CA VAL A 1201 -10.09 -18.27 -11.26
C VAL A 1201 -10.71 -18.13 -9.88
N ARG A 1202 -11.35 -16.99 -9.63
CA ARG A 1202 -11.92 -16.72 -8.31
C ARG A 1202 -13.16 -17.57 -8.02
N LEU A 1203 -13.78 -18.13 -9.04
CA LEU A 1203 -14.99 -18.91 -8.88
C LEU A 1203 -14.75 -20.41 -8.95
N GLU A 1204 -13.48 -20.83 -9.01
CA GLU A 1204 -13.15 -22.25 -8.98
C GLU A 1204 -12.52 -22.69 -7.67
N CYS A 1205 -11.89 -21.79 -6.93
CA CYS A 1205 -11.44 -22.13 -5.58
C CYS A 1205 -12.61 -22.35 -4.63
N VAL A 1206 -13.69 -21.58 -4.81
CA VAL A 1206 -14.91 -21.82 -4.04
C VAL A 1206 -15.46 -23.20 -4.35
N GLY A 1207 -15.48 -23.58 -5.63
CA GLY A 1207 -15.97 -24.90 -5.99
C GLY A 1207 -15.11 -26.02 -5.47
N ASN A 1208 -13.79 -25.81 -5.43
CA ASN A 1208 -12.88 -26.84 -4.95
C ASN A 1208 -12.65 -26.81 -3.45
N CYS A 1209 -13.23 -25.84 -2.75
CA CYS A 1209 -13.17 -25.81 -1.29
C CYS A 1209 -14.39 -26.43 -0.63
N ILE A 1210 -15.28 -27.06 -1.40
CA ILE A 1210 -16.43 -27.75 -0.84
C ILE A 1210 -16.16 -29.26 -0.88
N VAL A 1211 -15.43 -29.72 -1.89
CA VAL A 1211 -15.08 -31.13 -1.97
C VAL A 1211 -14.24 -31.54 -0.76
N LEU A 1212 -13.25 -30.72 -0.40
CA LEU A 1212 -12.40 -31.04 0.72
C LEU A 1212 -13.18 -31.14 2.02
N PHE A 1213 -14.08 -30.17 2.27
CA PHE A 1213 -14.84 -30.15 3.50
C PHE A 1213 -16.02 -31.11 3.50
N ALA A 1214 -16.41 -31.65 2.35
CA ALA A 1214 -17.41 -32.70 2.32
C ALA A 1214 -16.81 -34.08 2.36
N ALA A 1215 -15.50 -34.22 2.09
CA ALA A 1215 -14.83 -35.49 2.30
C ALA A 1215 -14.27 -35.61 3.71
N LEU A 1216 -13.69 -34.53 4.25
CA LEU A 1216 -13.13 -34.57 5.59
C LEU A 1216 -14.22 -34.81 6.64
N PHE A 1217 -15.36 -34.14 6.50
CA PHE A 1217 -16.45 -34.31 7.46
C PHE A 1217 -17.17 -35.64 7.28
N ALA A 1218 -16.90 -36.38 6.21
CA ALA A 1218 -17.48 -37.70 6.02
C ALA A 1218 -16.53 -38.82 6.40
N VAL A 1219 -15.22 -38.57 6.41
CA VAL A 1219 -14.28 -39.60 6.84
C VAL A 1219 -14.25 -39.72 8.36
N ILE A 1220 -14.53 -38.62 9.08
CA ILE A 1220 -14.45 -38.63 10.54
C ILE A 1220 -15.47 -39.59 11.14
N SER A 1221 -16.64 -39.71 10.52
CA SER A 1221 -17.75 -40.48 11.07
C SER A 1221 -18.06 -41.71 10.22
N ARG A 1222 -17.00 -42.44 9.82
CA ARG A 1222 -17.18 -43.62 8.99
C ARG A 1222 -17.90 -44.75 9.71
N HIS A 1223 -17.98 -44.70 11.03
CA HIS A 1223 -18.60 -45.78 11.80
C HIS A 1223 -20.12 -45.74 11.76
N SER A 1224 -20.72 -44.67 11.24
CA SER A 1224 -22.17 -44.54 11.20
C SER A 1224 -22.72 -44.22 9.83
N LEU A 1225 -21.88 -44.07 8.81
CA LEU A 1225 -22.31 -43.73 7.45
C LEU A 1225 -22.10 -44.93 6.54
N SER A 1226 -23.15 -45.27 5.80
CA SER A 1226 -23.04 -46.33 4.80
C SER A 1226 -22.32 -45.80 3.56
N ALA A 1227 -22.09 -46.68 2.59
CA ALA A 1227 -21.38 -46.26 1.37
C ALA A 1227 -22.23 -45.33 0.52
N GLY A 1228 -23.54 -45.53 0.50
CA GLY A 1228 -24.40 -44.76 -0.39
C GLY A 1228 -24.39 -43.28 -0.08
N LEU A 1229 -24.47 -42.92 1.20
CA LEU A 1229 -24.51 -41.51 1.57
C LEU A 1229 -23.20 -40.80 1.23
N VAL A 1230 -22.07 -41.45 1.50
CA VAL A 1230 -20.78 -40.86 1.14
C VAL A 1230 -20.67 -40.71 -0.37
N GLY A 1231 -21.09 -41.72 -1.12
CA GLY A 1231 -21.06 -41.63 -2.57
C GLY A 1231 -21.89 -40.47 -3.09
N LEU A 1232 -23.12 -40.34 -2.58
CA LEU A 1232 -23.99 -39.25 -3.01
C LEU A 1232 -23.37 -37.89 -2.68
N SER A 1233 -22.85 -37.74 -1.46
CA SER A 1233 -22.29 -36.46 -1.07
C SER A 1233 -21.10 -36.09 -1.95
N VAL A 1234 -20.18 -37.03 -2.16
CA VAL A 1234 -18.98 -36.69 -2.94
C VAL A 1234 -19.33 -36.46 -4.40
N SER A 1235 -20.26 -37.23 -4.96
CA SER A 1235 -20.65 -37.02 -6.35
C SER A 1235 -21.34 -35.67 -6.54
N TYR A 1236 -22.23 -35.29 -5.62
CA TYR A 1236 -22.93 -34.02 -5.77
C TYR A 1236 -22.02 -32.83 -5.45
N SER A 1237 -20.94 -33.04 -4.71
CA SER A 1237 -20.03 -31.92 -4.44
C SER A 1237 -19.18 -31.55 -5.64
N LEU A 1238 -19.02 -32.46 -6.61
CA LEU A 1238 -18.21 -32.13 -7.79
C LEU A 1238 -18.94 -31.24 -8.77
N GLN A 1239 -20.25 -31.44 -8.93
CA GLN A 1239 -21.04 -30.73 -9.92
C GLN A 1239 -21.51 -29.36 -9.45
N VAL A 1240 -20.82 -28.75 -8.50
CA VAL A 1240 -21.24 -27.44 -8.03
C VAL A 1240 -20.51 -26.31 -8.76
N THR A 1241 -19.26 -26.53 -9.18
CA THR A 1241 -18.51 -25.46 -9.84
C THR A 1241 -19.12 -25.11 -11.18
N THR A 1242 -19.53 -26.11 -11.96
CA THR A 1242 -20.12 -25.84 -13.27
C THR A 1242 -21.40 -25.03 -13.15
N TYR A 1243 -22.28 -25.43 -12.25
CA TYR A 1243 -23.57 -24.75 -12.08
C TYR A 1243 -23.43 -23.42 -11.36
N LEU A 1244 -22.34 -23.22 -10.60
CA LEU A 1244 -22.07 -21.90 -10.05
C LEU A 1244 -21.53 -20.95 -11.10
N ASN A 1245 -20.69 -21.47 -12.00
CA ASN A 1245 -20.12 -20.62 -13.06
C ASN A 1245 -21.14 -20.30 -14.13
N TRP A 1246 -22.09 -21.20 -14.38
CA TRP A 1246 -23.10 -20.93 -15.39
C TRP A 1246 -24.01 -19.77 -14.99
N LEU A 1247 -24.31 -19.63 -13.70
CA LEU A 1247 -25.25 -18.61 -13.25
C LEU A 1247 -24.69 -17.21 -13.39
N VAL A 1248 -23.40 -17.01 -13.10
CA VAL A 1248 -22.82 -15.68 -13.11
C VAL A 1248 -22.70 -15.10 -14.52
N ARG A 1249 -22.21 -15.88 -15.48
CA ARG A 1249 -21.95 -15.36 -16.82
C ARG A 1249 -23.25 -15.16 -17.61
N MET A 1250 -24.01 -16.23 -17.80
CA MET A 1250 -25.27 -16.15 -18.53
C MET A 1250 -26.43 -16.01 -17.55
N SER A 1251 -27.55 -15.48 -18.07
CA SER A 1251 -28.80 -15.27 -17.35
C SER A 1251 -28.69 -14.21 -16.26
N SER A 1252 -27.52 -13.61 -16.06
CA SER A 1252 -27.37 -12.51 -15.12
C SER A 1252 -26.95 -11.22 -15.82
N GLU A 1253 -25.87 -11.27 -16.61
CA GLU A 1253 -25.44 -10.08 -17.35
C GLU A 1253 -26.43 -9.72 -18.45
N MET A 1254 -27.04 -10.71 -19.09
CA MET A 1254 -27.96 -10.44 -20.19
C MET A 1254 -29.17 -9.63 -19.72
N GLU A 1255 -29.71 -9.98 -18.55
CA GLU A 1255 -30.87 -9.26 -18.02
C GLU A 1255 -30.42 -8.14 -17.09
N MET B 1 -28.28 -20.33 46.79
CA MET B 1 -28.36 -21.77 46.61
C MET B 1 -29.52 -22.13 45.69
N ALA B 2 -30.10 -21.12 45.03
CA ALA B 2 -31.22 -21.37 44.13
C ALA B 2 -30.78 -22.04 42.83
N LEU B 3 -29.48 -22.01 42.52
CA LEU B 3 -29.01 -22.60 41.27
C LEU B 3 -29.22 -24.11 41.23
N ARG B 4 -29.10 -24.77 42.38
CA ARG B 4 -29.27 -26.22 42.43
C ARG B 4 -30.66 -26.63 41.98
N GLY B 5 -31.70 -25.91 42.44
CA GLY B 5 -33.05 -26.18 41.98
C GLY B 5 -33.38 -25.54 40.65
N PHE B 6 -32.59 -24.55 40.23
CA PHE B 6 -32.83 -23.90 38.94
C PHE B 6 -32.34 -24.77 37.78
N CYS B 7 -31.23 -25.49 37.97
CA CYS B 7 -30.63 -26.25 36.87
C CYS B 7 -31.57 -27.34 36.38
N SER B 8 -32.20 -28.06 37.30
CA SER B 8 -33.10 -29.16 36.95
C SER B 8 -34.03 -29.41 38.14
N ALA B 9 -34.81 -30.47 38.06
CA ALA B 9 -35.77 -30.83 39.10
C ALA B 9 -35.26 -31.96 39.99
N ASP B 10 -33.99 -32.34 39.87
CA ASP B 10 -33.43 -33.42 40.66
C ASP B 10 -32.12 -33.07 41.36
N GLY B 11 -31.49 -31.95 41.03
CA GLY B 11 -30.22 -31.59 41.63
C GLY B 11 -29.10 -32.55 41.29
N SER B 12 -29.10 -33.10 40.08
CA SER B 12 -28.07 -34.03 39.64
C SER B 12 -26.98 -33.36 38.81
N ASP B 13 -27.03 -32.04 38.65
CA ASP B 13 -26.05 -31.29 37.86
C ASP B 13 -25.53 -30.14 38.70
N PRO B 14 -24.65 -30.41 39.66
CA PRO B 14 -24.06 -29.32 40.45
C PRO B 14 -23.18 -28.44 39.59
N LEU B 15 -23.06 -27.18 40.02
CA LEU B 15 -22.30 -26.21 39.24
C LEU B 15 -20.84 -26.62 39.09
N TRP B 16 -20.22 -27.08 40.18
CA TRP B 16 -18.83 -27.51 40.16
C TRP B 16 -18.72 -28.89 40.77
N ASP B 17 -18.07 -29.80 40.05
CA ASP B 17 -17.93 -31.19 40.48
C ASP B 17 -16.54 -31.55 40.95
N TRP B 18 -15.51 -31.00 40.33
CA TRP B 18 -14.09 -31.32 40.55
C TRP B 18 -13.74 -32.75 40.13
N ASN B 19 -14.71 -33.52 39.65
CA ASN B 19 -14.47 -34.88 39.19
C ASN B 19 -14.74 -35.05 37.71
N VAL B 20 -15.17 -34.00 37.02
CA VAL B 20 -15.42 -34.06 35.59
C VAL B 20 -14.54 -33.11 34.80
N THR B 21 -14.00 -32.05 35.41
CA THR B 21 -13.20 -31.08 34.69
C THR B 21 -11.72 -31.12 35.03
N TRP B 22 -11.32 -31.79 36.10
CA TRP B 22 -9.92 -31.71 36.49
C TRP B 22 -9.26 -33.07 36.69
N ASN B 23 -9.99 -34.06 37.21
CA ASN B 23 -9.38 -35.32 37.61
C ASN B 23 -9.49 -36.41 36.55
N THR B 24 -10.02 -36.11 35.37
CA THR B 24 -10.17 -37.10 34.32
C THR B 24 -9.09 -36.92 33.26
N SER B 25 -9.11 -37.80 32.26
CA SER B 25 -8.20 -37.71 31.13
C SER B 25 -8.81 -36.97 29.94
N ASN B 26 -10.06 -36.52 30.06
CA ASN B 26 -10.71 -35.77 28.99
C ASN B 26 -11.61 -34.74 29.62
N PRO B 27 -11.08 -33.57 29.97
CA PRO B 27 -11.88 -32.57 30.67
C PRO B 27 -13.02 -32.04 29.81
N ASP B 28 -14.13 -31.74 30.47
CA ASP B 28 -15.31 -31.21 29.80
C ASP B 28 -16.24 -30.62 30.85
N PHE B 29 -16.77 -29.43 30.58
CA PHE B 29 -17.65 -28.77 31.53
C PHE B 29 -18.99 -29.50 31.61
N THR B 30 -19.74 -29.19 32.67
CA THR B 30 -21.04 -29.80 32.87
C THR B 30 -22.09 -29.08 32.02
N LYS B 31 -23.36 -29.32 32.30
CA LYS B 31 -24.44 -28.79 31.49
C LYS B 31 -24.93 -27.43 31.97
N CYS B 32 -25.29 -27.32 33.26
CA CYS B 32 -25.83 -26.06 33.77
C CYS B 32 -24.81 -24.94 33.67
N PHE B 33 -23.55 -25.24 33.98
CA PHE B 33 -22.50 -24.23 33.87
C PHE B 33 -22.40 -23.70 32.45
N GLN B 34 -22.37 -24.60 31.46
CA GLN B 34 -22.30 -24.19 30.07
C GLN B 34 -23.51 -23.36 29.68
N ASN B 35 -24.71 -23.77 30.13
CA ASN B 35 -25.91 -23.06 29.72
C ASN B 35 -25.97 -21.66 30.32
N THR B 36 -25.51 -21.50 31.56
CA THR B 36 -25.68 -20.22 32.26
C THR B 36 -24.48 -19.30 32.13
N VAL B 37 -23.31 -19.70 32.65
CA VAL B 37 -22.24 -18.73 32.87
C VAL B 37 -21.59 -18.30 31.56
N LEU B 38 -21.28 -19.27 30.70
CA LEU B 38 -20.63 -18.94 29.44
C LEU B 38 -21.53 -18.07 28.57
N VAL B 39 -22.84 -18.30 28.62
CA VAL B 39 -23.78 -17.48 27.88
C VAL B 39 -23.87 -16.08 28.49
N TRP B 40 -23.88 -15.99 29.82
CA TRP B 40 -24.18 -14.72 30.48
C TRP B 40 -22.99 -13.76 30.44
N VAL B 41 -21.76 -14.28 30.48
CA VAL B 41 -20.60 -13.39 30.67
C VAL B 41 -20.49 -12.32 29.59
N PRO B 42 -20.58 -12.62 28.27
CA PRO B 42 -20.49 -11.54 27.27
C PRO B 42 -21.55 -10.46 27.44
N CYS B 43 -22.78 -10.87 27.79
CA CYS B 43 -23.85 -9.91 27.97
C CYS B 43 -23.55 -8.96 29.12
N PHE B 44 -23.04 -9.49 30.23
CA PHE B 44 -22.66 -8.63 31.34
C PHE B 44 -21.49 -7.73 30.98
N TYR B 45 -20.54 -8.23 30.18
CA TYR B 45 -19.42 -7.39 29.78
C TYR B 45 -19.89 -6.19 28.97
N LEU B 46 -20.77 -6.43 27.99
CA LEU B 46 -21.19 -5.32 27.15
C LEU B 46 -22.15 -4.39 27.87
N TRP B 47 -23.07 -4.94 28.67
CA TRP B 47 -24.09 -4.11 29.30
C TRP B 47 -23.52 -3.14 30.32
N ALA B 48 -22.27 -3.31 30.75
CA ALA B 48 -21.66 -2.43 31.74
C ALA B 48 -20.68 -1.44 31.12
N CYS B 49 -20.70 -1.28 29.80
CA CYS B 49 -19.83 -0.32 29.12
C CYS B 49 -20.56 0.55 28.13
N PHE B 50 -21.89 0.45 28.04
CA PHE B 50 -22.67 1.22 27.08
C PHE B 50 -22.93 2.65 27.54
N PRO B 51 -23.43 2.89 28.77
CA PRO B 51 -23.65 4.28 29.19
C PRO B 51 -22.39 5.13 29.20
N PHE B 52 -21.26 4.56 29.63
CA PHE B 52 -20.02 5.33 29.68
C PHE B 52 -19.56 5.71 28.28
N TYR B 53 -19.58 4.75 27.36
CA TYR B 53 -19.17 5.04 25.99
C TYR B 53 -20.12 6.05 25.34
N PHE B 54 -21.42 5.91 25.59
CA PHE B 54 -22.38 6.85 25.03
C PHE B 54 -22.14 8.27 25.56
N LEU B 55 -21.90 8.40 26.87
CA LEU B 55 -21.63 9.71 27.44
C LEU B 55 -20.36 10.31 26.88
N TYR B 56 -19.31 9.49 26.73
CA TYR B 56 -18.05 10.01 26.19
C TYR B 56 -18.20 10.43 24.73
N LEU B 57 -18.96 9.65 23.95
CA LEU B 57 -19.12 9.94 22.52
C LEU B 57 -20.14 11.04 22.26
N SER B 58 -20.94 11.42 23.23
CA SER B 58 -21.89 12.51 23.05
C SER B 58 -21.25 13.89 23.07
N ARG B 59 -19.92 13.98 22.95
CA ARG B 59 -19.25 15.28 22.97
C ARG B 59 -18.13 15.39 21.93
N HIS B 60 -18.03 14.49 20.97
CA HIS B 60 -16.88 14.46 20.06
C HIS B 60 -17.34 14.28 18.61
N ASP B 61 -18.32 15.08 18.19
CA ASP B 61 -18.74 15.07 16.79
C ASP B 61 -17.57 15.46 15.89
N ARG B 62 -17.31 14.63 14.88
CA ARG B 62 -16.16 14.85 14.01
C ARG B 62 -16.43 14.65 12.51
N GLY B 63 -17.52 14.01 12.10
CA GLY B 63 -17.69 13.71 10.70
C GLY B 63 -19.02 13.06 10.43
N TYR B 64 -19.27 12.79 9.14
CA TYR B 64 -20.55 12.25 8.68
C TYR B 64 -20.32 11.17 7.62
N ILE B 65 -19.48 10.17 7.92
CA ILE B 65 -19.22 9.09 6.97
C ILE B 65 -20.53 8.48 6.53
N GLN B 66 -20.84 8.58 5.24
CA GLN B 66 -22.25 8.49 4.79
C GLN B 66 -22.74 7.07 4.56
N MET B 67 -22.26 6.41 3.51
CA MET B 67 -22.89 5.19 3.00
C MET B 67 -21.88 4.16 2.55
N THR B 68 -20.85 3.93 3.35
CA THR B 68 -19.90 2.87 3.01
C THR B 68 -20.62 1.51 3.04
N PRO B 69 -20.33 0.63 2.08
CA PRO B 69 -21.03 -0.68 2.06
C PRO B 69 -20.76 -1.54 3.29
N LEU B 70 -19.65 -1.31 3.99
CA LEU B 70 -19.39 -2.03 5.23
C LEU B 70 -20.48 -1.79 6.25
N ASN B 71 -20.94 -0.54 6.37
CA ASN B 71 -22.05 -0.23 7.26
C ASN B 71 -23.35 -0.82 6.75
N LYS B 72 -23.46 -1.09 5.45
CA LYS B 72 -24.66 -1.73 4.93
C LYS B 72 -24.69 -3.21 5.25
N THR B 73 -23.53 -3.87 5.26
CA THR B 73 -23.51 -5.31 5.54
C THR B 73 -23.43 -5.63 7.02
N LYS B 74 -22.72 -4.82 7.82
CA LYS B 74 -22.62 -5.10 9.24
C LYS B 74 -23.98 -4.99 9.93
N THR B 75 -24.78 -4.00 9.55
CA THR B 75 -26.12 -3.88 10.11
C THR B 75 -26.97 -5.09 9.76
N ALA B 76 -26.88 -5.57 8.50
CA ALA B 76 -27.65 -6.73 8.10
C ALA B 76 -27.24 -7.97 8.90
N LEU B 77 -25.94 -8.17 9.08
CA LEU B 77 -25.49 -9.32 9.86
C LEU B 77 -25.93 -9.22 11.32
N GLY B 78 -25.83 -8.03 11.91
CA GLY B 78 -26.27 -7.85 13.28
C GLY B 78 -27.76 -8.10 13.45
N PHE B 79 -28.56 -7.68 12.46
CA PHE B 79 -29.99 -7.95 12.52
C PHE B 79 -30.29 -9.44 12.34
N LEU B 80 -29.50 -10.11 11.49
CA LEU B 80 -29.73 -11.54 11.27
C LEU B 80 -29.33 -12.37 12.48
N LEU B 81 -28.35 -11.90 13.26
CA LEU B 81 -27.91 -12.63 14.45
C LEU B 81 -28.97 -12.68 15.54
N TRP B 82 -30.04 -11.90 15.43
CA TRP B 82 -31.08 -11.80 16.45
C TRP B 82 -32.23 -12.79 16.20
N ILE B 83 -32.55 -13.05 14.93
CA ILE B 83 -33.71 -13.86 14.61
C ILE B 83 -33.51 -15.31 15.01
N VAL B 84 -32.28 -15.83 14.94
CA VAL B 84 -32.06 -17.23 15.32
C VAL B 84 -32.24 -17.41 16.82
N CYS B 85 -31.70 -16.47 17.61
CA CYS B 85 -31.88 -16.54 19.05
C CYS B 85 -33.34 -16.37 19.45
N TRP B 86 -34.11 -15.60 18.68
CA TRP B 86 -35.54 -15.52 18.96
C TRP B 86 -36.25 -16.82 18.57
N ALA B 87 -35.81 -17.44 17.47
CA ALA B 87 -36.44 -18.68 17.03
C ALA B 87 -36.21 -19.81 18.02
N ASP B 88 -35.04 -19.83 18.67
CA ASP B 88 -34.78 -20.82 19.71
C ASP B 88 -35.83 -20.72 20.82
N LEU B 89 -36.09 -19.49 21.27
CA LEU B 89 -37.10 -19.28 22.32
C LEU B 89 -38.48 -19.66 21.83
N PHE B 90 -38.80 -19.35 20.57
CA PHE B 90 -40.10 -19.72 20.03
C PHE B 90 -40.30 -21.23 20.03
N TYR B 91 -39.28 -21.99 19.60
CA TYR B 91 -39.39 -23.44 19.62
C TYR B 91 -39.49 -23.98 21.03
N SER B 92 -38.74 -23.38 21.97
CA SER B 92 -38.87 -23.79 23.36
C SER B 92 -40.28 -23.56 23.88
N PHE B 93 -40.89 -22.44 23.50
CA PHE B 93 -42.27 -22.18 23.89
C PHE B 93 -43.21 -23.22 23.31
N TRP B 94 -43.02 -23.59 22.04
CA TRP B 94 -43.84 -24.64 21.44
C TRP B 94 -43.71 -25.94 22.22
N GLU B 95 -42.46 -26.34 22.53
CA GLU B 95 -42.23 -27.60 23.22
C GLU B 95 -42.85 -27.60 24.60
N ARG B 96 -42.75 -26.47 25.32
CA ARG B 96 -43.42 -26.37 26.62
C ARG B 96 -44.93 -26.46 26.46
N SER B 97 -45.47 -25.81 25.43
CA SER B 97 -46.92 -25.77 25.27
C SER B 97 -47.49 -27.14 24.96
N ARG B 98 -46.80 -27.95 24.15
CA ARG B 98 -47.45 -29.15 23.65
C ARG B 98 -47.48 -30.27 24.70
N GLY B 99 -46.31 -30.81 25.06
CA GLY B 99 -46.30 -31.91 25.99
C GLY B 99 -45.09 -32.07 26.90
N ILE B 100 -44.16 -31.12 26.89
CA ILE B 100 -42.83 -31.33 27.44
C ILE B 100 -42.56 -30.31 28.55
N PHE B 101 -42.09 -30.80 29.69
CA PHE B 101 -41.55 -29.95 30.74
C PHE B 101 -40.06 -29.74 30.47
N LEU B 102 -39.63 -28.49 30.40
CA LEU B 102 -38.27 -28.17 29.99
C LEU B 102 -37.51 -27.25 30.93
N ALA B 103 -38.07 -26.90 32.10
CA ALA B 103 -37.43 -26.06 33.11
C ALA B 103 -37.27 -24.62 32.62
N PRO B 104 -37.26 -23.63 33.52
CA PRO B 104 -37.21 -22.23 33.09
C PRO B 104 -35.90 -21.81 32.43
N VAL B 105 -34.83 -22.61 32.55
CA VAL B 105 -33.53 -22.19 32.03
C VAL B 105 -33.60 -21.95 30.53
N PHE B 106 -34.27 -22.85 29.80
CA PHE B 106 -34.39 -22.68 28.36
C PHE B 106 -35.30 -21.51 27.98
N LEU B 107 -36.06 -20.96 28.93
CA LEU B 107 -36.98 -19.87 28.65
C LEU B 107 -36.45 -18.51 29.10
N VAL B 108 -35.23 -18.44 29.62
CA VAL B 108 -34.70 -17.18 30.13
C VAL B 108 -33.38 -16.84 29.46
N SER B 109 -32.44 -17.79 29.46
CA SER B 109 -31.09 -17.53 28.97
C SER B 109 -31.06 -17.07 27.51
N PRO B 110 -31.76 -17.71 26.56
CA PRO B 110 -31.67 -17.24 25.17
C PRO B 110 -32.12 -15.81 24.96
N THR B 111 -33.12 -15.34 25.71
CA THR B 111 -33.74 -14.05 25.38
C THR B 111 -32.82 -12.87 25.61
N LEU B 112 -31.74 -13.03 26.38
CA LEU B 112 -30.81 -11.93 26.58
C LEU B 112 -29.89 -11.71 25.38
N LEU B 113 -29.58 -12.78 24.65
CA LEU B 113 -28.68 -12.64 23.50
C LEU B 113 -29.29 -11.75 22.43
N GLY B 114 -30.59 -11.88 22.20
CA GLY B 114 -31.24 -11.00 21.24
C GLY B 114 -31.15 -9.54 21.62
N ILE B 115 -31.37 -9.24 22.91
CA ILE B 115 -31.28 -7.86 23.37
C ILE B 115 -29.86 -7.32 23.21
N THR B 116 -28.85 -8.13 23.56
CA THR B 116 -27.47 -7.67 23.41
C THR B 116 -27.13 -7.41 21.95
N MET B 117 -27.57 -8.30 21.04
CA MET B 117 -27.32 -8.07 19.62
C MET B 117 -28.03 -6.81 19.11
N LEU B 118 -29.26 -6.57 19.55
CA LEU B 118 -29.93 -5.35 19.13
C LEU B 118 -29.19 -4.11 19.61
N LEU B 119 -28.71 -4.12 20.86
CA LEU B 119 -27.94 -2.99 21.35
C LEU B 119 -26.65 -2.80 20.56
N ALA B 120 -25.96 -3.89 20.22
CA ALA B 120 -24.73 -3.77 19.43
C ALA B 120 -25.02 -3.19 18.06
N THR B 121 -26.11 -3.62 17.42
CA THR B 121 -26.47 -3.07 16.12
C THR B 121 -26.74 -1.58 16.21
N PHE B 122 -27.48 -1.15 17.24
CA PHE B 122 -27.74 0.28 17.39
C PHE B 122 -26.45 1.06 17.63
N LEU B 123 -25.54 0.49 18.42
CA LEU B 123 -24.27 1.16 18.70
C LEU B 123 -23.44 1.34 17.44
N ILE B 124 -23.50 0.38 16.51
CA ILE B 124 -22.76 0.54 15.26
C ILE B 124 -23.26 1.76 14.50
N GLN B 125 -24.58 1.92 14.41
CA GLN B 125 -25.14 3.08 13.70
C GLN B 125 -24.78 4.38 14.38
N LEU B 126 -24.85 4.43 15.71
CA LEU B 126 -24.47 5.65 16.41
C LEU B 126 -23.00 5.98 16.18
N GLU B 127 -22.14 4.96 16.22
CA GLU B 127 -20.72 5.15 16.01
C GLU B 127 -20.45 5.69 14.60
N ARG B 128 -21.18 5.19 13.61
CA ARG B 128 -21.06 5.74 12.26
C ARG B 128 -21.51 7.19 12.21
N ARG B 129 -22.61 7.52 12.90
CA ARG B 129 -23.12 8.88 12.88
C ARG B 129 -22.11 9.86 13.48
N LYS B 130 -21.48 9.49 14.58
CA LYS B 130 -20.52 10.39 15.21
C LYS B 130 -19.17 10.41 14.50
N GLY B 131 -18.95 9.54 13.52
CA GLY B 131 -17.78 9.61 12.67
C GLY B 131 -16.46 9.23 13.30
N VAL B 132 -16.28 7.95 13.62
CA VAL B 132 -14.99 7.41 14.03
C VAL B 132 -14.74 6.14 13.24
N GLN B 133 -13.52 6.00 12.69
CA GLN B 133 -13.24 4.91 11.77
C GLN B 133 -12.98 3.60 12.51
N SER B 134 -12.05 3.61 13.46
CA SER B 134 -11.64 2.39 14.16
C SER B 134 -12.28 2.36 15.54
N SER B 135 -12.78 1.20 15.94
CA SER B 135 -13.47 1.02 17.21
C SER B 135 -12.65 0.13 18.12
N GLY B 136 -12.56 0.50 19.39
CA GLY B 136 -11.85 -0.26 20.38
C GLY B 136 -12.71 -1.08 21.32
N ILE B 137 -14.02 -1.18 21.06
CA ILE B 137 -14.93 -1.91 21.91
C ILE B 137 -15.54 -3.11 21.19
N MET B 138 -15.84 -2.96 19.90
CA MET B 138 -16.42 -4.06 19.14
C MET B 138 -15.47 -5.25 19.04
N LEU B 139 -14.18 -4.98 18.85
CA LEU B 139 -13.22 -6.07 18.70
C LEU B 139 -13.17 -6.95 19.94
N THR B 140 -13.08 -6.33 21.12
CA THR B 140 -12.99 -7.10 22.35
C THR B 140 -14.26 -7.91 22.59
N PHE B 141 -15.42 -7.30 22.37
CA PHE B 141 -16.67 -8.01 22.59
C PHE B 141 -16.79 -9.21 21.66
N TRP B 142 -16.46 -9.02 20.37
CA TRP B 142 -16.54 -10.14 19.44
C TRP B 142 -15.57 -11.25 19.81
N LEU B 143 -14.35 -10.89 20.25
CA LEU B 143 -13.38 -11.90 20.64
C LEU B 143 -13.88 -12.72 21.83
N VAL B 144 -14.43 -12.04 22.85
CA VAL B 144 -14.92 -12.75 24.03
C VAL B 144 -16.06 -13.68 23.65
N ALA B 145 -17.01 -13.19 22.86
CA ALA B 145 -18.14 -14.02 22.46
C ALA B 145 -17.66 -15.23 21.65
N LEU B 146 -16.67 -15.03 20.79
CA LEU B 146 -16.15 -16.13 19.98
C LEU B 146 -15.51 -17.20 20.85
N VAL B 147 -14.72 -16.81 21.86
CA VAL B 147 -14.10 -17.80 22.73
C VAL B 147 -15.16 -18.59 23.49
N CYS B 148 -16.16 -17.88 24.05
CA CYS B 148 -17.21 -18.56 24.80
C CYS B 148 -18.01 -19.51 23.91
N ALA B 149 -18.20 -19.16 22.63
CA ALA B 149 -18.87 -20.08 21.72
C ALA B 149 -17.99 -21.25 21.32
N LEU B 150 -16.68 -21.03 21.21
CA LEU B 150 -15.76 -22.10 20.83
C LEU B 150 -15.75 -23.20 21.88
N ALA B 151 -15.80 -22.82 23.16
CA ALA B 151 -15.84 -23.84 24.21
C ALA B 151 -17.03 -24.78 24.02
N ILE B 152 -18.22 -24.21 23.85
CA ILE B 152 -19.43 -25.04 23.69
C ILE B 152 -19.36 -25.84 22.40
N LEU B 153 -18.79 -25.27 21.34
CA LEU B 153 -18.68 -26.00 20.09
C LEU B 153 -17.80 -27.23 20.25
N ARG B 154 -16.67 -27.08 20.94
CA ARG B 154 -15.81 -28.25 21.18
C ARG B 154 -16.54 -29.29 22.01
N SER B 155 -17.26 -28.86 23.04
CA SER B 155 -17.99 -29.83 23.86
C SER B 155 -19.02 -30.60 23.05
N LYS B 156 -19.77 -29.89 22.20
CA LYS B 156 -20.80 -30.55 21.40
C LYS B 156 -20.20 -31.47 20.34
N ILE B 157 -19.09 -31.05 19.72
CA ILE B 157 -18.46 -31.90 18.72
C ILE B 157 -17.89 -33.15 19.36
N MET B 158 -17.46 -33.07 20.63
CA MET B 158 -16.96 -34.26 21.30
C MET B 158 -18.11 -35.18 21.70
N THR B 159 -19.21 -34.62 22.22
CA THR B 159 -20.31 -35.44 22.68
C THR B 159 -21.23 -35.93 21.57
N ALA B 160 -21.04 -35.45 20.33
CA ALA B 160 -21.92 -35.85 19.25
C ALA B 160 -21.65 -37.28 18.82
N LEU B 161 -20.43 -37.55 18.34
CA LEU B 161 -20.08 -38.87 17.82
C LEU B 161 -19.47 -39.78 18.88
N LYS B 162 -20.15 -39.94 20.02
CA LYS B 162 -19.62 -40.80 21.07
C LYS B 162 -20.12 -42.23 20.94
N GLU B 163 -21.43 -42.43 21.09
CA GLU B 163 -22.04 -43.74 20.83
C GLU B 163 -23.54 -43.54 20.67
N ASP B 164 -24.03 -43.69 19.44
CA ASP B 164 -25.45 -43.66 19.08
C ASP B 164 -26.25 -42.64 19.90
N ALA B 165 -25.67 -41.46 20.12
CA ALA B 165 -26.30 -40.46 20.97
C ALA B 165 -27.56 -39.91 20.32
N GLN B 166 -28.56 -39.61 21.15
CA GLN B 166 -29.81 -39.03 20.70
C GLN B 166 -29.74 -37.53 20.97
N VAL B 167 -29.52 -36.75 19.91
CA VAL B 167 -29.43 -35.29 19.99
C VAL B 167 -30.50 -34.69 19.11
N ASP B 168 -31.25 -33.74 19.66
CA ASP B 168 -32.29 -33.07 18.88
C ASP B 168 -31.67 -32.29 17.73
N LEU B 169 -32.28 -32.41 16.55
CA LEU B 169 -31.77 -31.75 15.35
C LEU B 169 -32.43 -30.39 15.17
N PHE B 170 -32.47 -29.63 16.26
CA PHE B 170 -32.92 -28.24 16.21
C PHE B 170 -32.04 -27.27 16.97
N ARG B 171 -31.13 -27.73 17.82
CA ARG B 171 -30.22 -26.84 18.51
C ARG B 171 -28.81 -26.87 17.94
N ASP B 172 -28.45 -27.91 17.20
CA ASP B 172 -27.13 -27.95 16.56
C ASP B 172 -27.04 -26.95 15.43
N ILE B 173 -28.04 -26.92 14.55
CA ILE B 173 -28.01 -26.04 13.39
C ILE B 173 -27.98 -24.58 13.82
N THR B 174 -28.81 -24.23 14.81
CA THR B 174 -28.84 -22.86 15.30
C THR B 174 -27.49 -22.43 15.84
N PHE B 175 -26.85 -23.28 16.65
CA PHE B 175 -25.57 -22.91 17.23
C PHE B 175 -24.48 -22.83 16.17
N TYR B 176 -24.50 -23.74 15.18
CA TYR B 176 -23.49 -23.68 14.13
C TYR B 176 -23.63 -22.39 13.32
N VAL B 177 -24.86 -22.01 12.99
CA VAL B 177 -25.08 -20.76 12.26
C VAL B 177 -24.60 -19.58 13.09
N TYR B 178 -24.91 -19.58 14.39
CA TYR B 178 -24.50 -18.49 15.26
C TYR B 178 -22.98 -18.37 15.31
N PHE B 179 -22.28 -19.49 15.45
CA PHE B 179 -20.83 -19.45 15.51
C PHE B 179 -20.23 -18.95 14.20
N SER B 180 -20.76 -19.41 13.07
CA SER B 180 -20.22 -18.96 11.79
C SER B 180 -20.42 -17.45 11.60
N LEU B 181 -21.60 -16.95 11.97
CA LEU B 181 -21.83 -15.50 11.86
C LEU B 181 -20.91 -14.72 12.78
N LEU B 182 -20.67 -15.23 13.98
CA LEU B 182 -19.74 -14.55 14.88
C LEU B 182 -18.34 -14.46 14.28
N LEU B 183 -17.87 -15.56 13.69
CA LEU B 183 -16.54 -15.55 13.07
C LEU B 183 -16.48 -14.56 11.90
N ILE B 184 -17.52 -14.56 11.06
CA ILE B 184 -17.54 -13.64 9.92
C ILE B 184 -17.48 -12.20 10.40
N GLN B 185 -18.28 -11.87 11.41
CA GLN B 185 -18.30 -10.49 11.91
C GLN B 185 -16.99 -10.10 12.56
N LEU B 186 -16.35 -11.03 13.29
CA LEU B 186 -15.04 -10.73 13.86
C LEU B 186 -14.04 -10.40 12.76
N VAL B 187 -14.05 -11.17 11.67
CA VAL B 187 -13.14 -10.88 10.57
C VAL B 187 -13.48 -9.53 9.93
N LEU B 188 -14.77 -9.27 9.72
CA LEU B 188 -15.19 -8.10 8.97
C LEU B 188 -15.07 -6.80 9.75
N SER B 189 -15.02 -6.85 11.08
CA SER B 189 -15.04 -5.65 11.90
C SER B 189 -13.65 -5.10 12.19
N CYS B 190 -12.69 -5.29 11.29
CA CYS B 190 -11.34 -4.79 11.53
C CYS B 190 -10.68 -4.20 10.29
N PHE B 191 -11.41 -3.92 9.21
CA PHE B 191 -10.74 -3.44 8.00
C PHE B 191 -10.43 -1.95 8.05
N SER B 192 -11.47 -1.12 7.95
CA SER B 192 -11.30 0.33 7.84
C SER B 192 -12.67 0.97 7.66
N ASP B 193 -12.68 2.30 7.61
CA ASP B 193 -13.77 3.07 7.06
C ASP B 193 -13.20 4.16 6.16
N ARG B 194 -13.99 4.60 5.18
CA ARG B 194 -13.46 5.39 4.09
C ARG B 194 -12.85 6.72 4.55
N SER B 195 -13.68 7.66 4.99
CA SER B 195 -13.23 8.98 5.42
C SER B 195 -14.39 9.83 5.91
N PRO B 196 -14.16 10.80 6.79
CA PRO B 196 -15.18 11.80 7.07
C PRO B 196 -15.35 12.75 5.90
N LEU B 197 -16.52 13.40 5.84
CA LEU B 197 -16.82 14.28 4.73
C LEU B 197 -15.87 15.47 4.68
N PHE B 198 -15.58 16.07 5.83
CA PHE B 198 -14.65 17.19 5.92
C PHE B 198 -13.72 16.99 7.10
N SER B 199 -12.46 17.42 6.92
CA SER B 199 -11.44 17.25 7.94
C SER B 199 -10.62 18.53 8.05
N GLU B 200 -9.78 18.58 9.09
CA GLU B 200 -8.93 19.75 9.31
C GLU B 200 -7.94 19.95 8.18
N THR B 201 -7.41 18.86 7.63
CA THR B 201 -6.40 18.94 6.57
C THR B 201 -7.03 19.40 5.27
N ILE B 202 -7.02 20.70 5.02
CA ILE B 202 -7.57 21.26 3.79
C ILE B 202 -6.46 21.91 2.99
N HIS B 203 -5.42 22.38 3.67
CA HIS B 203 -4.30 23.05 3.02
C HIS B 203 -2.97 22.34 3.25
N ASP B 204 -2.67 21.98 4.50
CA ASP B 204 -1.41 21.30 4.78
C ASP B 204 -1.45 19.88 4.23
N PRO B 205 -0.48 19.49 3.41
CA PRO B 205 -0.50 18.15 2.80
C PRO B 205 0.28 17.09 3.55
N ASN B 206 0.78 17.37 4.75
CA ASN B 206 1.59 16.43 5.52
C ASN B 206 1.05 16.31 6.94
N PRO B 207 -0.04 15.59 7.13
CA PRO B 207 -0.54 15.35 8.48
C PRO B 207 0.01 14.07 9.10
N CYS B 208 0.05 14.07 10.43
CA CYS B 208 0.52 12.89 11.13
C CYS B 208 -0.49 11.75 10.95
N PRO B 209 -0.02 10.53 10.66
CA PRO B 209 -0.94 9.43 10.37
C PRO B 209 -1.63 8.85 11.59
N GLU B 210 -1.38 9.39 12.79
CA GLU B 210 -2.00 8.84 13.99
C GLU B 210 -3.51 9.00 13.97
N SER B 211 -4.02 10.06 13.34
CA SER B 211 -5.46 10.27 13.28
C SER B 211 -6.16 9.27 12.37
N SER B 212 -5.42 8.52 11.55
CA SER B 212 -6.00 7.54 10.64
C SER B 212 -5.19 6.25 10.77
N ALA B 213 -5.61 5.39 11.69
CA ALA B 213 -4.96 4.10 11.89
C ALA B 213 -5.93 3.16 12.59
N SER B 214 -5.68 1.86 12.45
CA SER B 214 -6.49 0.85 13.09
C SER B 214 -6.13 0.73 14.56
N PHE B 215 -6.96 0.00 15.31
CA PHE B 215 -6.72 -0.18 16.74
C PHE B 215 -5.41 -0.91 16.98
N LEU B 216 -5.15 -1.97 16.24
CA LEU B 216 -3.92 -2.73 16.41
C LEU B 216 -2.68 -1.92 16.07
N SER B 217 -2.74 -1.12 15.01
CA SER B 217 -1.60 -0.28 14.65
C SER B 217 -1.29 0.74 15.73
N ARG B 218 -2.31 1.36 16.32
CA ARG B 218 -2.08 2.30 17.41
C ARG B 218 -1.55 1.60 18.65
N ILE B 219 -2.03 0.38 18.93
CA ILE B 219 -1.55 -0.34 20.11
C ILE B 219 -0.08 -0.71 19.94
N THR B 220 0.31 -1.18 18.75
CA THR B 220 1.66 -1.66 18.52
C THR B 220 2.62 -0.59 18.01
N PHE B 221 2.16 0.64 17.82
CA PHE B 221 3.00 1.74 17.33
C PHE B 221 3.67 1.38 16.00
N TRP B 222 2.84 1.11 15.00
CA TRP B 222 3.36 0.70 13.70
C TRP B 222 3.47 1.84 12.71
N TRP B 223 2.67 2.90 12.84
CA TRP B 223 2.68 3.96 11.84
C TRP B 223 3.99 4.74 11.82
N ILE B 224 4.85 4.59 12.83
CA ILE B 224 6.14 5.28 12.83
C ILE B 224 7.20 4.55 12.01
N THR B 225 6.93 3.31 11.59
CA THR B 225 7.90 2.58 10.79
C THR B 225 8.07 3.18 9.40
N GLY B 226 7.18 4.08 8.99
CA GLY B 226 7.29 4.67 7.66
C GLY B 226 8.52 5.55 7.50
N LEU B 227 8.79 6.41 8.48
CA LEU B 227 9.90 7.34 8.35
C LEU B 227 11.18 6.82 8.99
N ILE B 228 11.16 5.66 9.65
CA ILE B 228 12.38 5.10 10.20
C ILE B 228 13.22 4.47 9.10
N VAL B 229 12.62 3.57 8.33
CA VAL B 229 13.33 2.91 7.24
C VAL B 229 13.83 3.92 6.22
N ARG B 230 12.97 4.89 5.87
CA ARG B 230 13.36 5.94 4.94
C ARG B 230 14.54 6.75 5.47
N GLY B 231 14.79 6.74 6.77
CA GLY B 231 15.94 7.44 7.29
C GLY B 231 17.25 6.70 7.16
N TYR B 232 17.21 5.42 6.80
CA TYR B 232 18.44 4.64 6.71
C TYR B 232 19.28 5.03 5.50
N ARG B 233 18.63 5.18 4.34
CA ARG B 233 19.35 5.47 3.11
C ARG B 233 19.42 6.98 2.84
N GLN B 234 18.27 7.61 2.65
CA GLN B 234 18.25 9.05 2.42
C GLN B 234 18.46 9.78 3.74
N PRO B 235 19.39 10.73 3.81
CA PRO B 235 19.58 11.49 5.05
C PRO B 235 18.31 12.22 5.46
N LEU B 236 18.08 12.29 6.76
CA LEU B 236 16.87 12.85 7.33
C LEU B 236 17.13 14.29 7.77
N GLU B 237 16.45 15.24 7.14
CA GLU B 237 16.63 16.65 7.46
C GLU B 237 15.57 17.46 6.74
N GLY B 238 15.15 18.55 7.36
CA GLY B 238 14.32 19.55 6.68
C GLY B 238 12.85 19.31 6.89
N SER B 239 12.10 19.24 5.79
CA SER B 239 10.66 19.14 5.82
C SER B 239 10.17 17.70 5.80
N ASP B 240 11.07 16.72 5.90
CA ASP B 240 10.66 15.32 5.96
C ASP B 240 9.78 15.04 7.17
N LEU B 241 9.88 15.86 8.22
CA LEU B 241 9.05 15.69 9.39
C LEU B 241 7.60 16.11 9.11
N TRP B 242 6.69 15.61 9.92
CA TRP B 242 5.28 15.87 9.76
C TRP B 242 4.91 17.17 10.46
N SER B 243 3.60 17.44 10.58
CA SER B 243 3.12 18.67 11.20
C SER B 243 2.16 18.33 12.34
N LEU B 244 1.92 19.31 13.19
CA LEU B 244 1.04 19.12 14.34
C LEU B 244 -0.41 18.98 13.89
N ASN B 245 -1.26 18.55 14.82
CA ASN B 245 -2.68 18.30 14.54
C ASN B 245 -3.58 19.38 15.13
N LYS B 246 -3.10 20.62 15.16
CA LYS B 246 -3.91 21.79 15.56
C LYS B 246 -4.46 21.65 16.96
N GLU B 247 -3.74 20.96 17.83
CA GLU B 247 -4.15 20.83 19.22
C GLU B 247 -3.05 21.19 20.21
N ASP B 248 -1.79 20.91 19.87
CA ASP B 248 -0.66 21.28 20.72
C ASP B 248 -0.09 22.64 20.38
N THR B 249 -0.64 23.33 19.39
CA THR B 249 -0.12 24.63 18.99
C THR B 249 -0.32 25.64 20.12
N SER B 250 0.62 26.58 20.23
CA SER B 250 0.60 27.53 21.33
C SER B 250 -0.53 28.54 21.25
N GLU B 251 -1.24 28.62 20.12
CA GLU B 251 -2.35 29.55 19.97
C GLU B 251 -3.66 29.00 20.52
N GLN B 252 -3.68 27.77 21.03
CA GLN B 252 -4.91 27.15 21.49
C GLN B 252 -4.81 26.60 22.91
N VAL B 253 -3.72 26.89 23.63
CA VAL B 253 -3.52 26.39 24.99
C VAL B 253 -3.31 27.54 25.98
N VAL B 254 -2.46 28.50 25.63
CA VAL B 254 -2.13 29.58 26.57
C VAL B 254 -3.33 30.40 26.99
N PRO B 255 -4.24 30.81 26.08
CA PRO B 255 -5.38 31.63 26.54
C PRO B 255 -6.22 30.98 27.61
N VAL B 256 -6.41 29.65 27.55
CA VAL B 256 -7.22 28.97 28.56
C VAL B 256 -6.57 29.08 29.92
N LEU B 257 -5.26 28.82 29.99
CA LEU B 257 -4.55 28.90 31.26
C LEU B 257 -4.56 30.33 31.80
N VAL B 258 -4.34 31.32 30.93
CA VAL B 258 -4.29 32.69 31.41
C VAL B 258 -5.65 33.15 31.91
N LYS B 259 -6.73 32.71 31.24
CA LYS B 259 -8.06 33.08 31.69
C LYS B 259 -8.40 32.45 33.03
N ASN B 260 -8.08 31.16 33.19
CA ASN B 260 -8.35 30.50 34.47
C ASN B 260 -7.54 31.12 35.59
N TRP B 261 -6.26 31.44 35.33
CA TRP B 261 -5.43 32.06 36.36
C TRP B 261 -5.96 33.44 36.73
N LYS B 262 -6.39 34.23 35.75
CA LYS B 262 -6.94 35.54 36.05
C LYS B 262 -8.22 35.41 36.87
N LYS B 263 -9.08 34.45 36.53
CA LYS B 263 -10.29 34.25 37.32
C LYS B 263 -9.97 33.86 38.75
N GLU B 264 -9.01 32.95 38.94
CA GLU B 264 -8.63 32.55 40.29
C GLU B 264 -8.06 33.73 41.07
N CYS B 265 -7.24 34.56 40.42
CA CYS B 265 -6.70 35.73 41.09
C CYS B 265 -7.80 36.71 41.47
N ALA B 266 -8.79 36.90 40.59
CA ALA B 266 -9.90 37.78 40.90
C ALA B 266 -10.77 37.22 42.01
N LYS B 267 -10.79 35.90 42.18
CA LYS B 267 -11.56 35.30 43.28
C LYS B 267 -11.04 35.75 44.63
N THR B 268 -9.73 35.79 44.80
CA THR B 268 -9.13 36.24 46.05
C THR B 268 -9.24 37.75 46.20
N ASN B 310 -2.49 33.20 48.51
CA ASN B 310 -3.06 32.67 47.28
C ASN B 310 -2.46 31.32 46.93
N PRO B 311 -3.31 30.37 46.54
CA PRO B 311 -2.80 29.05 46.14
C PRO B 311 -1.95 29.13 44.89
N SER B 312 -0.99 28.21 44.79
CA SER B 312 -0.06 28.22 43.68
C SER B 312 -0.78 27.91 42.37
N LEU B 313 -0.09 28.16 41.26
CA LEU B 313 -0.64 27.89 39.94
C LEU B 313 -0.89 26.40 39.72
N PHE B 314 -0.25 25.53 40.51
CA PHE B 314 -0.52 24.10 40.38
C PHE B 314 -1.95 23.77 40.79
N LYS B 315 -2.55 24.60 41.66
CA LYS B 315 -3.97 24.42 41.97
C LYS B 315 -4.83 24.62 40.74
N VAL B 316 -4.51 25.64 39.93
CA VAL B 316 -5.25 25.85 38.69
C VAL B 316 -4.95 24.74 37.69
N LEU B 317 -3.67 24.34 37.59
CA LEU B 317 -3.30 23.25 36.71
C LEU B 317 -4.02 21.96 37.06
N TYR B 318 -4.35 21.77 38.34
CA TYR B 318 -5.09 20.58 38.76
C TYR B 318 -6.48 20.54 38.13
N LYS B 319 -7.14 21.69 38.01
CA LYS B 319 -8.47 21.75 37.43
C LYS B 319 -8.45 21.99 35.93
N THR B 320 -7.29 22.30 35.33
CA THR B 320 -7.19 22.46 33.89
C THR B 320 -6.71 21.16 33.21
N PHE B 321 -5.57 20.64 33.64
CA PHE B 321 -4.97 19.45 33.06
C PHE B 321 -5.09 18.26 34.00
N GLY B 322 -6.23 18.15 34.67
CA GLY B 322 -6.49 17.10 35.63
C GLY B 322 -7.12 15.85 35.04
N PRO B 323 -8.23 16.00 34.29
CA PRO B 323 -8.92 14.80 33.78
C PRO B 323 -8.13 13.95 32.81
N TYR B 324 -6.88 14.32 32.50
CA TYR B 324 -6.03 13.51 31.65
C TYR B 324 -4.98 12.73 32.42
N PHE B 325 -4.96 12.83 33.74
CA PHE B 325 -4.13 11.97 34.58
C PHE B 325 -4.88 10.83 35.23
N LEU B 326 -6.20 10.88 35.30
CA LEU B 326 -6.95 9.78 35.89
C LEU B 326 -6.87 8.52 35.04
N MET B 327 -6.54 8.65 33.75
CA MET B 327 -6.29 7.49 32.91
C MET B 327 -4.89 6.93 33.07
N SER B 328 -3.98 7.67 33.70
CA SER B 328 -2.63 7.19 33.94
C SER B 328 -2.45 6.58 35.33
N PHE B 329 -3.52 6.45 36.10
CA PHE B 329 -3.47 5.79 37.41
C PHE B 329 -4.04 4.38 37.39
N PHE B 330 -5.08 4.14 36.59
CA PHE B 330 -5.64 2.79 36.49
C PHE B 330 -4.75 1.88 35.66
N PHE B 331 -4.01 2.42 34.70
CA PHE B 331 -3.17 1.59 33.85
C PHE B 331 -1.95 1.06 34.61
N LYS B 332 -1.39 1.86 35.52
CA LYS B 332 -0.21 1.40 36.25
C LYS B 332 -0.54 0.22 37.17
N ALA B 333 -1.58 0.36 38.00
CA ALA B 333 -1.84 -0.64 39.03
C ALA B 333 -2.04 -2.02 38.43
N ILE B 334 -2.83 -2.11 37.35
CA ILE B 334 -3.06 -3.40 36.70
C ILE B 334 -1.73 -4.04 36.33
N HIS B 335 -0.83 -3.26 35.70
CA HIS B 335 0.46 -3.81 35.32
C HIS B 335 1.18 -4.39 36.52
N ASP B 336 1.11 -3.71 37.67
CA ASP B 336 1.75 -4.22 38.87
C ASP B 336 1.22 -5.59 39.23
N LEU B 337 -0.11 -5.76 39.19
CA LEU B 337 -0.68 -7.06 39.55
C LEU B 337 -0.33 -8.13 38.53
N MET B 338 0.11 -7.73 37.33
CA MET B 338 0.54 -8.71 36.35
C MET B 338 1.99 -9.10 36.51
N MET B 339 2.73 -8.44 37.42
CA MET B 339 4.13 -8.79 37.61
C MET B 339 4.31 -10.05 38.44
N PHE B 340 3.39 -10.32 39.37
CA PHE B 340 3.52 -11.43 40.30
C PHE B 340 2.83 -12.69 39.81
N SER B 341 2.34 -12.70 38.58
CA SER B 341 1.82 -13.91 37.96
C SER B 341 2.89 -14.67 37.19
N GLY B 342 4.13 -14.21 37.25
CA GLY B 342 5.22 -14.89 36.59
C GLY B 342 5.83 -16.00 37.44
N PRO B 343 6.29 -15.66 38.64
CA PRO B 343 6.83 -16.71 39.54
C PRO B 343 5.84 -17.81 39.86
N GLN B 344 4.61 -17.45 40.28
CA GLN B 344 3.66 -18.45 40.76
C GLN B 344 3.47 -19.56 39.73
N ILE B 345 3.15 -19.21 38.49
CA ILE B 345 2.97 -20.22 37.46
C ILE B 345 4.20 -21.10 37.36
N LEU B 346 5.38 -20.48 37.31
CA LEU B 346 6.62 -21.26 37.27
C LEU B 346 6.65 -22.28 38.41
N LYS B 347 6.36 -21.84 39.64
CA LYS B 347 6.35 -22.77 40.76
C LYS B 347 5.44 -23.95 40.46
N LEU B 348 4.21 -23.68 40.03
CA LEU B 348 3.28 -24.76 39.71
C LEU B 348 3.89 -25.73 38.71
N LEU B 349 4.51 -25.19 37.66
CA LEU B 349 5.08 -26.05 36.63
C LEU B 349 6.09 -27.02 37.24
N ILE B 350 6.94 -26.53 38.14
CA ILE B 350 7.93 -27.41 38.75
C ILE B 350 7.23 -28.53 39.49
N LYS B 351 6.19 -28.19 40.27
CA LYS B 351 5.48 -29.21 41.03
C LYS B 351 4.85 -30.23 40.11
N PHE B 352 4.54 -29.83 38.87
CA PHE B 352 3.95 -30.77 37.93
C PHE B 352 4.99 -31.75 37.39
N VAL B 353 6.24 -31.29 37.24
CA VAL B 353 7.26 -32.15 36.66
C VAL B 353 7.62 -33.27 37.62
N ASN B 354 7.68 -32.96 38.92
CA ASN B 354 8.04 -33.95 39.93
C ASN B 354 6.95 -34.99 40.14
N ASP B 355 5.76 -34.80 39.60
CA ASP B 355 4.67 -35.76 39.71
C ASP B 355 4.62 -36.63 38.45
N THR B 356 4.53 -37.95 38.66
CA THR B 356 4.63 -38.90 37.57
C THR B 356 3.33 -39.69 37.36
N LYS B 357 2.20 -39.15 37.81
CA LYS B 357 0.91 -39.79 37.58
C LYS B 357 -0.19 -38.83 37.13
N ALA B 358 0.05 -37.52 37.12
CA ALA B 358 -0.95 -36.59 36.65
C ALA B 358 -1.13 -36.72 35.15
N PRO B 359 -2.33 -36.40 34.63
CA PRO B 359 -2.54 -36.46 33.18
C PRO B 359 -1.62 -35.49 32.44
N ASP B 360 -1.26 -35.88 31.22
CA ASP B 360 -0.28 -35.11 30.46
C ASP B 360 -0.80 -33.72 30.11
N TRP B 361 -2.08 -33.61 29.74
CA TRP B 361 -2.58 -32.36 29.19
C TRP B 361 -2.47 -31.19 30.17
N GLN B 362 -2.36 -31.46 31.46
CA GLN B 362 -2.17 -30.38 32.43
C GLN B 362 -0.94 -29.55 32.08
N GLY B 363 0.13 -30.21 31.62
CA GLY B 363 1.34 -29.48 31.26
C GLY B 363 1.15 -28.49 30.13
N TYR B 364 0.05 -28.60 29.39
CA TYR B 364 -0.25 -27.64 28.34
C TYR B 364 -1.24 -26.57 28.77
N PHE B 365 -1.87 -26.71 29.94
CA PHE B 365 -2.74 -25.65 30.42
C PHE B 365 -1.93 -24.51 31.01
N TYR B 366 -0.83 -24.80 31.69
CA TYR B 366 -0.02 -23.76 32.31
C TYR B 366 0.74 -22.96 31.26
N THR B 367 1.29 -23.64 30.26
CA THR B 367 2.16 -22.98 29.29
C THR B 367 1.43 -21.87 28.55
N VAL B 368 0.17 -22.12 28.17
CA VAL B 368 -0.62 -21.08 27.52
C VAL B 368 -0.77 -19.88 28.44
N LEU B 369 -1.02 -20.11 29.73
CA LEU B 369 -1.12 -19.01 30.67
C LEU B 369 0.22 -18.29 30.87
N LEU B 370 1.33 -18.88 30.45
CA LEU B 370 2.61 -18.17 30.49
C LEU B 370 2.80 -17.29 29.27
N PHE B 371 1.86 -17.29 28.33
CA PHE B 371 1.94 -16.45 27.14
C PHE B 371 0.99 -15.27 27.17
N VAL B 372 -0.25 -15.46 27.63
CA VAL B 372 -1.18 -14.33 27.71
C VAL B 372 -0.71 -13.34 28.76
N THR B 373 -0.37 -13.82 29.96
CA THR B 373 0.05 -12.92 31.03
C THR B 373 1.32 -12.16 30.64
N ALA B 374 2.28 -12.84 30.03
CA ALA B 374 3.49 -12.17 29.58
C ALA B 374 3.26 -11.26 28.38
N CYS B 375 2.09 -11.33 27.75
CA CYS B 375 1.77 -10.48 26.61
C CYS B 375 0.97 -9.25 27.00
N LEU B 376 -0.03 -9.42 27.87
CA LEU B 376 -0.84 -8.29 28.30
C LEU B 376 -0.07 -7.33 29.18
N GLN B 377 1.07 -7.74 29.73
CA GLN B 377 1.84 -6.85 30.59
C GLN B 377 2.60 -5.80 29.77
N THR B 378 3.08 -6.17 28.58
CA THR B 378 3.85 -5.26 27.76
C THR B 378 3.00 -4.37 26.86
N LEU B 379 1.69 -4.62 26.77
CA LEU B 379 0.79 -3.78 25.99
C LEU B 379 0.02 -2.79 26.84
N VAL B 380 0.34 -2.70 28.14
CA VAL B 380 -0.31 -1.76 29.05
C VAL B 380 0.67 -0.71 29.54
N LEU B 381 1.88 -1.14 29.93
CA LEU B 381 2.86 -0.19 30.44
C LEU B 381 3.24 0.84 29.38
N HIS B 382 3.43 0.40 28.14
CA HIS B 382 3.84 1.28 27.06
C HIS B 382 2.72 2.17 26.54
N GLN B 383 1.53 2.12 27.14
CA GLN B 383 0.51 3.12 26.90
C GLN B 383 0.42 4.14 28.02
N TYR B 384 0.59 3.70 29.27
CA TYR B 384 0.69 4.64 30.38
C TYR B 384 1.90 5.54 30.21
N PHE B 385 3.01 5.00 29.70
CA PHE B 385 4.18 5.84 29.45
C PHE B 385 3.87 6.93 28.44
N HIS B 386 3.18 6.58 27.35
CA HIS B 386 2.86 7.57 26.31
C HIS B 386 1.94 8.65 26.86
N ILE B 387 0.91 8.24 27.62
CA ILE B 387 -0.01 9.23 28.18
C ILE B 387 0.73 10.18 29.11
N CYS B 388 1.59 9.63 29.97
CA CYS B 388 2.34 10.47 30.90
C CYS B 388 3.24 11.45 30.16
N PHE B 389 3.96 10.98 29.14
CA PHE B 389 4.86 11.86 28.41
C PHE B 389 4.11 12.97 27.68
N VAL B 390 2.98 12.64 27.05
CA VAL B 390 2.23 13.66 26.32
C VAL B 390 1.67 14.71 27.27
N SER B 391 1.06 14.27 28.38
CA SER B 391 0.50 15.24 29.31
C SER B 391 1.58 16.03 30.04
N GLY B 392 2.81 15.50 30.12
CA GLY B 392 3.91 16.29 30.66
C GLY B 392 4.48 17.27 29.67
N MET B 393 4.42 16.96 28.37
CA MET B 393 4.87 17.91 27.37
C MET B 393 3.86 19.03 27.16
N ARG B 394 2.58 18.75 27.40
CA ARG B 394 1.55 19.77 27.15
C ARG B 394 1.59 20.92 28.16
N ILE B 395 2.37 20.81 29.24
CA ILE B 395 2.36 21.84 30.26
C ILE B 395 3.41 22.91 29.97
N LYS B 396 4.58 22.51 29.46
CA LYS B 396 5.65 23.47 29.22
C LYS B 396 5.29 24.47 28.13
N THR B 397 4.62 24.01 27.07
CA THR B 397 4.22 24.91 26.00
C THR B 397 3.20 25.95 26.45
N ALA B 398 2.53 25.72 27.57
CA ALA B 398 1.61 26.71 28.13
C ALA B 398 2.31 27.62 29.14
N VAL B 399 3.19 27.06 29.96
CA VAL B 399 3.91 27.87 30.94
C VAL B 399 4.79 28.88 30.24
N ILE B 400 5.45 28.47 29.16
CA ILE B 400 6.33 29.39 28.42
C ILE B 400 5.53 30.58 27.89
N GLY B 401 4.39 30.31 27.26
CA GLY B 401 3.58 31.39 26.73
C GLY B 401 3.01 32.29 27.80
N ALA B 402 2.58 31.70 28.92
CA ALA B 402 2.07 32.50 30.02
C ALA B 402 3.14 33.40 30.60
N VAL B 403 4.38 32.91 30.68
CA VAL B 403 5.46 33.78 31.15
C VAL B 403 5.74 34.89 30.15
N TYR B 404 5.80 34.56 28.86
CA TYR B 404 6.15 35.57 27.87
C TYR B 404 5.11 36.68 27.79
N ARG B 405 3.83 36.32 27.81
CA ARG B 405 2.78 37.34 27.69
C ARG B 405 2.70 38.23 28.92
N LYS B 406 3.39 37.90 30.00
CA LYS B 406 3.37 38.66 31.24
C LYS B 406 4.62 39.51 31.41
N ALA B 407 5.39 39.73 30.36
CA ALA B 407 6.64 40.48 30.48
C ALA B 407 6.72 41.71 29.59
N LEU B 408 6.24 41.61 28.34
CA LEU B 408 6.46 42.72 27.41
C LEU B 408 5.55 43.90 27.69
N VAL B 409 4.32 43.68 28.17
CA VAL B 409 3.34 44.74 28.30
C VAL B 409 2.92 44.99 29.74
N ILE B 410 3.35 44.15 30.69
CA ILE B 410 2.98 44.31 32.09
C ILE B 410 4.29 44.45 32.88
N THR B 411 4.18 44.46 34.22
CA THR B 411 5.29 44.47 35.18
C THR B 411 6.36 45.49 34.79
N ASN B 412 5.92 46.76 34.78
CA ASN B 412 6.80 47.88 34.53
C ASN B 412 7.12 48.62 35.83
N SER B 413 8.33 49.17 35.90
CA SER B 413 8.85 49.94 37.02
C SER B 413 9.04 49.13 38.29
N ALA B 414 8.72 47.84 38.28
CA ALA B 414 8.90 46.99 39.44
C ALA B 414 9.86 45.84 39.18
N ARG B 415 10.56 45.84 38.05
CA ARG B 415 11.50 44.79 37.71
C ARG B 415 12.87 45.17 38.26
N LYS B 416 13.36 44.38 39.22
CA LYS B 416 14.65 44.63 39.84
C LYS B 416 15.63 43.48 39.71
N SER B 417 15.18 42.29 39.31
CA SER B 417 16.08 41.16 39.14
C SER B 417 16.96 41.37 37.90
N SER B 418 18.06 40.61 37.86
CA SER B 418 19.00 40.73 36.76
C SER B 418 18.36 40.29 35.45
N THR B 419 18.74 40.96 34.36
CA THR B 419 18.21 40.62 33.05
C THR B 419 18.68 39.26 32.57
N VAL B 420 19.80 38.77 33.08
CA VAL B 420 20.36 37.48 32.67
C VAL B 420 20.46 36.59 33.90
N GLY B 421 19.99 35.35 33.77
CA GLY B 421 20.04 34.41 34.86
C GLY B 421 18.94 34.54 35.88
N GLU B 422 17.98 35.44 35.69
CA GLU B 422 16.89 35.61 36.64
C GLU B 422 15.54 35.58 35.93
N ILE B 423 15.49 36.07 34.70
CA ILE B 423 14.28 36.05 33.89
C ILE B 423 14.42 35.10 32.70
N VAL B 424 15.52 35.22 31.95
CA VAL B 424 15.76 34.30 30.84
C VAL B 424 15.99 32.89 31.34
N ASN B 425 16.67 32.75 32.48
CA ASN B 425 16.88 31.43 33.07
C ASN B 425 15.56 30.80 33.48
N LEU B 426 14.56 31.60 33.84
CA LEU B 426 13.25 31.09 34.20
C LEU B 426 12.55 30.42 33.02
N MET B 427 13.03 30.66 31.80
CA MET B 427 12.42 30.10 30.61
C MET B 427 13.07 28.80 30.15
N SER B 428 14.28 28.50 30.64
CA SER B 428 15.05 27.37 30.14
C SER B 428 15.36 26.32 31.19
N VAL B 429 15.30 26.64 32.48
CA VAL B 429 15.63 25.72 33.55
C VAL B 429 14.37 25.31 34.32
N ASP B 430 13.62 26.28 34.82
CA ASP B 430 12.45 25.95 35.65
C ASP B 430 11.36 25.27 34.83
N ALA B 431 11.09 25.76 33.63
CA ALA B 431 10.08 25.13 32.79
C ALA B 431 10.55 23.79 32.21
N GLN B 432 11.85 23.54 32.20
CA GLN B 432 12.38 22.27 31.71
C GLN B 432 12.35 21.18 32.78
N ARG B 433 12.03 21.52 34.03
CA ARG B 433 11.90 20.55 35.10
C ARG B 433 10.44 20.21 35.40
N PHE B 434 9.56 20.35 34.41
CA PHE B 434 8.16 20.01 34.55
C PHE B 434 7.76 18.83 33.69
N MET B 435 8.72 18.09 33.14
CA MET B 435 8.45 16.82 32.48
C MET B 435 8.90 15.62 33.30
N ASP B 436 10.01 15.76 34.05
CA ASP B 436 10.44 14.68 34.93
C ASP B 436 9.44 14.47 36.06
N LEU B 437 8.90 15.57 36.62
CA LEU B 437 7.93 15.44 37.69
C LEU B 437 6.67 14.73 37.22
N ALA B 438 6.25 15.00 35.98
CA ALA B 438 5.05 14.35 35.46
C ALA B 438 5.22 12.84 35.42
N THR B 439 6.38 12.36 34.99
CA THR B 439 6.61 10.92 34.90
C THR B 439 6.83 10.30 36.28
N TYR B 440 7.47 11.04 37.18
CA TYR B 440 7.87 10.49 38.47
C TYR B 440 6.84 10.68 39.58
N ILE B 441 5.75 11.41 39.33
CA ILE B 441 4.77 11.61 40.38
C ILE B 441 3.99 10.35 40.69
N ASN B 442 3.98 9.38 39.78
CA ASN B 442 3.24 8.14 39.99
C ASN B 442 4.09 7.03 40.60
N MET B 443 5.35 7.31 40.92
CA MET B 443 6.24 6.35 41.54
C MET B 443 6.39 6.55 43.04
N ILE B 444 5.53 7.38 43.64
CA ILE B 444 5.65 7.66 45.07
C ILE B 444 4.90 6.65 45.92
N TRP B 445 3.82 6.06 45.40
CA TRP B 445 3.09 5.04 46.14
C TRP B 445 3.29 3.63 45.60
N SER B 446 3.66 3.46 44.33
CA SER B 446 3.92 2.13 43.80
C SER B 446 5.28 1.58 44.19
N ALA B 447 6.20 2.44 44.63
CA ALA B 447 7.50 1.96 45.09
C ALA B 447 7.40 1.07 46.33
N PRO B 448 6.69 1.44 47.40
CA PRO B 448 6.64 0.56 48.57
C PRO B 448 5.64 -0.58 48.46
N LEU B 449 4.62 -0.46 47.59
CA LEU B 449 3.66 -1.55 47.45
C LEU B 449 4.32 -2.82 46.94
N GLN B 450 5.15 -2.70 45.90
CA GLN B 450 5.85 -3.86 45.37
C GLN B 450 6.78 -4.47 46.42
N VAL B 451 7.49 -3.62 47.16
CA VAL B 451 8.39 -4.11 48.20
C VAL B 451 7.63 -4.88 49.25
N ILE B 452 6.50 -4.34 49.71
CA ILE B 452 5.71 -5.00 50.74
C ILE B 452 5.19 -6.34 50.25
N LEU B 453 4.64 -6.38 49.03
CA LEU B 453 4.08 -7.62 48.52
C LEU B 453 5.17 -8.67 48.32
N ALA B 454 6.32 -8.27 47.77
CA ALA B 454 7.40 -9.23 47.57
C ALA B 454 7.93 -9.76 48.89
N LEU B 455 8.07 -8.88 49.89
CA LEU B 455 8.54 -9.35 51.19
C LEU B 455 7.54 -10.31 51.82
N TYR B 456 6.25 -10.02 51.71
CA TYR B 456 5.24 -10.92 52.25
C TYR B 456 5.30 -12.28 51.58
N LEU B 457 5.41 -12.31 50.25
CA LEU B 457 5.47 -13.59 49.56
C LEU B 457 6.73 -14.36 49.92
N LEU B 458 7.87 -13.66 50.02
CA LEU B 458 9.12 -14.33 50.38
C LEU B 458 9.05 -14.89 51.79
N TRP B 459 8.45 -14.15 52.73
CA TRP B 459 8.29 -14.66 54.09
C TRP B 459 7.36 -15.87 54.11
N LEU B 460 6.30 -15.84 53.30
CA LEU B 460 5.40 -16.98 53.23
C LEU B 460 6.12 -18.22 52.71
N ASN B 461 6.97 -18.05 51.70
CA ASN B 461 7.63 -19.20 51.10
C ASN B 461 8.75 -19.74 51.99
N LEU B 462 9.74 -18.91 52.30
CA LEU B 462 10.90 -19.38 53.05
C LEU B 462 10.62 -19.43 54.55
N GLY B 463 10.38 -18.26 55.16
CA GLY B 463 10.18 -18.17 56.58
C GLY B 463 10.95 -17.01 57.18
N PRO B 464 11.24 -17.09 58.49
CA PRO B 464 11.94 -15.99 59.15
C PRO B 464 13.31 -15.70 58.59
N SER B 465 13.96 -16.69 57.95
CA SER B 465 15.31 -16.49 57.45
C SER B 465 15.39 -15.35 56.45
N VAL B 466 14.33 -15.13 55.67
CA VAL B 466 14.34 -14.05 54.68
C VAL B 466 14.52 -12.70 55.37
N LEU B 467 14.06 -12.57 56.62
CA LEU B 467 14.29 -11.34 57.36
C LEU B 467 15.77 -11.04 57.48
N ALA B 468 16.58 -12.07 57.71
CA ALA B 468 18.02 -11.90 57.64
C ALA B 468 18.48 -11.67 56.20
N GLY B 469 17.90 -12.41 55.25
CA GLY B 469 18.33 -12.29 53.87
C GLY B 469 18.05 -10.90 53.30
N VAL B 470 16.85 -10.39 53.52
CA VAL B 470 16.55 -9.02 53.13
C VAL B 470 17.38 -8.04 53.94
N ALA B 471 17.85 -8.45 55.11
CA ALA B 471 18.83 -7.63 55.84
C ALA B 471 20.08 -7.44 55.02
N VAL B 472 20.54 -8.50 54.35
CA VAL B 472 21.64 -8.36 53.40
C VAL B 472 21.25 -7.39 52.29
N MET B 473 19.98 -7.43 51.88
CA MET B 473 19.47 -6.42 50.96
C MET B 473 19.55 -5.03 51.58
N VAL B 474 19.22 -4.93 52.87
CA VAL B 474 19.49 -3.69 53.60
C VAL B 474 20.99 -3.48 53.75
N LEU B 475 21.76 -4.58 53.87
CA LEU B 475 23.20 -4.45 54.01
C LEU B 475 23.88 -3.98 52.74
N MET B 476 23.21 -4.08 51.58
CA MET B 476 23.75 -3.50 50.36
C MET B 476 23.09 -2.16 50.03
N VAL B 477 22.27 -1.62 50.94
CA VAL B 477 21.98 -0.19 50.90
C VAL B 477 23.27 0.62 51.05
N PRO B 478 24.22 0.23 51.91
CA PRO B 478 25.55 0.84 51.82
C PRO B 478 26.19 0.75 50.45
N VAL B 479 25.78 -0.20 49.60
CA VAL B 479 26.33 -0.26 48.25
C VAL B 479 25.83 0.92 47.42
N ASN B 480 24.54 1.24 47.53
CA ASN B 480 24.07 2.44 46.84
C ASN B 480 24.63 3.70 47.48
N ALA B 481 24.88 3.67 48.79
CA ALA B 481 25.61 4.77 49.41
C ALA B 481 27.00 4.90 48.80
N VAL B 482 27.65 3.77 48.51
CA VAL B 482 28.98 3.77 47.93
C VAL B 482 28.96 4.36 46.53
N MET B 483 27.97 3.98 45.71
CA MET B 483 27.93 4.56 44.36
C MET B 483 27.57 6.03 44.42
N ALA B 484 26.75 6.42 45.40
CA ALA B 484 26.45 7.85 45.58
C ALA B 484 27.70 8.64 45.95
N MET B 485 28.52 8.11 46.87
CA MET B 485 29.74 8.83 47.23
C MET B 485 30.77 8.80 46.12
N LYS B 486 30.76 7.75 45.29
CA LYS B 486 31.59 7.74 44.09
C LYS B 486 31.15 8.84 43.13
N THR B 487 29.83 9.03 42.98
CA THR B 487 29.33 10.15 42.20
C THR B 487 29.77 11.48 42.81
N LYS B 488 29.81 11.56 44.15
CA LYS B 488 30.32 12.74 44.81
C LYS B 488 31.79 12.97 44.48
N THR B 489 32.59 11.90 44.47
CA THR B 489 34.01 12.01 44.16
C THR B 489 34.23 12.05 42.65
N LEU B 545 37.42 2.72 42.39
CA LEU B 545 36.46 1.80 43.00
C LEU B 545 35.17 1.74 42.19
N SER B 546 35.09 2.54 41.12
CA SER B 546 33.89 2.55 40.28
C SER B 546 33.68 1.20 39.62
N ALA B 547 34.71 0.69 38.94
CA ALA B 547 34.61 -0.63 38.33
C ALA B 547 34.44 -1.72 39.39
N VAL B 548 35.21 -1.63 40.48
CA VAL B 548 35.08 -2.60 41.56
C VAL B 548 33.68 -2.53 42.16
N GLY B 549 33.15 -1.32 42.34
CA GLY B 549 31.80 -1.17 42.87
C GLY B 549 30.75 -1.78 41.96
N THR B 550 30.85 -1.53 40.66
CA THR B 550 29.85 -2.08 39.74
C THR B 550 29.98 -3.59 39.60
N PHE B 551 31.19 -4.13 39.76
CA PHE B 551 31.32 -5.59 39.72
C PHE B 551 30.81 -6.23 41.00
N THR B 552 30.99 -5.58 42.16
CA THR B 552 30.34 -6.05 43.37
C THR B 552 28.82 -5.96 43.23
N TRP B 553 28.33 -4.93 42.54
CA TRP B 553 26.91 -4.83 42.24
C TRP B 553 26.45 -6.00 41.38
N VAL B 554 27.26 -6.38 40.39
CA VAL B 554 26.94 -7.52 39.53
C VAL B 554 26.91 -8.80 40.36
N CYS B 555 27.85 -8.95 41.27
CA CYS B 555 27.99 -10.19 42.04
C CYS B 555 27.05 -10.27 43.24
N THR B 556 26.43 -9.17 43.65
CA THR B 556 25.67 -9.20 44.90
C THR B 556 24.43 -10.10 44.89
N PRO B 557 23.74 -10.38 43.76
CA PRO B 557 22.69 -11.41 43.84
C PRO B 557 23.24 -12.76 44.28
N PHE B 558 24.42 -13.13 43.81
CA PHE B 558 25.05 -14.37 44.25
C PHE B 558 25.33 -14.32 45.74
N LEU B 559 25.84 -13.18 46.23
CA LEU B 559 26.17 -13.07 47.64
C LEU B 559 24.92 -13.19 48.51
N VAL B 560 23.84 -12.51 48.14
CA VAL B 560 22.64 -12.55 48.96
C VAL B 560 22.01 -13.93 48.91
N ALA B 561 22.00 -14.58 47.74
CA ALA B 561 21.45 -15.92 47.66
C ALA B 561 22.27 -16.90 48.51
N LEU B 562 23.60 -16.80 48.43
CA LEU B 562 24.45 -17.70 49.22
C LEU B 562 24.23 -17.48 50.71
N CYS B 563 24.17 -16.22 51.15
CA CYS B 563 23.96 -15.95 52.57
C CYS B 563 22.60 -16.46 53.03
N THR B 564 21.55 -16.23 52.23
CA THR B 564 20.23 -16.69 52.61
C THR B 564 20.18 -18.20 52.72
N PHE B 565 20.77 -18.91 51.74
CA PHE B 565 20.72 -20.37 51.78
C PHE B 565 21.58 -20.92 52.92
N ALA B 566 22.72 -20.30 53.19
CA ALA B 566 23.55 -20.73 54.32
C ALA B 566 22.83 -20.56 55.64
N VAL B 567 22.14 -19.42 55.82
CA VAL B 567 21.38 -19.21 57.05
C VAL B 567 20.23 -20.22 57.14
N TYR B 568 19.54 -20.48 56.02
CA TYR B 568 18.43 -21.42 56.03
C TYR B 568 18.88 -22.84 56.36
N VAL B 569 20.05 -23.25 55.87
CA VAL B 569 20.51 -24.62 56.06
C VAL B 569 21.17 -24.81 57.42
N THR B 570 22.08 -23.90 57.80
CA THR B 570 22.86 -24.10 59.02
C THR B 570 21.99 -24.03 60.27
N ILE B 571 21.13 -23.02 60.35
CA ILE B 571 20.30 -22.86 61.54
C ILE B 571 19.21 -23.92 61.54
N ASP B 572 18.83 -24.35 62.74
CA ASP B 572 17.79 -25.37 62.94
C ASP B 572 18.20 -26.64 62.18
N GLU B 573 17.22 -27.46 61.81
CA GLU B 573 17.45 -28.66 61.02
C GLU B 573 16.12 -29.12 60.45
N ASN B 574 16.12 -30.30 59.82
CA ASN B 574 14.92 -30.89 59.23
C ASN B 574 14.31 -30.00 58.16
N ASN B 575 15.14 -29.18 57.52
CA ASN B 575 14.72 -28.32 56.42
C ASN B 575 15.44 -28.76 55.15
N ILE B 576 14.68 -29.07 54.10
CA ILE B 576 15.19 -29.64 52.87
C ILE B 576 15.00 -28.64 51.74
N LEU B 577 16.06 -28.43 50.97
CA LEU B 577 16.03 -27.49 49.84
C LEU B 577 15.44 -28.20 48.63
N ASP B 578 14.18 -27.89 48.32
CA ASP B 578 13.51 -28.47 47.18
C ASP B 578 13.81 -27.65 45.93
N ALA B 579 13.15 -28.01 44.82
CA ALA B 579 13.33 -27.24 43.59
C ALA B 579 12.60 -25.90 43.67
N GLN B 580 11.38 -25.89 44.18
CA GLN B 580 10.60 -24.65 44.26
C GLN B 580 11.28 -23.64 45.16
N THR B 581 11.77 -24.08 46.33
CA THR B 581 12.36 -23.16 47.29
C THR B 581 13.58 -22.47 46.71
N ALA B 582 14.42 -23.22 45.99
CA ALA B 582 15.65 -22.65 45.44
C ALA B 582 15.46 -22.02 44.06
N PHE B 583 14.30 -22.17 43.42
CA PHE B 583 14.10 -21.62 42.09
C PHE B 583 12.95 -20.62 42.01
N VAL B 584 12.33 -20.27 43.12
CA VAL B 584 11.37 -19.17 43.16
C VAL B 584 11.97 -17.92 43.78
N SER B 585 12.73 -18.06 44.86
CA SER B 585 13.34 -16.91 45.51
C SER B 585 14.33 -16.21 44.60
N LEU B 586 15.01 -16.96 43.71
CA LEU B 586 15.97 -16.34 42.81
C LEU B 586 15.29 -15.35 41.87
N ALA B 587 14.09 -15.67 41.40
CA ALA B 587 13.34 -14.72 40.58
C ALA B 587 12.70 -13.63 41.42
N LEU B 588 12.24 -13.96 42.63
CA LEU B 588 11.60 -12.94 43.47
C LEU B 588 12.56 -11.83 43.85
N PHE B 589 13.80 -12.18 44.18
CA PHE B 589 14.79 -11.16 44.52
C PHE B 589 15.05 -10.24 43.34
N ASN B 590 15.17 -10.81 42.14
CA ASN B 590 15.40 -10.00 40.95
C ASN B 590 14.23 -9.06 40.68
N ILE B 591 13.00 -9.53 40.90
CA ILE B 591 11.85 -8.65 40.74
C ILE B 591 11.89 -7.52 41.77
N LEU B 592 12.24 -7.85 43.01
CA LEU B 592 12.19 -6.85 44.09
C LEU B 592 13.33 -5.84 44.01
N ARG B 593 14.43 -6.17 43.32
CA ARG B 593 15.61 -5.31 43.38
C ARG B 593 15.34 -3.90 42.87
N PHE B 594 14.61 -3.76 41.77
CA PHE B 594 14.51 -2.46 41.09
C PHE B 594 13.90 -1.35 41.95
N PRO B 595 12.77 -1.55 42.64
CA PRO B 595 12.24 -0.47 43.48
C PRO B 595 13.19 0.00 44.56
N LEU B 596 14.05 -0.88 45.07
CA LEU B 596 15.06 -0.44 46.03
C LEU B 596 16.11 0.46 45.36
N ASN B 597 16.18 0.45 44.04
CA ASN B 597 17.05 1.36 43.30
C ASN B 597 16.36 2.66 42.92
N ILE B 598 15.06 2.58 42.59
CA ILE B 598 14.34 3.77 42.14
C ILE B 598 14.02 4.72 43.29
N LEU B 599 13.97 4.24 44.52
CA LEU B 599 13.60 5.09 45.65
C LEU B 599 14.50 6.32 45.82
N PRO B 600 15.82 6.22 45.73
CA PRO B 600 16.64 7.43 45.73
C PRO B 600 16.41 8.23 44.45
N MET B 601 16.95 9.46 44.46
CA MET B 601 16.94 10.42 43.36
C MET B 601 15.54 10.93 43.03
N VAL B 602 14.50 10.37 43.63
CA VAL B 602 13.13 10.86 43.45
C VAL B 602 12.78 11.92 44.49
N ILE B 603 13.14 11.67 45.75
CA ILE B 603 12.88 12.62 46.81
C ILE B 603 13.64 13.92 46.61
N SER B 604 14.75 13.88 45.86
CA SER B 604 15.45 15.11 45.52
C SER B 604 14.77 15.84 44.36
N SER B 605 14.28 15.07 43.39
CA SER B 605 13.58 15.69 42.27
C SER B 605 12.32 16.41 42.72
N ILE B 606 11.58 15.79 43.66
CA ILE B 606 10.37 16.43 44.18
C ILE B 606 10.73 17.73 44.89
N VAL B 607 11.80 17.73 45.69
CA VAL B 607 12.20 18.93 46.40
C VAL B 607 12.60 20.03 45.41
N GLN B 608 13.35 19.67 44.37
CA GLN B 608 13.76 20.67 43.39
C GLN B 608 12.55 21.25 42.66
N ALA B 609 11.58 20.41 42.30
CA ALA B 609 10.38 20.91 41.64
C ALA B 609 9.61 21.85 42.56
N SER B 610 9.49 21.50 43.84
CA SER B 610 8.81 22.37 44.78
C SER B 610 9.52 23.71 44.93
N VAL B 611 10.85 23.70 44.89
CA VAL B 611 11.61 24.95 44.96
C VAL B 611 11.33 25.80 43.73
N SER B 612 11.34 25.18 42.54
CA SER B 612 11.10 25.94 41.31
C SER B 612 9.69 26.53 41.27
N LEU B 613 8.72 25.83 41.86
CA LEU B 613 7.35 26.33 41.84
C LEU B 613 7.24 27.67 42.56
N LYS B 614 7.97 27.84 43.67
CA LYS B 614 7.91 29.09 44.41
C LYS B 614 8.38 30.26 43.56
N ARG B 615 9.50 30.08 42.85
CA ARG B 615 10.01 31.16 41.99
C ARG B 615 9.04 31.46 40.86
N LEU B 616 8.48 30.41 40.23
CA LEU B 616 7.54 30.65 39.14
C LEU B 616 6.33 31.44 39.65
N ARG B 617 5.80 31.06 40.81
CA ARG B 617 4.63 31.75 41.35
C ARG B 617 4.96 33.18 41.73
N ILE B 618 6.14 33.41 42.32
CA ILE B 618 6.48 34.76 42.74
C ILE B 618 6.70 35.66 41.53
N PHE B 619 7.15 35.11 40.40
CA PHE B 619 7.26 35.94 39.21
C PHE B 619 5.90 36.19 38.57
N LEU B 620 5.03 35.18 38.53
CA LEU B 620 3.74 35.37 37.85
C LEU B 620 2.81 36.31 38.61
N SER B 621 3.16 36.68 39.85
CA SER B 621 2.38 37.65 40.60
C SER B 621 3.29 38.77 41.09
N HIS B 622 4.18 39.25 40.23
CA HIS B 622 5.21 40.21 40.58
C HIS B 622 4.78 41.65 40.30
N GLU B 623 3.50 41.89 40.11
CA GLU B 623 3.03 43.19 39.65
C GLU B 623 1.55 43.31 39.95
N GLU B 624 0.99 44.47 39.63
CA GLU B 624 -0.44 44.73 39.76
C GLU B 624 -0.95 45.48 38.54
N LEU B 625 -0.42 45.14 37.37
CA LEU B 625 -0.79 45.78 36.11
C LEU B 625 -0.56 47.29 36.17
N GLU B 626 0.72 47.66 36.32
CA GLU B 626 1.07 49.07 36.50
C GLU B 626 0.66 49.96 35.34
N PRO B 627 0.96 49.64 34.05
CA PRO B 627 0.57 50.51 32.94
C PRO B 627 -0.82 50.19 32.40
N ASP B 628 -1.80 50.13 33.29
CA ASP B 628 -3.18 49.86 32.88
C ASP B 628 -3.71 50.99 31.99
N SER B 629 -3.92 52.17 32.57
CA SER B 629 -4.35 53.34 31.82
C SER B 629 -4.18 54.60 32.66
N ILE B 630 -3.36 55.54 32.19
CA ILE B 630 -3.17 56.80 32.90
C ILE B 630 -3.31 57.96 31.92
N GLU B 631 -3.20 57.65 30.63
CA GLU B 631 -3.19 58.66 29.58
C GLU B 631 -4.54 58.69 28.86
N ARG B 632 -4.60 59.53 27.82
CA ARG B 632 -5.73 59.57 26.91
C ARG B 632 -5.44 58.77 25.64
N ARG B 633 -4.70 57.67 25.78
CA ARG B 633 -4.22 56.81 24.70
C ARG B 633 -3.21 57.57 23.85
N PRO B 634 -2.19 56.89 23.30
CA PRO B 634 -1.27 57.58 22.39
C PRO B 634 -1.99 58.28 21.24
N VAL B 635 -2.99 57.64 20.67
CA VAL B 635 -3.84 58.26 19.65
C VAL B 635 -5.29 57.92 19.95
N LYS B 636 -6.12 58.95 20.11
CA LYS B 636 -7.55 58.76 20.33
C LYS B 636 -8.40 59.59 19.39
N ASP B 637 -7.95 60.81 19.05
CA ASP B 637 -8.68 61.71 18.17
C ASP B 637 -7.81 62.08 16.98
N GLY B 638 -8.39 62.04 15.79
CA GLY B 638 -7.69 62.35 14.57
C GLY B 638 -7.61 63.82 14.21
N GLY B 639 -8.20 64.69 15.03
CA GLY B 639 -8.17 66.11 14.72
C GLY B 639 -8.15 66.98 15.97
N GLY B 640 -7.26 67.97 15.99
CA GLY B 640 -7.18 68.88 17.12
C GLY B 640 -6.22 70.01 16.82
N THR B 641 -6.24 71.00 17.70
CA THR B 641 -5.38 72.17 17.60
C THR B 641 -4.25 72.18 18.62
N ASN B 642 -4.53 71.79 19.87
CA ASN B 642 -3.51 71.69 20.90
C ASN B 642 -2.99 70.26 20.95
N SER B 643 -1.67 70.10 20.83
CA SER B 643 -1.10 68.76 20.75
C SER B 643 -0.99 68.12 22.13
N ILE B 644 -0.21 68.72 23.02
CA ILE B 644 0.03 68.20 24.36
C ILE B 644 -0.67 69.11 25.36
N THR B 645 -1.51 68.53 26.21
CA THR B 645 -2.17 69.27 27.29
C THR B 645 -1.79 68.64 28.61
N VAL B 646 -1.49 69.48 29.60
CA VAL B 646 -1.09 69.01 30.92
C VAL B 646 -1.48 70.06 31.95
N ARG B 647 -2.04 69.61 33.06
CA ARG B 647 -2.42 70.49 34.16
C ARG B 647 -2.29 69.75 35.48
N ASN B 648 -1.59 70.38 36.42
CA ASN B 648 -1.42 69.87 37.78
C ASN B 648 -0.80 68.47 37.80
N ALA B 649 0.14 68.23 36.90
CA ALA B 649 0.76 66.92 36.81
C ALA B 649 1.70 66.67 37.99
N THR B 650 1.80 65.41 38.39
CA THR B 650 2.72 64.99 39.44
C THR B 650 2.98 63.51 39.28
N PHE B 651 4.26 63.13 39.12
CA PHE B 651 4.63 61.75 38.89
C PHE B 651 5.81 61.39 39.80
N THR B 652 5.92 60.09 40.08
CA THR B 652 6.98 59.57 40.93
C THR B 652 7.52 58.27 40.35
N TRP B 653 8.83 58.05 40.56
CA TRP B 653 9.44 56.81 40.08
C TRP B 653 8.88 55.59 40.80
N ALA B 654 8.70 55.70 42.12
CA ALA B 654 8.22 54.58 42.92
C ALA B 654 7.22 55.08 43.95
N ARG B 655 6.39 54.16 44.45
CA ARG B 655 5.36 54.53 45.41
C ARG B 655 5.92 54.87 46.78
N SER B 656 7.19 54.53 47.04
CA SER B 656 7.82 54.77 48.33
C SER B 656 8.84 55.90 48.28
N ASP B 657 8.71 56.82 47.32
CA ASP B 657 9.64 57.92 47.17
C ASP B 657 8.88 59.23 47.02
N PRO B 658 9.50 60.34 47.42
CA PRO B 658 8.85 61.64 47.22
C PRO B 658 8.68 61.92 45.74
N PRO B 659 7.60 62.61 45.36
CA PRO B 659 7.38 62.92 43.94
C PRO B 659 8.52 63.78 43.38
N THR B 660 8.86 63.52 42.13
CA THR B 660 9.91 64.26 41.44
C THR B 660 9.37 65.40 40.58
N LEU B 661 8.10 65.33 40.16
CA LEU B 661 7.46 66.37 39.38
C LEU B 661 6.27 66.91 40.16
N ASN B 662 6.16 68.24 40.21
CA ASN B 662 5.07 68.88 40.94
C ASN B 662 4.72 70.19 40.26
N GLY B 663 3.42 70.47 40.19
CA GLY B 663 2.96 71.72 39.59
C GLY B 663 3.31 71.87 38.12
N ILE B 664 3.14 70.81 37.34
CA ILE B 664 3.43 70.83 35.92
C ILE B 664 2.15 71.16 35.16
N THR B 665 2.16 72.24 34.39
CA THR B 665 0.99 72.67 33.65
C THR B 665 1.45 73.55 32.49
N PHE B 666 1.15 73.12 31.26
CA PHE B 666 1.46 73.90 30.08
C PHE B 666 0.59 73.41 28.93
N SER B 667 0.53 74.22 27.87
CA SER B 667 -0.20 73.88 26.66
C SER B 667 0.65 74.24 25.45
N ILE B 668 0.53 73.44 24.40
CA ILE B 668 1.30 73.70 23.17
C ILE B 668 0.41 73.47 21.95
N PRO B 669 0.40 74.40 20.99
CA PRO B 669 -0.37 74.20 19.76
C PRO B 669 0.28 73.22 18.80
N GLU B 670 -0.30 73.07 17.61
CA GLU B 670 0.20 72.15 16.62
C GLU B 670 1.34 72.78 15.81
N GLY B 671 2.31 71.94 15.45
CA GLY B 671 3.39 72.36 14.56
C GLY B 671 4.30 73.43 15.12
N ALA B 672 4.74 73.28 16.37
CA ALA B 672 5.62 74.24 17.01
C ALA B 672 6.87 73.54 17.53
N LEU B 673 8.02 74.17 17.33
CA LEU B 673 9.28 73.64 17.83
C LEU B 673 9.42 73.98 19.30
N VAL B 674 9.39 72.95 20.15
CA VAL B 674 9.51 73.12 21.59
C VAL B 674 10.83 72.52 22.03
N ALA B 675 11.65 73.31 22.73
CA ALA B 675 12.92 72.85 23.25
C ALA B 675 12.98 73.11 24.74
N VAL B 676 13.37 72.11 25.51
CA VAL B 676 13.49 72.25 26.96
C VAL B 676 14.96 72.32 27.33
N VAL B 677 15.23 73.06 28.39
CA VAL B 677 16.60 73.27 28.88
C VAL B 677 16.64 72.90 30.36
N GLY B 678 17.57 72.03 30.73
CA GLY B 678 17.72 71.62 32.12
C GLY B 678 19.16 71.27 32.41
N GLN B 679 19.47 71.24 33.71
CA GLN B 679 20.81 70.89 34.15
C GLN B 679 21.00 69.38 34.17
N VAL B 680 22.24 68.96 34.39
CA VAL B 680 22.55 67.54 34.48
C VAL B 680 21.94 66.98 35.75
N GLY B 681 21.10 65.96 35.61
CA GLY B 681 20.41 65.39 36.75
C GLY B 681 19.24 66.19 37.25
N CYS B 682 18.81 67.22 36.50
CA CYS B 682 17.69 68.04 36.94
C CYS B 682 16.39 67.25 36.96
N GLY B 683 16.23 66.29 36.06
CA GLY B 683 15.01 65.51 36.00
C GLY B 683 14.38 65.51 34.62
N LYS B 684 15.16 65.86 33.60
CA LYS B 684 14.64 65.90 32.24
C LYS B 684 14.21 64.51 31.78
N SER B 685 14.99 63.48 32.12
CA SER B 685 14.64 62.13 31.69
C SER B 685 13.31 61.67 32.29
N SER B 686 13.08 61.98 33.56
CA SER B 686 11.84 61.55 34.21
C SER B 686 10.63 62.21 33.58
N LEU B 687 10.70 63.53 33.37
CA LEU B 687 9.60 64.23 32.73
C LEU B 687 9.39 63.72 31.31
N LEU B 688 10.49 63.47 30.59
CA LEU B 688 10.38 63.00 29.22
C LEU B 688 9.70 61.63 29.15
N SER B 689 10.07 60.73 30.07
CA SER B 689 9.48 59.40 30.09
C SER B 689 8.05 59.40 30.61
N ALA B 690 7.67 60.38 31.43
CA ALA B 690 6.31 60.41 31.96
C ALA B 690 5.28 60.54 30.85
N LEU B 691 5.66 61.13 29.71
CA LEU B 691 4.73 61.31 28.61
C LEU B 691 4.41 60.01 27.87
N LEU B 692 5.17 58.94 28.12
CA LEU B 692 5.03 57.69 27.39
C LEU B 692 4.30 56.62 28.19
N ALA B 693 3.50 57.01 29.18
CA ALA B 693 2.77 56.09 30.03
C ALA B 693 3.70 55.10 30.73
N GLU B 694 4.87 55.60 31.13
CA GLU B 694 5.86 54.80 31.84
C GLU B 694 5.99 55.20 33.30
N MET B 695 5.17 56.13 33.78
CA MET B 695 5.27 56.66 35.13
C MET B 695 3.98 56.36 35.90
N ASP B 696 3.94 56.81 37.15
CA ASP B 696 2.77 56.69 38.01
C ASP B 696 2.27 58.08 38.37
N LYS B 697 0.99 58.34 38.10
CA LYS B 697 0.38 59.63 38.34
C LYS B 697 -0.52 59.55 39.57
N VAL B 698 -0.32 60.47 40.52
CA VAL B 698 -1.17 60.53 41.70
C VAL B 698 -2.32 61.51 41.49
N GLU B 699 -2.07 62.64 40.83
CA GLU B 699 -3.10 63.63 40.58
C GLU B 699 -2.68 64.50 39.41
N GLY B 700 -3.63 64.82 38.54
CA GLY B 700 -3.37 65.67 37.39
C GLY B 700 -4.15 65.24 36.15
N HIS B 701 -4.12 66.07 35.11
CA HIS B 701 -4.81 65.74 33.86
C HIS B 701 -3.86 66.03 32.70
N VAL B 702 -3.52 64.99 31.95
CA VAL B 702 -2.58 65.09 30.83
C VAL B 702 -3.12 64.29 29.66
N ALA B 703 -2.92 64.80 28.45
CA ALA B 703 -3.44 64.17 27.25
C ALA B 703 -2.60 64.56 26.04
N ILE B 704 -2.55 63.66 25.06
CA ILE B 704 -1.88 63.86 23.80
C ILE B 704 -2.81 63.44 22.67
N LYS B 705 -2.51 63.91 21.46
CA LYS B 705 -3.34 63.66 20.29
C LYS B 705 -2.45 63.23 19.12
N GLY B 706 -2.61 62.00 18.67
CA GLY B 706 -1.90 61.53 17.50
C GLY B 706 -0.79 60.55 17.86
N SER B 707 -0.49 59.65 16.93
CA SER B 707 0.52 58.62 17.16
C SER B 707 1.89 59.25 17.38
N VAL B 708 2.69 58.60 18.21
CA VAL B 708 3.97 59.12 18.66
C VAL B 708 5.11 58.29 18.10
N ALA B 709 6.25 58.94 17.86
CA ALA B 709 7.49 58.26 17.51
C ALA B 709 8.55 58.67 18.52
N TYR B 710 9.33 57.69 18.97
CA TYR B 710 10.23 57.84 20.11
C TYR B 710 11.65 57.50 19.68
N VAL B 711 12.60 58.39 19.99
CA VAL B 711 14.00 58.12 19.69
C VAL B 711 14.81 58.21 20.98
N PRO B 712 14.97 57.12 21.71
CA PRO B 712 15.69 57.18 22.98
C PRO B 712 17.19 57.39 22.76
N GLN B 713 17.86 57.80 23.84
CA GLN B 713 19.30 58.01 23.77
C GLN B 713 20.04 56.71 23.51
N GLN B 714 19.48 55.59 23.92
CA GLN B 714 20.08 54.27 23.69
C GLN B 714 19.37 53.60 22.52
N ALA B 715 20.16 52.97 21.65
CA ALA B 715 19.64 52.34 20.45
C ALA B 715 19.83 50.83 20.51
N TRP B 716 18.84 50.10 20.01
CA TRP B 716 18.90 48.64 19.92
C TRP B 716 18.63 48.22 18.48
N ILE B 717 19.32 47.18 18.04
CA ILE B 717 19.17 46.66 16.68
C ILE B 717 18.90 45.16 16.76
N GLN B 718 17.82 44.72 16.12
CA GLN B 718 17.55 43.30 16.02
C GLN B 718 18.44 42.66 14.96
N ASN B 719 18.86 41.43 15.22
CA ASN B 719 19.77 40.73 14.31
C ASN B 719 19.04 40.33 13.03
N ASP B 720 19.10 41.18 12.03
CA ASP B 720 18.42 40.95 10.75
C ASP B 720 19.10 41.81 9.69
N SER B 721 18.44 41.94 8.55
CA SER B 721 18.95 42.80 7.48
C SER B 721 18.76 44.27 7.86
N LEU B 722 19.68 45.11 7.38
CA LEU B 722 19.54 46.54 7.59
C LEU B 722 18.28 47.07 6.93
N ARG B 723 17.92 46.51 5.77
CA ARG B 723 16.68 46.89 5.11
C ARG B 723 15.48 46.56 6.00
N GLU B 724 15.47 45.37 6.59
CA GLU B 724 14.38 44.98 7.49
C GLU B 724 14.39 45.81 8.77
N ASN B 725 15.58 46.09 9.30
CA ASN B 725 15.66 46.90 10.52
C ASN B 725 15.12 48.31 10.28
N ILE B 726 15.45 48.90 9.14
CA ILE B 726 14.95 50.25 8.85
C ILE B 726 13.45 50.22 8.55
N LEU B 727 13.00 49.25 7.77
CA LEU B 727 11.59 49.18 7.40
C LEU B 727 10.70 48.98 8.62
N PHE B 728 11.12 48.11 9.55
CA PHE B 728 10.39 47.85 10.78
C PHE B 728 8.96 47.39 10.51
N GLY B 729 8.79 46.57 9.48
CA GLY B 729 7.49 45.99 9.18
C GLY B 729 6.86 46.52 7.91
N CYS B 730 7.00 47.81 7.65
CA CYS B 730 6.41 48.41 6.46
C CYS B 730 7.13 47.95 5.21
N GLN B 731 6.41 47.93 4.10
CA GLN B 731 6.97 47.55 2.82
C GLN B 731 7.78 48.71 2.22
N LEU B 732 8.59 48.37 1.23
CA LEU B 732 9.43 49.37 0.58
C LEU B 732 8.59 50.32 -0.28
N GLU B 733 9.11 51.53 -0.46
CA GLU B 733 8.47 52.52 -1.31
C GLU B 733 9.54 53.37 -1.97
N GLU B 734 9.45 53.48 -3.30
CA GLU B 734 10.41 54.26 -4.07
C GLU B 734 9.73 55.46 -4.71
N PRO B 735 10.40 56.62 -4.77
CA PRO B 735 11.74 56.89 -4.27
C PRO B 735 11.75 57.34 -2.81
N TYR B 736 10.78 56.88 -2.02
CA TYR B 736 10.75 57.24 -0.60
C TYR B 736 11.99 56.72 0.12
N TYR B 737 12.42 55.50 -0.21
CA TYR B 737 13.63 54.95 0.38
C TYR B 737 14.84 55.82 0.06
N ARG B 738 14.98 56.20 -1.22
CA ARG B 738 16.08 57.08 -1.61
C ARG B 738 15.98 58.43 -0.93
N SER B 739 14.77 58.97 -0.82
CA SER B 739 14.60 60.28 -0.19
C SER B 739 15.02 60.24 1.27
N VAL B 740 14.58 59.21 2.01
CA VAL B 740 14.93 59.15 3.43
C VAL B 740 16.40 58.84 3.61
N ILE B 741 17.00 58.04 2.72
CA ILE B 741 18.43 57.79 2.80
C ILE B 741 19.22 59.07 2.58
N GLN B 742 18.82 59.86 1.58
CA GLN B 742 19.48 61.14 1.34
C GLN B 742 19.29 62.09 2.51
N ALA B 743 18.10 62.12 3.10
CA ALA B 743 17.86 62.98 4.25
C ALA B 743 18.74 62.57 5.43
N CYS B 744 18.87 61.27 5.68
CA CYS B 744 19.72 60.79 6.75
C CYS B 744 21.20 60.75 6.36
N ALA B 745 21.51 60.94 5.08
CA ALA B 745 22.89 60.94 4.57
C ALA B 745 23.59 59.63 4.93
N LEU B 746 23.02 58.53 4.45
CA LEU B 746 23.55 57.20 4.68
C LEU B 746 24.32 56.65 3.49
N LEU B 747 24.62 57.49 2.50
CA LEU B 747 25.35 57.01 1.32
C LEU B 747 26.74 56.48 1.66
N PRO B 748 27.59 57.20 2.39
CA PRO B 748 28.91 56.61 2.72
C PRO B 748 28.81 55.34 3.56
N ASP B 749 27.86 55.31 4.50
CA ASP B 749 27.70 54.12 5.34
C ASP B 749 27.27 52.91 4.53
N LEU B 750 26.35 53.12 3.58
CA LEU B 750 25.92 52.02 2.72
C LEU B 750 27.03 51.60 1.77
N GLU B 751 27.84 52.57 1.31
CA GLU B 751 28.90 52.26 0.35
C GLU B 751 30.03 51.48 0.99
N ILE B 752 30.42 51.85 2.22
CA ILE B 752 31.57 51.20 2.85
C ILE B 752 31.24 49.76 3.21
N LEU B 753 29.98 49.44 3.48
CA LEU B 753 29.61 48.10 3.89
C LEU B 753 29.87 47.10 2.75
N PRO B 754 30.26 45.86 3.08
CA PRO B 754 30.63 44.91 2.02
C PRO B 754 29.50 44.62 1.04
N SER B 755 28.25 44.57 1.50
CA SER B 755 27.12 44.29 0.63
C SER B 755 26.08 45.40 0.66
N GLY B 756 26.47 46.60 1.07
CA GLY B 756 25.51 47.68 1.16
C GLY B 756 24.50 47.42 2.25
N ASP B 757 23.22 47.58 1.93
CA ASP B 757 22.15 47.38 2.90
C ASP B 757 21.63 45.95 2.89
N ARG B 758 22.55 44.99 3.05
CA ARG B 758 22.17 43.59 3.15
C ARG B 758 23.03 42.79 4.12
N THR B 759 23.94 43.42 4.85
CA THR B 759 24.85 42.69 5.71
C THR B 759 24.17 42.29 7.00
N GLU B 760 24.92 41.62 7.88
CA GLU B 760 24.42 41.19 9.18
C GLU B 760 24.71 42.28 10.20
N ILE B 761 23.72 43.11 10.48
CA ILE B 761 23.85 44.22 11.40
C ILE B 761 23.45 43.78 12.79
N GLY B 762 24.16 44.28 13.80
CA GLY B 762 23.86 43.95 15.18
C GLY B 762 24.67 42.77 15.69
N GLU B 763 24.12 42.05 16.66
CA GLU B 763 24.80 40.88 17.19
C GLU B 763 24.86 39.77 16.13
N LYS B 764 25.83 38.88 16.30
CA LYS B 764 26.12 37.83 15.33
C LYS B 764 26.42 38.42 13.96
N GLY B 765 27.14 39.53 13.95
CA GLY B 765 27.45 40.21 12.70
C GLY B 765 28.50 41.27 12.90
N VAL B 766 28.68 42.09 11.87
CA VAL B 766 29.68 43.14 11.90
C VAL B 766 29.28 44.21 12.91
N ASN B 767 30.28 44.84 13.52
CA ASN B 767 30.07 45.89 14.50
C ASN B 767 30.12 47.26 13.85
N LEU B 768 29.32 48.18 14.36
CA LEU B 768 29.21 49.53 13.84
C LEU B 768 29.62 50.54 14.92
N SER B 769 29.46 51.82 14.60
CA SER B 769 29.75 52.90 15.52
C SER B 769 28.48 53.45 16.15
N GLY B 770 28.66 54.20 17.23
CA GLY B 770 27.51 54.82 17.89
C GLY B 770 26.79 55.80 17.00
N GLY B 771 27.55 56.60 16.25
CA GLY B 771 26.93 57.55 15.33
C GLY B 771 26.10 56.88 14.26
N GLN B 772 26.61 55.78 13.70
CA GLN B 772 25.85 55.04 12.70
C GLN B 772 24.59 54.45 13.31
N LYS B 773 24.68 53.96 14.55
CA LYS B 773 23.49 53.44 15.23
C LYS B 773 22.45 54.52 15.42
N GLN B 774 22.87 55.71 15.86
CA GLN B 774 21.94 56.81 16.05
C GLN B 774 21.31 57.22 14.72
N ARG B 775 22.12 57.27 13.66
CA ARG B 775 21.59 57.60 12.34
C ARG B 775 20.56 56.56 11.88
N VAL B 776 20.83 55.28 12.13
CA VAL B 776 19.89 54.23 11.74
C VAL B 776 18.59 54.37 12.51
N SER B 777 18.67 54.64 13.81
CA SER B 777 17.46 54.82 14.60
C SER B 777 16.67 56.04 14.13
N LEU B 778 17.37 57.13 13.80
CA LEU B 778 16.68 58.32 13.30
C LEU B 778 16.01 58.04 11.96
N ALA B 779 16.67 57.27 11.10
CA ALA B 779 16.07 56.90 9.82
C ALA B 779 14.82 56.05 10.03
N ARG B 780 14.88 55.12 10.98
CA ARG B 780 13.70 54.32 11.30
C ARG B 780 12.57 55.20 11.79
N ALA B 781 12.88 56.18 12.65
CA ALA B 781 11.87 57.08 13.18
C ALA B 781 11.22 57.90 12.09
N VAL B 782 12.02 58.45 11.17
CA VAL B 782 11.45 59.28 10.11
C VAL B 782 10.67 58.41 9.12
N TYR B 783 11.11 57.16 8.91
CA TYR B 783 10.34 56.26 8.07
C TYR B 783 9.00 55.91 8.70
N SER B 784 8.92 55.89 10.03
CA SER B 784 7.66 55.57 10.69
C SER B 784 6.54 56.51 10.26
N ASN B 785 6.86 57.77 9.97
CA ASN B 785 5.91 58.75 9.49
C ASN B 785 4.74 58.94 10.47
N ALA B 786 5.09 59.42 11.67
CA ALA B 786 4.11 59.63 12.72
C ALA B 786 3.70 61.10 12.77
N ASP B 787 2.83 61.43 13.72
CA ASP B 787 2.33 62.78 13.89
C ASP B 787 3.13 63.61 14.88
N ILE B 788 3.68 62.99 15.93
CA ILE B 788 4.52 63.67 16.90
C ILE B 788 5.84 62.92 17.00
N TYR B 789 6.94 63.67 17.02
CA TYR B 789 8.27 63.10 17.15
C TYR B 789 8.88 63.55 18.46
N LEU B 790 9.53 62.62 19.16
CA LEU B 790 10.08 62.87 20.50
C LEU B 790 11.52 62.37 20.53
N PHE B 791 12.46 63.30 20.51
CA PHE B 791 13.88 62.99 20.49
C PHE B 791 14.47 63.10 21.90
N ASP B 792 15.69 62.59 22.05
CA ASP B 792 16.45 62.69 23.30
C ASP B 792 17.93 62.70 22.93
N ASP B 793 18.49 63.92 22.79
CA ASP B 793 19.86 64.20 22.37
C ASP B 793 20.34 63.20 21.32
N PRO B 794 19.73 63.16 20.14
CA PRO B 794 20.10 62.15 19.14
C PRO B 794 21.37 62.46 18.36
N LEU B 795 22.16 63.43 18.80
CA LEU B 795 23.39 63.78 18.09
C LEU B 795 24.57 64.00 19.03
N SER B 796 24.53 63.42 20.23
CA SER B 796 25.62 63.61 21.19
C SER B 796 26.92 62.98 20.69
N ALA B 797 26.85 61.71 20.27
CA ALA B 797 28.04 61.02 19.79
C ALA B 797 28.37 61.36 18.34
N VAL B 798 27.44 61.94 17.61
CA VAL B 798 27.70 62.35 16.23
C VAL B 798 28.52 63.63 16.23
N ASP B 799 29.50 63.70 15.33
CA ASP B 799 30.33 64.89 15.22
C ASP B 799 29.48 66.11 14.89
N ALA B 800 29.82 67.24 15.52
CA ALA B 800 29.00 68.44 15.36
C ALA B 800 28.95 68.91 13.92
N HIS B 801 30.11 68.92 13.24
CA HIS B 801 30.12 69.32 11.83
C HIS B 801 29.26 68.38 11.00
N VAL B 802 29.39 67.07 11.22
CA VAL B 802 28.59 66.11 10.48
C VAL B 802 27.11 66.28 10.82
N GLY B 803 26.79 66.45 12.10
CA GLY B 803 25.42 66.64 12.51
C GLY B 803 24.80 67.95 12.08
N LYS B 804 25.62 68.91 11.62
CA LYS B 804 25.08 70.18 11.15
C LYS B 804 24.17 69.97 9.94
N HIS B 805 24.59 69.15 8.98
CA HIS B 805 23.76 68.87 7.82
C HIS B 805 22.48 68.15 8.23
N ILE B 806 22.59 67.22 9.19
CA ILE B 806 21.40 66.51 9.66
C ILE B 806 20.41 67.48 10.29
N PHE B 807 20.92 68.41 11.11
CA PHE B 807 20.04 69.40 11.74
C PHE B 807 19.38 70.29 10.69
N GLU B 808 20.13 70.71 9.69
CA GLU B 808 19.57 71.60 8.67
C GLU B 808 18.79 70.85 7.59
N ASN B 809 18.76 69.53 7.62
CA ASN B 809 18.11 68.74 6.58
C ASN B 809 16.71 68.28 6.96
N VAL B 810 16.50 67.87 8.22
CA VAL B 810 15.23 67.31 8.66
C VAL B 810 14.66 68.07 9.86
N ILE B 811 15.44 68.21 10.92
CA ILE B 811 14.93 68.81 12.16
C ILE B 811 14.56 70.27 11.94
N GLY B 812 15.39 71.00 11.21
CA GLY B 812 15.17 72.42 11.00
C GLY B 812 13.92 72.73 10.21
N PRO B 813 13.54 74.00 10.15
CA PRO B 813 12.31 74.38 9.43
C PRO B 813 12.34 74.05 7.95
N LYS B 814 13.52 73.87 7.36
CA LYS B 814 13.64 73.55 5.94
C LYS B 814 13.38 72.09 5.64
N GLY B 815 13.18 71.26 6.65
CA GLY B 815 12.94 69.84 6.44
C GLY B 815 11.54 69.56 5.93
N MET B 816 11.30 68.29 5.63
CA MET B 816 10.03 67.85 5.07
C MET B 816 8.99 67.52 6.13
N LEU B 817 9.35 67.54 7.41
CA LEU B 817 8.43 67.24 8.50
C LEU B 817 8.05 68.49 9.29
N LYS B 818 8.04 69.65 8.63
CA LYS B 818 7.71 70.90 9.30
C LYS B 818 6.24 71.00 9.68
N ASN B 819 5.39 70.11 9.18
CA ASN B 819 3.96 70.15 9.47
C ASN B 819 3.56 69.30 10.66
N LYS B 820 4.51 68.63 11.31
CA LYS B 820 4.23 67.75 12.44
C LYS B 820 4.61 68.45 13.74
N THR B 821 4.43 67.76 14.86
CA THR B 821 4.81 68.26 16.16
C THR B 821 6.16 67.65 16.55
N ARG B 822 7.09 68.50 16.96
CA ARG B 822 8.46 68.11 17.25
C ARG B 822 8.81 68.47 18.69
N ILE B 823 9.38 67.51 19.42
CA ILE B 823 9.89 67.74 20.77
C ILE B 823 11.34 67.26 20.81
N LEU B 824 12.23 68.14 21.22
CA LEU B 824 13.65 67.85 21.29
C LEU B 824 14.19 68.28 22.64
N VAL B 825 15.01 67.41 23.25
CA VAL B 825 15.66 67.71 24.52
C VAL B 825 17.16 67.48 24.35
N THR B 826 17.96 68.37 24.93
CA THR B 826 19.41 68.29 24.85
C THR B 826 19.99 69.38 25.74
N HIS B 827 21.33 69.41 25.82
CA HIS B 827 22.05 70.49 26.48
C HIS B 827 22.97 71.22 25.50
N SER B 828 22.67 71.16 24.20
CA SER B 828 23.48 71.84 23.21
C SER B 828 23.25 73.34 23.25
N MET B 829 24.24 74.09 22.78
CA MET B 829 24.19 75.56 22.80
C MET B 829 23.89 76.17 21.45
N SER B 830 24.34 75.53 20.36
CA SER B 830 24.27 76.18 19.05
C SER B 830 22.84 76.27 18.54
N TYR B 831 22.04 75.24 18.76
CA TYR B 831 20.73 75.12 18.14
C TYR B 831 19.63 75.85 18.91
N LEU B 832 19.95 76.47 20.03
CA LEU B 832 18.92 77.17 20.82
C LEU B 832 18.26 78.32 20.08
N PRO B 833 18.99 79.26 19.45
CA PRO B 833 18.31 80.44 18.89
C PRO B 833 17.30 80.15 17.79
N GLN B 834 17.42 79.03 17.10
CA GLN B 834 16.56 78.76 15.94
C GLN B 834 15.27 78.02 16.29
N VAL B 835 15.03 77.72 17.57
CA VAL B 835 13.82 77.03 17.97
C VAL B 835 12.72 78.05 18.21
N ASP B 836 11.47 77.59 18.32
CA ASP B 836 10.32 78.47 18.47
C ASP B 836 10.06 78.83 19.93
N VAL B 837 9.83 77.83 20.77
CA VAL B 837 9.50 78.06 22.18
C VAL B 837 10.47 77.27 23.06
N ILE B 838 10.94 77.92 24.13
CA ILE B 838 11.90 77.33 25.05
C ILE B 838 11.24 77.21 26.42
N ILE B 839 11.37 76.03 27.03
CA ILE B 839 10.85 75.77 28.36
C ILE B 839 12.02 75.39 29.27
N VAL B 840 12.15 76.10 30.38
CA VAL B 840 13.22 75.86 31.35
C VAL B 840 12.59 75.39 32.64
N MET B 841 13.11 74.28 33.17
CA MET B 841 12.60 73.71 34.40
C MET B 841 13.76 73.38 35.35
N SER B 842 13.50 73.55 36.63
CA SER B 842 14.47 73.24 37.67
C SER B 842 13.73 72.90 38.95
N GLY B 843 14.35 72.09 39.80
CA GLY B 843 13.74 71.71 41.05
C GLY B 843 12.40 71.02 40.92
N GLY B 844 12.13 70.42 39.77
CA GLY B 844 10.84 69.79 39.52
C GLY B 844 9.74 70.74 39.09
N LYS B 845 10.03 72.02 38.87
CA LYS B 845 9.02 72.98 38.48
C LYS B 845 9.53 73.80 37.29
N ILE B 846 8.61 74.16 36.39
CA ILE B 846 8.96 74.95 35.22
C ILE B 846 8.99 76.42 35.62
N SER B 847 10.11 77.09 35.35
CA SER B 847 10.27 78.47 35.77
C SER B 847 9.60 79.44 34.78
N GLU B 848 10.09 79.46 33.55
CA GLU B 848 9.58 80.38 32.53
C GLU B 848 9.41 79.66 31.22
N MET B 849 8.39 80.09 30.46
CA MET B 849 8.13 79.57 29.12
C MET B 849 7.86 80.73 28.18
N GLY B 850 8.41 80.66 26.98
CA GLY B 850 8.21 81.71 26.00
C GLY B 850 9.17 81.56 24.84
N SER B 851 9.06 82.52 23.92
CA SER B 851 9.91 82.53 22.74
C SER B 851 11.32 82.99 23.11
N TYR B 852 12.25 82.79 22.16
CA TYR B 852 13.64 83.15 22.40
C TYR B 852 13.79 84.66 22.58
N GLN B 853 13.11 85.45 21.74
CA GLN B 853 13.24 86.90 21.83
C GLN B 853 12.70 87.43 23.15
N GLU B 854 11.54 86.92 23.58
CA GLU B 854 10.95 87.37 24.84
C GLU B 854 11.85 87.00 26.02
N LEU B 855 12.39 85.78 26.02
CA LEU B 855 13.28 85.36 27.09
C LEU B 855 14.55 86.20 27.12
N LEU B 856 15.10 86.51 25.94
CA LEU B 856 16.30 87.34 25.87
C LEU B 856 16.02 88.75 26.37
N ALA B 857 14.86 89.30 26.01
CA ALA B 857 14.51 90.64 26.48
C ALA B 857 14.24 90.66 27.98
N ARG B 858 13.70 89.57 28.53
CA ARG B 858 13.43 89.51 29.97
C ARG B 858 14.72 89.53 30.78
N ASP B 859 15.80 88.96 30.22
CA ASP B 859 17.11 88.91 30.89
C ASP B 859 17.00 88.27 32.27
N GLY B 860 16.28 87.14 32.34
CA GLY B 860 16.10 86.44 33.60
C GLY B 860 16.95 85.21 33.74
N ALA B 861 16.31 84.04 33.87
CA ALA B 861 17.05 82.80 34.05
C ALA B 861 17.89 82.46 32.82
N PHE B 862 17.36 82.75 31.63
CA PHE B 862 18.10 82.44 30.40
C PHE B 862 19.39 83.24 30.33
N ALA B 863 19.34 84.53 30.68
CA ALA B 863 20.55 85.36 30.66
C ALA B 863 21.56 84.87 31.69
N GLU B 864 21.08 84.48 32.88
CA GLU B 864 21.99 83.94 33.89
C GLU B 864 22.64 82.65 33.41
N PHE B 865 21.87 81.78 32.76
CA PHE B 865 22.43 80.54 32.22
C PHE B 865 23.49 80.83 31.16
N LEU B 866 23.21 81.77 30.25
CA LEU B 866 24.18 82.12 29.23
C LEU B 866 25.45 82.70 29.84
N ARG B 867 25.30 83.57 30.84
CA ARG B 867 26.47 84.18 31.47
C ARG B 867 27.29 83.14 32.22
N THR B 868 26.65 82.23 32.95
CA THR B 868 27.37 81.25 33.73
C THR B 868 28.07 80.24 32.83
N TYR B 869 27.35 79.67 31.85
CA TYR B 869 27.96 78.66 31.00
C TYR B 869 28.96 79.29 30.03
N ALA B 870 28.57 80.39 29.38
CA ALA B 870 29.44 81.11 28.45
C ALA B 870 29.98 80.20 27.36
N SER B 871 29.13 79.30 26.87
CA SER B 871 29.50 78.35 25.83
C SER B 871 28.69 78.55 24.56
N THR B 872 28.11 79.73 24.37
CA THR B 872 27.32 80.02 23.19
C THR B 872 28.00 81.06 22.30
N PHE B 973 49.16 -7.14 25.60
CA PHE B 973 49.48 -8.07 26.68
C PHE B 973 48.30 -8.23 27.63
N ILE B 974 47.35 -7.30 27.57
CA ILE B 974 46.20 -7.34 28.46
C ILE B 974 44.96 -7.95 27.81
N SER B 975 44.93 -8.05 26.47
CA SER B 975 43.73 -8.53 25.79
C SER B 975 43.45 -9.99 26.11
N PHE B 976 44.46 -10.86 25.96
CA PHE B 976 44.26 -12.27 26.22
C PHE B 976 44.03 -12.53 27.70
N LEU B 977 44.68 -11.77 28.57
CA LEU B 977 44.44 -11.92 30.01
C LEU B 977 42.99 -11.55 30.35
N SER B 978 42.49 -10.46 29.77
CA SER B 978 41.10 -10.07 30.00
C SER B 978 40.14 -11.12 29.46
N ILE B 979 40.43 -11.67 28.29
CA ILE B 979 39.56 -12.70 27.72
C ILE B 979 39.55 -13.94 28.61
N PHE B 980 40.73 -14.34 29.08
CA PHE B 980 40.83 -15.51 29.96
C PHE B 980 40.07 -15.29 31.25
N LEU B 981 40.20 -14.10 31.85
CA LEU B 981 39.45 -13.80 33.07
C LEU B 981 37.95 -13.77 32.81
N PHE B 982 37.54 -13.25 31.66
CA PHE B 982 36.11 -13.26 31.30
C PHE B 982 35.60 -14.69 31.24
N MET B 983 36.32 -15.56 30.54
CA MET B 983 35.91 -16.95 30.42
C MET B 983 35.88 -17.63 31.78
N CYS B 984 36.88 -17.36 32.62
CA CYS B 984 36.91 -17.98 33.95
C CYS B 984 35.71 -17.54 34.78
N ASN B 985 35.39 -16.25 34.77
CA ASN B 985 34.25 -15.75 35.52
C ASN B 985 32.95 -16.37 35.03
N HIS B 986 32.77 -16.43 33.71
CA HIS B 986 31.51 -16.95 33.19
C HIS B 986 31.37 -18.44 33.45
N VAL B 987 32.44 -19.22 33.27
CA VAL B 987 32.34 -20.64 33.57
C VAL B 987 32.17 -20.87 35.06
N SER B 988 32.73 -19.99 35.90
CA SER B 988 32.51 -20.11 37.33
C SER B 988 31.05 -19.89 37.68
N ALA B 989 30.42 -18.88 37.08
CA ALA B 989 29.00 -18.65 37.33
C ALA B 989 28.16 -19.83 36.84
N LEU B 990 28.48 -20.34 35.64
CA LEU B 990 27.74 -21.47 35.10
C LEU B 990 27.89 -22.70 35.98
N ALA B 991 29.10 -22.97 36.45
CA ALA B 991 29.33 -24.10 37.35
C ALA B 991 28.60 -23.91 38.67
N SER B 992 28.54 -22.68 39.17
CA SER B 992 27.77 -22.40 40.37
C SER B 992 26.31 -22.78 40.18
N ASN B 993 25.70 -22.30 39.09
CA ASN B 993 24.28 -22.61 38.87
C ASN B 993 24.06 -24.11 38.65
N TYR B 994 24.97 -24.77 37.91
CA TYR B 994 24.83 -26.19 37.68
C TYR B 994 24.95 -26.98 38.99
N TRP B 995 25.87 -26.57 39.86
CA TRP B 995 26.03 -27.25 41.13
C TRP B 995 24.81 -27.04 42.02
N LEU B 996 24.23 -25.84 42.00
CA LEU B 996 23.02 -25.61 42.78
C LEU B 996 21.87 -26.49 42.26
N SER B 997 21.74 -26.60 40.93
CA SER B 997 20.69 -27.45 40.36
C SER B 997 20.91 -28.91 40.73
N LEU B 998 22.16 -29.38 40.69
CA LEU B 998 22.45 -30.75 41.09
C LEU B 998 22.15 -30.98 42.57
N TRP B 999 22.47 -29.99 43.41
CA TRP B 999 22.25 -30.12 44.85
C TRP B 999 20.77 -30.15 45.19
N THR B 1000 19.96 -29.35 44.48
CA THR B 1000 18.55 -29.24 44.84
C THR B 1000 17.75 -30.51 44.58
N ASP B 1001 18.32 -31.48 43.87
CA ASP B 1001 17.60 -32.72 43.54
C ASP B 1001 18.16 -33.93 44.29
N ASP B 1002 18.70 -33.71 45.48
CA ASP B 1002 19.20 -34.84 46.26
C ASP B 1002 18.04 -35.61 46.90
N PRO B 1003 18.18 -36.92 47.04
CA PRO B 1003 17.12 -37.71 47.68
C PRO B 1003 17.00 -37.38 49.16
N ILE B 1004 15.80 -37.55 49.69
CA ILE B 1004 15.50 -37.29 51.09
C ILE B 1004 15.37 -38.61 51.82
N VAL B 1005 16.24 -38.82 52.81
CA VAL B 1005 16.23 -40.03 53.63
C VAL B 1005 16.43 -39.63 55.08
N ASN B 1006 15.55 -40.12 55.96
CA ASN B 1006 15.65 -39.88 57.40
C ASN B 1006 15.69 -38.39 57.72
N GLY B 1007 14.86 -37.61 57.02
CA GLY B 1007 14.78 -36.18 57.26
C GLY B 1007 15.77 -35.37 56.46
N THR B 1008 17.06 -35.61 56.64
CA THR B 1008 18.08 -34.88 55.92
C THR B 1008 18.22 -35.43 54.49
N GLN B 1009 19.12 -34.83 53.72
CA GLN B 1009 19.35 -35.21 52.33
C GLN B 1009 20.84 -35.53 52.17
N GLU B 1010 21.21 -36.78 52.48
CA GLU B 1010 22.57 -37.27 52.32
C GLU B 1010 23.59 -36.35 53.00
N HIS B 1011 24.41 -35.67 52.20
CA HIS B 1011 25.44 -34.76 52.69
C HIS B 1011 25.05 -33.32 52.35
N THR B 1012 25.15 -32.44 53.33
CA THR B 1012 24.83 -31.02 53.14
C THR B 1012 25.95 -30.13 53.65
N LYS B 1013 27.18 -30.63 53.64
CA LYS B 1013 28.34 -29.87 54.08
C LYS B 1013 29.36 -29.61 52.98
N VAL B 1014 29.66 -30.62 52.16
CA VAL B 1014 30.62 -30.43 51.08
C VAL B 1014 30.09 -29.46 50.04
N ARG B 1015 28.79 -29.48 49.78
CA ARG B 1015 28.20 -28.60 48.78
C ARG B 1015 28.43 -27.14 49.14
N LEU B 1016 28.20 -26.78 50.40
CA LEU B 1016 28.44 -25.41 50.84
C LEU B 1016 29.92 -25.05 50.71
N SER B 1017 30.81 -26.00 51.01
CA SER B 1017 32.24 -25.74 50.93
C SER B 1017 32.66 -25.42 49.51
N VAL B 1018 32.25 -26.25 48.55
CA VAL B 1018 32.64 -26.01 47.16
C VAL B 1018 31.96 -24.76 46.63
N TYR B 1019 30.72 -24.50 47.05
CA TYR B 1019 30.03 -23.29 46.65
C TYR B 1019 30.81 -22.06 47.10
N GLY B 1020 31.23 -22.03 48.36
CA GLY B 1020 31.99 -20.90 48.86
C GLY B 1020 33.35 -20.77 48.20
N ALA B 1021 34.01 -21.89 47.94
CA ALA B 1021 35.32 -21.84 47.28
C ALA B 1021 35.19 -21.25 45.88
N LEU B 1022 34.19 -21.69 45.12
CA LEU B 1022 34.01 -21.16 43.77
C LEU B 1022 33.59 -19.70 43.81
N GLY B 1023 32.78 -19.31 44.80
CA GLY B 1023 32.42 -17.91 44.95
C GLY B 1023 33.62 -17.03 45.24
N ILE B 1024 34.52 -17.51 46.10
CA ILE B 1024 35.74 -16.76 46.40
C ILE B 1024 36.61 -16.67 45.15
N SER B 1025 36.69 -17.75 44.38
CA SER B 1025 37.46 -17.72 43.13
C SER B 1025 36.89 -16.69 42.16
N GLN B 1026 35.57 -16.65 42.02
CA GLN B 1026 34.95 -15.66 41.13
C GLN B 1026 35.18 -14.25 41.64
N GLY B 1027 35.09 -14.04 42.96
CA GLY B 1027 35.35 -12.73 43.53
C GLY B 1027 36.79 -12.27 43.35
N ILE B 1028 37.72 -13.22 43.34
CA ILE B 1028 39.11 -12.88 43.05
C ILE B 1028 39.26 -12.53 41.57
N ALA B 1029 38.63 -13.31 40.69
CA ALA B 1029 38.78 -13.10 39.25
C ALA B 1029 38.19 -11.78 38.80
N VAL B 1030 37.06 -11.38 39.39
CA VAL B 1030 36.43 -10.13 38.97
C VAL B 1030 37.33 -8.94 39.30
N PHE B 1031 37.91 -8.94 40.51
CA PHE B 1031 38.84 -7.87 40.86
C PHE B 1031 40.12 -7.96 40.04
N GLY B 1032 40.55 -9.17 39.68
CA GLY B 1032 41.72 -9.30 38.83
C GLY B 1032 41.52 -8.64 37.47
N TYR B 1033 40.40 -8.94 36.82
CA TYR B 1033 40.17 -8.29 35.53
C TYR B 1033 39.81 -6.82 35.68
N SER B 1034 39.27 -6.42 36.84
CA SER B 1034 39.08 -5.00 37.12
C SER B 1034 40.42 -4.27 37.09
N MET B 1035 41.40 -4.80 37.83
CA MET B 1035 42.73 -4.20 37.84
C MET B 1035 43.38 -4.27 36.46
N ALA B 1036 43.18 -5.37 35.74
CA ALA B 1036 43.76 -5.50 34.41
C ALA B 1036 43.22 -4.43 33.46
N VAL B 1037 41.90 -4.24 33.44
CA VAL B 1037 41.31 -3.25 32.55
C VAL B 1037 41.63 -1.84 33.01
N SER B 1038 41.77 -1.62 34.32
CA SER B 1038 42.16 -0.30 34.81
C SER B 1038 43.58 0.04 34.39
N ILE B 1039 44.50 -0.92 34.49
CA ILE B 1039 45.88 -0.66 34.07
C ILE B 1039 45.96 -0.48 32.56
N GLY B 1040 45.26 -1.33 31.80
CA GLY B 1040 45.31 -1.22 30.35
C GLY B 1040 44.70 0.08 29.85
N GLY B 1041 43.59 0.50 30.44
CA GLY B 1041 42.92 1.71 30.03
C GLY B 1041 43.65 2.97 30.46
N PRO B 1088 35.94 3.02 27.57
CA PRO B 1088 36.33 1.84 28.34
C PRO B 1088 35.13 1.07 28.86
N GLU B 1089 34.19 1.77 29.50
CA GLU B 1089 33.00 1.11 30.04
C GLU B 1089 32.10 0.59 28.94
N VAL B 1090 32.11 1.24 27.77
CA VAL B 1090 31.25 0.80 26.67
C VAL B 1090 31.62 -0.62 26.24
N ILE B 1091 32.91 -0.86 26.02
CA ILE B 1091 33.36 -2.20 25.64
C ILE B 1091 33.12 -3.18 26.78
N LYS B 1092 33.30 -2.72 28.02
CA LYS B 1092 32.99 -3.53 29.19
C LYS B 1092 31.58 -4.10 29.13
N MET B 1093 30.58 -3.21 29.08
CA MET B 1093 29.20 -3.68 29.08
C MET B 1093 28.85 -4.42 27.80
N PHE B 1094 29.43 -4.03 26.66
CA PHE B 1094 29.17 -4.74 25.40
C PHE B 1094 29.60 -6.20 25.51
N MET B 1095 30.85 -6.44 25.92
CA MET B 1095 31.34 -7.80 26.07
C MET B 1095 30.55 -8.56 27.13
N GLY B 1096 30.22 -7.89 28.25
CA GLY B 1096 29.46 -8.57 29.28
C GLY B 1096 28.11 -9.04 28.79
N SER B 1097 27.36 -8.16 28.11
CA SER B 1097 26.04 -8.52 27.60
C SER B 1097 26.14 -9.62 26.54
N LEU B 1098 27.13 -9.52 25.65
CA LEU B 1098 27.28 -10.53 24.61
C LEU B 1098 27.56 -11.90 25.21
N PHE B 1099 28.49 -11.96 26.16
CA PHE B 1099 28.82 -13.23 26.78
C PHE B 1099 27.65 -13.77 27.60
N ASN B 1100 26.92 -12.88 28.28
CA ASN B 1100 25.77 -13.34 29.07
C ASN B 1100 24.67 -13.92 28.18
N VAL B 1101 24.38 -13.27 27.05
CA VAL B 1101 23.34 -13.80 26.18
C VAL B 1101 23.81 -15.10 25.51
N ILE B 1102 25.11 -15.21 25.22
CA ILE B 1102 25.64 -16.48 24.71
C ILE B 1102 25.44 -17.59 25.75
N GLY B 1103 25.73 -17.30 27.02
CA GLY B 1103 25.49 -18.29 28.06
C GLY B 1103 24.03 -18.66 28.21
N ALA B 1104 23.14 -17.66 28.12
CA ALA B 1104 21.72 -17.93 28.22
C ALA B 1104 21.26 -18.86 27.09
N CYS B 1105 21.78 -18.64 25.88
CA CYS B 1105 21.45 -19.55 24.78
C CYS B 1105 22.03 -20.95 25.00
N ILE B 1106 23.28 -21.05 25.45
CA ILE B 1106 23.90 -22.36 25.57
C ILE B 1106 23.24 -23.18 26.68
N VAL B 1107 22.72 -22.53 27.73
CA VAL B 1107 22.04 -23.28 28.78
C VAL B 1107 20.80 -23.95 28.23
N ILE B 1108 19.99 -23.22 27.48
CA ILE B 1108 18.78 -23.80 26.89
C ILE B 1108 19.15 -24.88 25.89
N LEU B 1109 20.25 -24.69 25.15
CA LEU B 1109 20.69 -25.72 24.22
C LEU B 1109 21.06 -27.00 24.96
N LEU B 1110 21.75 -26.87 26.09
CA LEU B 1110 22.18 -28.04 26.85
C LEU B 1110 20.98 -28.75 27.49
N ALA B 1111 20.01 -27.99 28.00
CA ALA B 1111 18.86 -28.60 28.65
C ALA B 1111 18.05 -29.45 27.67
N THR B 1112 17.85 -28.95 26.45
CA THR B 1112 17.13 -29.68 25.43
C THR B 1112 17.81 -29.50 24.08
N PRO B 1113 18.21 -30.58 23.40
CA PRO B 1113 18.90 -30.45 22.11
C PRO B 1113 18.00 -30.14 20.94
N ILE B 1114 16.71 -29.86 21.16
CA ILE B 1114 15.81 -29.53 20.06
C ILE B 1114 15.57 -28.02 19.95
N ALA B 1115 15.97 -27.24 20.94
CA ALA B 1115 15.76 -25.79 20.88
C ALA B 1115 16.58 -25.14 19.76
N ALA B 1116 17.61 -25.82 19.26
CA ALA B 1116 18.45 -25.26 18.22
C ALA B 1116 17.68 -24.91 16.95
N ILE B 1117 16.45 -25.38 16.81
CA ILE B 1117 15.63 -24.96 15.67
C ILE B 1117 15.33 -23.47 15.73
N ILE B 1118 15.05 -22.95 16.92
CA ILE B 1118 14.52 -21.59 17.04
C ILE B 1118 15.58 -20.52 17.22
N ILE B 1119 16.83 -20.89 17.47
CA ILE B 1119 17.89 -19.90 17.67
C ILE B 1119 18.15 -19.09 16.40
N PRO B 1120 18.29 -19.69 15.21
CA PRO B 1120 18.58 -18.88 14.01
C PRO B 1120 17.50 -17.84 13.71
N PRO B 1121 16.21 -18.23 13.60
CA PRO B 1121 15.22 -17.22 13.23
C PRO B 1121 15.08 -16.09 14.23
N LEU B 1122 15.27 -16.36 15.53
CA LEU B 1122 15.24 -15.29 16.52
C LEU B 1122 16.55 -14.53 16.60
N GLY B 1123 17.61 -15.04 15.98
CA GLY B 1123 18.86 -14.34 15.91
C GLY B 1123 18.98 -13.36 14.77
N LEU B 1124 17.94 -13.25 13.96
CA LEU B 1124 17.90 -12.30 12.84
C LEU B 1124 16.89 -11.19 13.04
N ILE B 1125 15.68 -11.52 13.50
CA ILE B 1125 14.65 -10.49 13.70
C ILE B 1125 15.15 -9.41 14.65
N TYR B 1126 15.86 -9.81 15.71
CA TYR B 1126 16.44 -8.83 16.61
C TYR B 1126 17.50 -8.00 15.91
N PHE B 1127 18.34 -8.65 15.08
CA PHE B 1127 19.47 -7.94 14.48
C PHE B 1127 19.01 -6.76 13.63
N PHE B 1128 18.06 -7.01 12.73
CA PHE B 1128 17.54 -5.93 11.89
C PHE B 1128 16.89 -4.83 12.71
N VAL B 1129 16.51 -5.11 13.95
CA VAL B 1129 15.96 -4.05 14.80
C VAL B 1129 17.07 -3.19 15.38
N GLN B 1130 18.23 -3.78 15.67
CA GLN B 1130 19.29 -3.01 16.32
C GLN B 1130 20.05 -2.11 15.36
N ARG B 1131 19.85 -2.27 14.05
CA ARG B 1131 20.58 -1.44 13.08
C ARG B 1131 19.73 -0.32 12.50
N PHE B 1132 18.43 -0.55 12.27
CA PHE B 1132 17.57 0.54 11.82
C PHE B 1132 17.46 1.64 12.87
N TYR B 1133 17.33 1.24 14.14
CA TYR B 1133 17.11 2.22 15.20
C TYR B 1133 18.33 3.09 15.44
N VAL B 1134 19.52 2.50 15.39
CA VAL B 1134 20.74 3.28 15.66
C VAL B 1134 20.97 4.32 14.57
N ALA B 1135 20.65 3.99 13.32
CA ALA B 1135 20.86 4.90 12.21
C ALA B 1135 19.69 5.86 11.98
N SER B 1136 18.62 5.77 12.77
CA SER B 1136 17.50 6.68 12.64
C SER B 1136 17.21 7.49 13.89
N SER B 1137 17.64 7.04 15.07
CA SER B 1137 17.51 7.82 16.29
C SER B 1137 18.77 8.59 16.63
N ARG B 1138 19.77 8.57 15.75
CA ARG B 1138 20.94 9.41 15.92
C ARG B 1138 20.87 10.69 15.09
N GLN B 1139 20.01 10.73 14.08
CA GLN B 1139 19.81 11.94 13.30
C GLN B 1139 18.65 12.79 13.80
N LEU B 1140 17.74 12.22 14.57
CA LEU B 1140 16.65 12.97 15.16
C LEU B 1140 16.99 13.50 16.55
N LYS B 1141 18.15 13.14 17.09
CA LYS B 1141 18.62 13.68 18.36
C LYS B 1141 19.57 14.86 18.17
N ARG B 1142 19.79 15.29 16.93
CA ARG B 1142 20.62 16.46 16.66
C ARG B 1142 19.83 17.69 16.25
N LEU B 1143 18.62 17.51 15.70
CA LEU B 1143 17.82 18.65 15.29
C LEU B 1143 17.39 19.50 16.49
N GLU B 1144 17.18 18.88 17.65
CA GLU B 1144 16.78 19.63 18.82
C GLU B 1144 17.86 20.60 19.27
N SER B 1145 19.12 20.17 19.22
CA SER B 1145 20.21 21.07 19.59
C SER B 1145 20.29 22.25 18.63
N VAL B 1146 19.90 22.06 17.37
CA VAL B 1146 19.86 23.16 16.43
C VAL B 1146 18.71 24.11 16.76
N SER B 1147 17.54 23.56 17.07
CA SER B 1147 16.34 24.37 17.23
C SER B 1147 16.15 24.94 18.63
N ARG B 1148 17.01 24.59 19.59
CA ARG B 1148 16.81 25.05 20.96
C ARG B 1148 17.12 26.54 21.13
N SER B 1149 18.22 27.01 20.55
CA SER B 1149 18.69 28.38 20.82
C SER B 1149 17.71 29.50 20.42
N PRO B 1150 17.03 29.45 19.27
CA PRO B 1150 16.29 30.63 18.81
C PRO B 1150 15.28 31.20 19.79
N VAL B 1151 14.56 30.36 20.53
CA VAL B 1151 13.54 30.89 21.44
C VAL B 1151 14.19 31.72 22.55
N TYR B 1152 15.28 31.20 23.13
CA TYR B 1152 15.98 31.95 24.17
C TYR B 1152 16.55 33.25 23.61
N SER B 1153 17.16 33.19 22.43
CA SER B 1153 17.73 34.41 21.85
C SER B 1153 16.65 35.46 21.60
N HIS B 1154 15.51 35.03 21.05
CA HIS B 1154 14.42 35.96 20.77
C HIS B 1154 13.86 36.57 22.04
N PHE B 1155 13.71 35.76 23.09
CA PHE B 1155 13.21 36.31 24.35
C PHE B 1155 14.19 37.32 24.94
N ASN B 1156 15.49 37.03 24.87
CA ASN B 1156 16.47 38.00 25.37
C ASN B 1156 16.39 39.31 24.58
N GLU B 1157 16.27 39.22 23.26
CA GLU B 1157 16.20 40.43 22.44
C GLU B 1157 14.95 41.24 22.78
N THR B 1158 13.80 40.58 22.92
CA THR B 1158 12.57 41.29 23.26
C THR B 1158 12.69 41.95 24.64
N LEU B 1159 13.26 41.24 25.60
CA LEU B 1159 13.41 41.82 26.94
C LEU B 1159 14.34 43.02 26.93
N LEU B 1160 15.36 43.00 26.08
CA LEU B 1160 16.25 44.15 26.00
C LEU B 1160 15.64 45.33 25.24
N GLY B 1161 14.76 45.07 24.27
CA GLY B 1161 14.16 46.14 23.49
C GLY B 1161 12.74 46.52 23.84
N VAL B 1162 12.19 46.03 24.96
CA VAL B 1162 10.79 46.30 25.31
C VAL B 1162 10.51 47.80 25.38
N SER B 1163 11.47 48.60 25.85
CA SER B 1163 11.23 50.02 26.08
C SER B 1163 10.87 50.73 24.78
N VAL B 1164 11.56 50.39 23.70
CA VAL B 1164 11.27 51.01 22.41
C VAL B 1164 10.11 50.28 21.72
N ILE B 1165 9.95 48.98 21.97
CA ILE B 1165 8.92 48.25 21.26
C ILE B 1165 7.54 48.68 21.71
N ARG B 1166 7.38 49.08 22.97
CA ARG B 1166 6.06 49.46 23.43
C ARG B 1166 5.63 50.84 22.95
N ALA B 1167 6.58 51.73 22.63
CA ALA B 1167 6.21 53.09 22.23
C ALA B 1167 5.52 53.09 20.87
N PHE B 1168 5.97 52.25 19.94
CA PHE B 1168 5.43 52.24 18.59
C PHE B 1168 4.06 51.59 18.48
N GLU B 1169 3.54 51.05 19.58
CA GLU B 1169 2.29 50.29 19.57
C GLU B 1169 2.38 49.13 18.59
N GLU B 1170 3.49 48.41 18.64
CA GLU B 1170 3.69 47.19 17.86
C GLU B 1170 4.14 46.11 18.83
N GLN B 1171 3.17 45.45 19.47
CA GLN B 1171 3.47 44.39 20.42
C GLN B 1171 2.69 43.12 20.15
N GLU B 1172 1.83 43.08 19.13
CA GLU B 1172 1.17 41.84 18.77
C GLU B 1172 1.98 41.03 17.78
N ARG B 1173 2.67 41.70 16.85
CA ARG B 1173 3.49 41.00 15.88
C ARG B 1173 4.59 40.20 16.57
N PHE B 1174 5.20 40.76 17.61
CA PHE B 1174 6.25 40.03 18.31
C PHE B 1174 5.69 38.85 19.08
N ILE B 1175 4.49 38.97 19.65
CA ILE B 1175 3.85 37.83 20.29
C ILE B 1175 3.63 36.71 19.29
N HIS B 1176 3.18 37.07 18.09
CA HIS B 1176 3.02 36.05 17.05
C HIS B 1176 4.37 35.47 16.64
N GLN B 1177 5.42 36.30 16.60
CA GLN B 1177 6.73 35.83 16.16
C GLN B 1177 7.31 34.81 17.14
N SER B 1178 7.24 35.09 18.44
CA SER B 1178 7.78 34.16 19.41
C SER B 1178 6.95 32.89 19.55
N ASP B 1179 5.76 32.86 18.94
CA ASP B 1179 4.96 31.66 18.89
C ASP B 1179 5.47 30.67 17.83
N LEU B 1180 5.96 31.17 16.69
CA LEU B 1180 6.35 30.31 15.59
C LEU B 1180 7.71 29.65 15.78
N LYS B 1181 8.44 29.98 16.83
CA LYS B 1181 9.71 29.34 17.12
C LYS B 1181 9.59 28.23 18.17
N VAL B 1182 8.72 28.41 19.16
CA VAL B 1182 8.44 27.31 20.09
C VAL B 1182 7.78 26.16 19.36
N ASP B 1183 6.84 26.47 18.46
CA ASP B 1183 6.17 25.42 17.69
C ASP B 1183 7.14 24.64 16.81
N GLU B 1184 8.24 25.26 16.40
CA GLU B 1184 9.23 24.56 15.59
C GLU B 1184 10.13 23.66 16.43
N ASN B 1185 10.13 23.82 17.76
CA ASN B 1185 10.87 22.93 18.65
C ASN B 1185 10.02 21.78 19.18
N GLN B 1186 8.74 21.73 18.81
CA GLN B 1186 7.85 20.66 19.23
C GLN B 1186 7.36 19.84 18.04
N LYS B 1187 7.91 20.07 16.85
CA LYS B 1187 7.62 19.24 15.69
C LYS B 1187 8.71 18.22 15.42
N ALA B 1188 9.96 18.56 15.73
CA ALA B 1188 11.08 17.63 15.65
C ALA B 1188 11.38 16.94 16.97
N TYR B 1189 10.58 17.20 18.00
CA TYR B 1189 10.75 16.58 19.30
C TYR B 1189 9.69 15.54 19.63
N TYR B 1190 8.47 15.71 19.13
CA TYR B 1190 7.42 14.72 19.35
C TYR B 1190 7.76 13.35 18.77
N PRO B 1191 8.26 13.21 17.54
CA PRO B 1191 8.62 11.89 17.04
C PRO B 1191 10.00 11.41 17.45
N SER B 1192 10.69 12.10 18.36
CA SER B 1192 11.95 11.61 18.89
C SER B 1192 11.77 10.75 20.14
N ILE B 1193 10.56 10.64 20.66
CA ILE B 1193 10.28 9.74 21.78
C ILE B 1193 9.40 8.56 21.36
N VAL B 1194 8.58 8.69 20.32
CA VAL B 1194 7.84 7.53 19.83
C VAL B 1194 8.79 6.49 19.27
N ALA B 1195 9.89 6.93 18.63
CA ALA B 1195 10.92 6.01 18.19
C ALA B 1195 11.63 5.34 19.36
N ASN B 1196 11.28 5.70 20.59
CA ASN B 1196 11.73 4.96 21.76
C ASN B 1196 10.67 3.98 22.25
N ARG B 1197 9.39 4.29 22.02
CA ARG B 1197 8.33 3.34 22.34
C ARG B 1197 8.14 2.32 21.23
N TRP B 1198 8.85 2.48 20.11
CA TRP B 1198 8.81 1.46 19.07
C TRP B 1198 9.73 0.30 19.42
N LEU B 1199 11.03 0.56 19.49
CA LEU B 1199 12.00 -0.51 19.73
C LEU B 1199 11.69 -1.28 20.99
N ALA B 1200 11.35 -0.58 22.08
CA ALA B 1200 11.09 -1.26 23.34
C ALA B 1200 9.96 -2.29 23.20
N VAL B 1201 8.94 -1.97 22.40
CA VAL B 1201 7.88 -2.95 22.17
C VAL B 1201 8.39 -4.08 21.30
N ARG B 1202 9.20 -3.75 20.28
CA ARG B 1202 9.67 -4.76 19.35
C ARG B 1202 10.71 -5.69 19.95
N LEU B 1203 11.32 -5.29 21.08
CA LEU B 1203 12.37 -6.07 21.72
C LEU B 1203 11.87 -6.82 22.95
N GLU B 1204 10.57 -6.81 23.21
CA GLU B 1204 10.00 -7.59 24.31
C GLU B 1204 9.20 -8.79 23.84
N CYS B 1205 8.67 -8.77 22.61
CA CYS B 1205 8.04 -9.96 22.06
C CYS B 1205 9.08 -11.03 21.78
N VAL B 1206 10.29 -10.63 21.37
CA VAL B 1206 11.38 -11.59 21.22
C VAL B 1206 11.73 -12.21 22.56
N GLY B 1207 11.79 -11.39 23.61
CA GLY B 1207 12.08 -11.93 24.93
C GLY B 1207 11.01 -12.86 25.47
N ASN B 1208 9.75 -12.57 25.16
CA ASN B 1208 8.64 -13.39 25.63
C ASN B 1208 8.30 -14.54 24.69
N CYS B 1209 8.97 -14.65 23.54
CA CYS B 1209 8.80 -15.79 22.65
C CYS B 1209 9.83 -16.88 22.88
N ILE B 1210 10.68 -16.74 23.90
CA ILE B 1210 11.61 -17.79 24.28
C ILE B 1210 11.12 -18.57 25.48
N VAL B 1211 10.42 -17.90 26.40
CA VAL B 1211 9.85 -18.60 27.56
C VAL B 1211 8.86 -19.66 27.11
N LEU B 1212 7.99 -19.32 26.16
CA LEU B 1212 6.99 -20.26 25.68
C LEU B 1212 7.64 -21.48 25.06
N PHE B 1213 8.65 -21.28 24.22
CA PHE B 1213 9.30 -22.39 23.54
C PHE B 1213 10.31 -23.13 24.40
N ALA B 1214 10.71 -22.57 25.54
CA ALA B 1214 11.52 -23.30 26.49
C ALA B 1214 10.68 -24.05 27.53
N ALA B 1215 9.42 -23.68 27.68
CA ALA B 1215 8.52 -24.46 28.52
C ALA B 1215 7.82 -25.58 27.75
N LEU B 1216 7.39 -25.29 26.52
CA LEU B 1216 6.72 -26.31 25.72
C LEU B 1216 7.65 -27.47 25.39
N PHE B 1217 8.90 -27.17 25.02
CA PHE B 1217 9.85 -28.22 24.69
C PHE B 1217 10.37 -28.96 25.92
N ALA B 1218 10.06 -28.46 27.12
CA ALA B 1218 10.43 -29.16 28.34
C ALA B 1218 9.28 -29.96 28.94
N VAL B 1219 8.03 -29.60 28.63
CA VAL B 1219 6.90 -30.38 29.13
C VAL B 1219 6.72 -31.67 28.32
N ILE B 1220 7.12 -31.67 27.04
CA ILE B 1220 6.93 -32.85 26.20
C ILE B 1220 7.73 -34.04 26.72
N SER B 1221 8.92 -33.78 27.27
CA SER B 1221 9.82 -34.86 27.66
C SER B 1221 9.99 -34.92 29.18
N ARG B 1222 8.86 -34.82 29.90
CA ARG B 1222 8.91 -34.86 31.36
C ARG B 1222 9.38 -36.20 31.91
N HIS B 1223 9.36 -37.26 31.10
CA HIS B 1223 9.72 -38.58 31.58
C HIS B 1223 11.23 -38.79 31.70
N SER B 1224 12.04 -37.84 31.21
CA SER B 1224 13.49 -37.98 31.26
C SER B 1224 14.21 -36.77 31.84
N LEU B 1225 13.48 -35.75 32.28
CA LEU B 1225 14.08 -34.54 32.83
C LEU B 1225 13.78 -34.45 34.31
N SER B 1226 14.82 -34.17 35.10
CA SER B 1226 14.64 -33.96 36.52
C SER B 1226 14.09 -32.55 36.77
N ALA B 1227 13.81 -32.25 38.04
CA ALA B 1227 13.25 -30.94 38.36
C ALA B 1227 14.28 -29.83 38.17
N GLY B 1228 15.54 -30.10 38.49
CA GLY B 1228 16.56 -29.07 38.45
C GLY B 1228 16.78 -28.51 37.05
N LEU B 1229 16.84 -29.39 36.05
CA LEU B 1229 17.08 -28.93 34.68
C LEU B 1229 15.93 -28.06 34.17
N VAL B 1230 14.70 -28.47 34.45
CA VAL B 1230 13.55 -27.65 34.05
C VAL B 1230 13.58 -26.31 34.77
N GLY B 1231 13.89 -26.33 36.06
CA GLY B 1231 13.96 -25.07 36.80
C GLY B 1231 14.99 -24.12 36.22
N LEU B 1232 16.20 -24.64 35.94
CA LEU B 1232 17.25 -23.81 35.36
C LEU B 1232 16.84 -23.27 33.99
N SER B 1233 16.28 -24.13 33.15
CA SER B 1233 15.90 -23.71 31.81
C SER B 1233 14.84 -22.62 31.84
N VAL B 1234 13.84 -22.77 32.71
CA VAL B 1234 12.79 -21.74 32.77
C VAL B 1234 13.32 -20.46 33.40
N SER B 1235 14.15 -20.56 34.43
CA SER B 1235 14.65 -19.36 35.09
C SER B 1235 15.54 -18.54 34.16
N TYR B 1236 16.40 -19.19 33.38
CA TYR B 1236 17.29 -18.43 32.50
C TYR B 1236 16.56 -17.81 31.31
N SER B 1237 15.30 -18.16 31.08
CA SER B 1237 14.56 -17.53 29.98
C SER B 1237 13.90 -16.22 30.39
N LEU B 1238 13.73 -15.97 31.69
CA LEU B 1238 13.15 -14.70 32.13
C LEU B 1238 14.16 -13.56 32.06
N GLN B 1239 15.43 -13.85 32.35
CA GLN B 1239 16.46 -12.83 32.41
C GLN B 1239 17.11 -12.55 31.06
N VAL B 1240 16.40 -12.82 29.96
CA VAL B 1240 16.97 -12.55 28.64
C VAL B 1240 16.51 -11.21 28.08
N THR B 1241 15.28 -10.79 28.39
CA THR B 1241 14.78 -9.53 27.84
C THR B 1241 15.56 -8.34 28.40
N THR B 1242 15.86 -8.36 29.69
CA THR B 1242 16.60 -7.25 30.31
C THR B 1242 17.98 -7.12 29.69
N TYR B 1243 18.69 -8.22 29.55
CA TYR B 1243 20.05 -8.18 29.02
C TYR B 1243 20.08 -7.98 27.51
N LEU B 1244 18.98 -8.27 26.82
CA LEU B 1244 18.90 -7.92 25.41
C LEU B 1244 18.62 -6.44 25.22
N ASN B 1245 17.79 -5.86 26.09
CA ASN B 1245 17.48 -4.45 25.99
C ASN B 1245 18.64 -3.58 26.45
N TRP B 1246 19.42 -4.05 27.40
CA TRP B 1246 20.57 -3.28 27.89
C TRP B 1246 21.60 -3.06 26.80
N LEU B 1247 21.84 -4.08 25.97
CA LEU B 1247 22.92 -4.01 24.98
C LEU B 1247 22.61 -3.03 23.87
N VAL B 1248 21.35 -2.98 23.41
CA VAL B 1248 21.01 -2.15 22.26
C VAL B 1248 21.11 -0.67 22.61
N ARG B 1249 20.54 -0.27 23.76
CA ARG B 1249 20.47 1.15 24.09
C ARG B 1249 21.83 1.69 24.54
N MET B 1250 22.38 1.12 25.61
CA MET B 1250 23.66 1.56 26.14
C MET B 1250 24.78 0.69 25.59
N SER B 1251 25.98 1.28 25.53
CA SER B 1251 27.21 0.62 25.08
C SER B 1251 27.17 0.23 23.61
N SER B 1252 26.12 0.59 22.89
CA SER B 1252 26.06 0.37 21.44
C SER B 1252 25.97 1.68 20.67
N GLU B 1253 25.04 2.57 21.04
CA GLU B 1253 24.96 3.86 20.38
C GLU B 1253 26.10 4.78 20.80
N MET B 1254 26.60 4.63 22.03
CA MET B 1254 27.74 5.44 22.48
C MET B 1254 28.96 5.20 21.60
N GLU B 1255 29.24 3.95 21.25
CA GLU B 1255 30.39 3.62 20.43
C GLU B 1255 30.06 3.75 18.95
CAA Y01 C . -29.73 -22.98 6.96
CBA Y01 C . -28.96 -22.67 5.69
CAB Y01 C . -28.09 -23.85 5.29
CAN Y01 C . -28.09 -21.40 5.82
CAJ Y01 C . -28.86 -20.11 6.10
CAO Y01 C . -27.97 -18.88 5.97
CBB Y01 C . -28.16 -18.04 4.70
CAC Y01 C . -29.64 -18.04 4.31
CBE Y01 C . -27.56 -16.65 4.91
CAP Y01 C . -26.10 -16.76 5.45
CAQ Y01 C . -25.31 -15.56 4.92
CBG Y01 C . -26.42 -14.66 4.38
CBI Y01 C . -27.41 -15.65 3.73
CAE Y01 C . -26.79 -16.36 2.52
CAU Y01 C . -28.64 -14.83 3.35
CAS Y01 C . -28.29 -13.63 2.46
CBF Y01 C . -27.27 -12.69 3.10
CBD Y01 C . -26.01 -13.46 3.53
CAK Y01 C . -25.10 -12.53 4.35
CAI Y01 C . -25.03 -11.15 3.80
CAZ Y01 C . -25.76 -10.71 2.78
CAV Y01 C . -25.49 -9.33 2.22
CBH Y01 C . -26.94 -11.46 2.22
CAD Y01 C . -26.63 -11.86 0.77
CAT Y01 C . -28.16 -10.51 2.25
CAR Y01 C . -27.90 -9.17 1.58
CBC Y01 C . -26.74 -8.46 2.25
OAW Y01 C . -26.52 -7.23 1.55
CAY Y01 C . -27.53 -6.37 1.40
OAG Y01 C . -28.25 -6.02 2.31
CAM Y01 C . -27.65 -5.91 -0.03
CAL Y01 C . -27.25 -4.47 -0.24
CAX Y01 C . -25.74 -4.19 -0.14
OAH Y01 C . -25.39 -3.01 -0.29
OAF Y01 C . -24.98 -5.17 0.08
CAA Y01 D . 23.74 -22.26 18.78
CBA Y01 D . 23.72 -23.23 17.61
CAB Y01 D . 25.08 -23.92 17.47
CAN Y01 D . 23.36 -22.52 16.31
CAJ Y01 D . 24.29 -21.38 15.92
CAO Y01 D . 23.74 -20.56 14.74
CBB Y01 D . 24.60 -19.36 14.34
CAC Y01 D . 26.02 -19.82 14.03
CBE Y01 D . 23.95 -18.59 13.18
CAP Y01 D . 22.42 -18.79 13.08
CAQ Y01 D . 21.86 -17.56 12.32
CBG Y01 D . 23.13 -16.82 11.92
CBI Y01 D . 24.08 -17.04 13.11
CAE Y01 D . 23.55 -16.41 14.40
CAU Y01 D . 25.45 -16.49 12.72
CAS Y01 D . 25.35 -15.03 12.29
CBF Y01 D . 24.38 -14.81 11.13
CBD Y01 D . 22.99 -15.38 11.43
CAK Y01 D . 22.14 -15.35 10.16
CAI Y01 D . 22.34 -14.12 9.35
CAZ Y01 D . 23.23 -13.18 9.61
CAV Y01 D . 23.22 -11.88 8.85
CBH Y01 D . 24.29 -13.32 10.68
CAD Y01 D . 23.95 -12.39 11.85
CAT Y01 D . 25.65 -12.92 10.08
CAR Y01 D . 25.63 -11.56 9.40
CBC Y01 D . 24.59 -11.53 8.31
OAW Y01 D . 24.59 -10.19 7.77
CAY Y01 D . 25.29 -9.92 6.67
OAG Y01 D . 26.40 -10.34 6.47
CAM Y01 D . 24.50 -9.04 5.75
CAL Y01 D . 24.29 -7.64 6.28
CAX Y01 D . 25.54 -6.75 6.18
OAH Y01 D . 25.48 -5.84 5.33
OAF Y01 D . 26.49 -7.00 6.94
#